data_8RV2
#
_entry.id   8RV2
#
_cell.length_a   1.00
_cell.length_b   1.00
_cell.length_c   1.00
_cell.angle_alpha   90.00
_cell.angle_beta   90.00
_cell.angle_gamma   90.00
#
_symmetry.space_group_name_H-M   'P 1'
#
loop_
_entity.id
_entity.type
_entity.pdbx_description
1 polymer 'Actin, alpha skeletal muscle'
2 polymer 'Isoform 2 of Inverted formin-2'
3 non-polymer "ADENOSINE-5'-DIPHOSPHATE"
4 non-polymer 'MAGNESIUM ION'
5 non-polymer 'PHOSPHATE ION'
6 non-polymer "ADENOSINE-5'-TRIPHOSPHATE"
#
loop_
_entity_poly.entity_id
_entity_poly.type
_entity_poly.pdbx_seq_one_letter_code
_entity_poly.pdbx_strand_id
1 'polypeptide(L)'
;DEDETTALVCDNGSGLVKAGFAGDDAPRAVFPSIVGRPRHQGVMVGMGQKDSYVGDEAQSKRGILTLKYPIE(HIC)GII
TNWDDMEKIWHHTFYNELRVAPEEHPTLLTEAPLNPKANREKMTQIMFETFNVPAMYVAIQAVLSLYASGRTTGIVLDSG
DGVTHNVPIYEGYALPHAIMRLDLAGRDLTDYLMKILTERGYSFVTTAEREIVRDIKEKLCYVALDFENEMATAASSSSL
EKSYELPDGQVITIGNERFRCPETLFQPSFIGMESAGIHETTYNSIMKCDIDIRKDLYANNVMSGGTTMYPGIADRMQKE
ITALAPSTMKIKIIAPPERKYSVWIGGSILASLSTFQQMWITKQEYDEAGPSIVHRKCF
;
A,B,C,D
2 'polypeptide(L)'
;GGGGGMAPPAPPLPPPLPGSCEFLSPPPPPLPGLGCPPPPPPLLPGMGWGPPPPPPPLLPCTCSPPVAGGMEEVIVAQVD
HGLGSAWVPSHRRVNPPTLRMKKLNWQKLPSNVAREHNSMWASLSSPDAEAVEPDFSSIERLFSFPAAKPKEPTMVAPRA
RKEPKEITFLDAKKSLNLNIFLKQFKCSNEEVAAMIRAGDTTKFDVEVLKQLLKLLPEKHEIENLRAFTEERAKLASADH
FYLLLLAIPCYQLRIECMLLCEGAAAVLDMVRPKAQLVLAACESLLTSRQLPIFCQLILRIGNFLNYGSHTGDADGFKIS
TLLKLTETKSQQNRVTLLHHVLEEAEKSHPDLLQLPRDLEQPSQAAGINLEIIRSEASSNLKKLLETERKVSASVAEVQE
QYTERLQASISAFRALDELFEAIEQKQRELADYLCEDAQQLSLEDTFSTMKAFRDLFLRALKENKDRKEQAAKAERRKQQ
LAEEEARRPRGEDGKPVRKGPGKQEEVCVIDALLADIRKGFQLRKTARGRGDTDGGSKAASMDPPRATEPVATSNPAGDP
VGSTRCPASEPGLDATTASESRGWDLVDAVTPGPQPTLEQLEEGGPRPLERRSSWYVDASDVLTTEDPQCPQPLEGAWPV
TLGDAQALKPLKFSSNQPPAAGSSRQDAKDPTSLLGVLQAEADSTSEGLEDAVHSRGARPPAAGPGGDEDEDEEDTAPES
ALDTSLDKSFSEDAVTDSSGSGTLPRARGRASKGTGKRRKKRPSRSQEGLRPRPKAK
;
E,F
#
loop_
_chem_comp.id
_chem_comp.type
_chem_comp.name
_chem_comp.formula
ADP non-polymer ADENOSINE-5'-DIPHOSPHATE 'C10 H15 N5 O10 P2'
ATP non-polymer ADENOSINE-5'-TRIPHOSPHATE 'C10 H16 N5 O13 P3'
MG non-polymer 'MAGNESIUM ION' 'Mg 2'
PO4 non-polymer 'PHOSPHATE ION' 'O4 P -3'
#
# COMPACT_ATOMS: atom_id res chain seq x y z
N THR A 5 10.74 -64.65 14.53
CA THR A 5 9.89 -65.28 13.52
C THR A 5 10.13 -64.67 12.15
N THR A 6 10.54 -65.50 11.20
CA THR A 6 10.79 -65.04 9.85
C THR A 6 9.49 -64.61 9.17
N ALA A 7 9.57 -63.55 8.37
CA ALA A 7 8.43 -63.04 7.64
C ALA A 7 8.29 -63.75 6.30
N LEU A 8 7.07 -63.71 5.75
CA LEU A 8 6.76 -64.35 4.49
C LEU A 8 6.28 -63.29 3.50
N VAL A 9 6.76 -63.40 2.26
CA VAL A 9 6.39 -62.49 1.19
C VAL A 9 5.86 -63.33 0.04
N CYS A 10 4.61 -63.08 -0.36
CA CYS A 10 3.98 -63.76 -1.48
C CYS A 10 3.40 -62.72 -2.42
N ASP A 11 3.78 -62.81 -3.69
CA ASP A 11 3.28 -61.90 -4.73
C ASP A 11 2.20 -62.62 -5.53
N ASN A 12 0.97 -62.12 -5.44
CA ASN A 12 -0.17 -62.74 -6.11
C ASN A 12 -0.46 -61.99 -7.40
N GLY A 13 0.32 -62.31 -8.43
CA GLY A 13 0.11 -61.73 -9.74
C GLY A 13 -0.93 -62.49 -10.55
N SER A 14 -1.17 -62.00 -11.76
CA SER A 14 -2.09 -62.68 -12.65
C SER A 14 -1.59 -64.07 -13.00
N GLY A 15 -0.29 -64.20 -13.27
CA GLY A 15 0.32 -65.50 -13.48
C GLY A 15 1.68 -65.55 -12.81
N LEU A 16 2.18 -66.77 -12.66
CA LEU A 16 3.49 -67.03 -12.07
C LEU A 16 3.58 -66.45 -10.66
N VAL A 17 2.76 -67.03 -9.77
CA VAL A 17 2.75 -66.61 -8.38
C VAL A 17 4.13 -66.84 -7.77
N LYS A 18 4.70 -65.78 -7.20
CA LYS A 18 6.02 -65.82 -6.60
C LYS A 18 5.90 -65.65 -5.09
N ALA A 19 6.49 -66.57 -4.35
CA ALA A 19 6.43 -66.54 -2.90
C ALA A 19 7.72 -67.10 -2.32
N GLY A 20 8.01 -66.72 -1.09
CA GLY A 20 9.20 -67.19 -0.42
C GLY A 20 9.37 -66.51 0.93
N PHE A 21 10.50 -66.79 1.56
CA PHE A 21 10.81 -66.19 2.84
C PHE A 21 11.36 -64.77 2.67
N ALA A 22 11.31 -64.01 3.77
CA ALA A 22 11.81 -62.65 3.77
C ALA A 22 13.29 -62.63 4.11
N GLY A 23 14.05 -61.80 3.40
CA GLY A 23 15.47 -61.70 3.59
C GLY A 23 16.31 -62.56 2.67
N ASP A 24 15.72 -63.13 1.63
CA ASP A 24 16.45 -63.98 0.69
C ASP A 24 16.73 -63.21 -0.59
N ASP A 25 17.43 -63.88 -1.52
CA ASP A 25 17.79 -63.28 -2.80
C ASP A 25 16.85 -63.66 -3.93
N ALA A 26 16.20 -64.82 -3.84
CA ALA A 26 15.29 -65.28 -4.88
C ALA A 26 14.04 -65.87 -4.23
N PRO A 27 12.90 -65.83 -4.92
CA PRO A 27 11.70 -66.48 -4.39
C PRO A 27 11.91 -67.97 -4.22
N ARG A 28 11.36 -68.52 -3.14
CA ARG A 28 11.57 -69.92 -2.83
C ARG A 28 10.82 -70.82 -3.81
N ALA A 29 9.56 -70.51 -4.07
CA ALA A 29 8.73 -71.32 -4.97
C ALA A 29 8.01 -70.42 -5.95
N VAL A 30 8.09 -70.76 -7.24
CA VAL A 30 7.41 -70.04 -8.30
C VAL A 30 6.66 -71.05 -9.16
N PHE A 31 5.35 -70.83 -9.31
CA PHE A 31 4.51 -71.72 -10.10
C PHE A 31 3.44 -70.90 -10.78
N PRO A 32 2.93 -71.34 -11.94
CA PRO A 32 1.86 -70.60 -12.61
C PRO A 32 0.58 -70.59 -11.77
N SER A 33 -0.15 -69.47 -11.88
CA SER A 33 -1.40 -69.30 -11.15
C SER A 33 -2.57 -69.77 -12.02
N ILE A 34 -2.67 -71.09 -12.16
CA ILE A 34 -3.67 -71.72 -13.00
C ILE A 34 -4.36 -72.81 -12.18
N VAL A 35 -5.70 -72.83 -12.23
CA VAL A 35 -6.50 -73.87 -11.62
C VAL A 35 -7.13 -74.68 -12.74
N GLY A 36 -6.88 -75.99 -12.75
CA GLY A 36 -7.34 -76.86 -13.81
C GLY A 36 -8.32 -77.90 -13.30
N ARG A 37 -9.32 -78.21 -14.11
CA ARG A 37 -10.32 -79.22 -13.81
C ARG A 37 -10.48 -80.16 -14.99
N PRO A 38 -10.82 -81.42 -14.72
CA PRO A 38 -10.91 -82.40 -15.82
C PRO A 38 -12.02 -82.03 -16.81
N ARG A 39 -11.65 -82.01 -18.10
CA ARG A 39 -12.64 -81.71 -19.14
C ARG A 39 -13.57 -82.88 -19.37
N HIS A 40 -13.03 -84.10 -19.41
CA HIS A 40 -13.82 -85.30 -19.63
C HIS A 40 -13.42 -86.37 -18.63
N GLN A 41 -14.30 -87.34 -18.44
CA GLN A 41 -14.12 -88.41 -17.47
C GLN A 41 -13.73 -89.69 -18.19
N GLY A 42 -12.65 -90.33 -17.74
CA GLY A 42 -12.20 -91.57 -18.32
C GLY A 42 -12.81 -92.80 -17.67
N VAL A 43 -12.75 -93.92 -18.39
CA VAL A 43 -13.34 -95.15 -17.90
C VAL A 43 -12.59 -95.66 -16.66
N MET A 44 -11.26 -95.59 -16.69
CA MET A 44 -10.44 -96.10 -15.59
C MET A 44 -10.31 -95.00 -14.53
N VAL A 45 -10.97 -95.18 -13.40
CA VAL A 45 -10.91 -94.25 -12.29
C VAL A 45 -10.46 -94.95 -11.01
N GLY A 46 -9.82 -96.12 -11.14
CA GLY A 46 -9.33 -96.82 -9.96
C GLY A 46 -8.24 -96.05 -9.23
N MET A 47 -7.33 -95.44 -9.98
CA MET A 47 -6.28 -94.64 -9.37
C MET A 47 -6.87 -93.38 -8.75
N GLY A 48 -6.27 -92.94 -7.65
CA GLY A 48 -6.75 -91.76 -6.96
C GLY A 48 -6.63 -90.48 -7.77
N GLN A 49 -7.74 -89.76 -7.90
CA GLN A 49 -7.77 -88.50 -8.63
C GLN A 49 -8.36 -87.42 -7.74
N LYS A 50 -7.73 -86.25 -7.73
CA LYS A 50 -8.18 -85.11 -6.93
C LYS A 50 -8.68 -84.02 -7.86
N ASP A 51 -9.87 -83.50 -7.56
CA ASP A 51 -10.45 -82.45 -8.38
C ASP A 51 -9.72 -81.12 -8.16
N SER A 52 -9.84 -80.25 -9.16
CA SER A 52 -9.28 -78.90 -9.11
C SER A 52 -7.76 -78.93 -8.90
N TYR A 53 -7.06 -79.49 -9.88
CA TYR A 53 -5.60 -79.46 -9.88
C TYR A 53 -5.12 -78.02 -10.01
N VAL A 54 -4.14 -77.65 -9.19
CA VAL A 54 -3.65 -76.28 -9.13
C VAL A 54 -2.13 -76.28 -9.20
N GLY A 55 -1.58 -75.16 -9.66
CA GLY A 55 -0.14 -74.98 -9.63
C GLY A 55 0.58 -75.89 -10.61
N ASP A 56 1.66 -76.51 -10.13
CA ASP A 56 2.50 -77.32 -11.00
C ASP A 56 1.77 -78.55 -11.52
N GLU A 57 0.93 -79.18 -10.68
CA GLU A 57 0.27 -80.41 -11.09
C GLU A 57 -0.70 -80.18 -12.24
N ALA A 58 -1.27 -78.98 -12.36
CA ALA A 58 -2.16 -78.69 -13.47
C ALA A 58 -1.42 -78.44 -14.77
N GLN A 59 -0.21 -77.87 -14.70
CA GLN A 59 0.55 -77.59 -15.91
C GLN A 59 0.97 -78.87 -16.62
N SER A 60 1.37 -79.89 -15.85
CA SER A 60 1.88 -81.12 -16.47
C SER A 60 0.77 -81.86 -17.21
N LYS A 61 -0.42 -81.96 -16.63
CA LYS A 61 -1.53 -82.71 -17.21
C LYS A 61 -2.55 -81.81 -17.89
N ARG A 62 -2.09 -80.72 -18.51
CA ARG A 62 -3.00 -79.75 -19.13
C ARG A 62 -3.72 -80.31 -20.36
N GLY A 63 -3.30 -81.47 -20.87
CA GLY A 63 -3.93 -82.01 -22.07
C GLY A 63 -5.39 -82.34 -21.88
N ILE A 64 -5.76 -82.82 -20.70
CA ILE A 64 -7.13 -83.24 -20.41
C ILE A 64 -7.77 -82.36 -19.34
N LEU A 65 -7.13 -81.26 -18.97
CA LEU A 65 -7.65 -80.37 -17.94
C LEU A 65 -8.10 -79.05 -18.54
N THR A 66 -9.21 -78.52 -18.04
CA THR A 66 -9.72 -77.23 -18.46
C THR A 66 -9.15 -76.16 -17.54
N LEU A 67 -8.16 -75.41 -18.03
CA LEU A 67 -7.45 -74.43 -17.22
C LEU A 67 -8.22 -73.12 -17.17
N LYS A 68 -8.24 -72.49 -16.00
CA LYS A 68 -8.85 -71.20 -15.81
C LYS A 68 -7.93 -70.30 -15.00
N TYR A 69 -7.98 -69.00 -15.28
CA TYR A 69 -7.14 -68.04 -14.59
C TYR A 69 -7.95 -67.37 -13.49
N PRO A 70 -7.63 -67.59 -12.21
CA PRO A 70 -8.39 -66.95 -11.13
C PRO A 70 -8.29 -65.43 -11.12
N ILE A 71 -7.23 -64.86 -11.66
CA ILE A 71 -7.00 -63.41 -11.65
C ILE A 71 -6.98 -62.92 -13.09
N GLU A 72 -7.77 -61.90 -13.37
CA GLU A 72 -7.82 -61.29 -14.69
C GLU A 72 -7.77 -59.78 -14.57
N HIC A 73 -6.81 -59.15 -15.25
CA HIC A 73 -6.63 -57.70 -15.22
C HIC A 73 -6.44 -57.16 -13.80
O HIC A 73 -6.91 -56.07 -13.48
CB HIC A 73 -7.81 -56.99 -15.89
CG HIC A 73 -7.78 -57.07 -17.38
ND1 HIC A 73 -6.64 -56.82 -18.10
CD2 HIC A 73 -8.81 -57.37 -18.24
CE1 HIC A 73 -6.98 -56.98 -19.36
NE2 HIC A 73 -8.29 -57.31 -19.50
CZ HIC A 73 -8.99 -57.55 -20.73
N GLY A 74 -5.77 -57.94 -12.96
CA GLY A 74 -5.50 -57.51 -11.60
C GLY A 74 -6.55 -57.93 -10.59
N ILE A 75 -7.82 -57.78 -10.97
CA ILE A 75 -8.93 -58.10 -10.07
C ILE A 75 -9.12 -59.61 -10.02
N ILE A 76 -9.50 -60.10 -8.85
CA ILE A 76 -9.73 -61.53 -8.66
C ILE A 76 -11.15 -61.85 -9.13
N THR A 77 -11.26 -62.58 -10.25
CA THR A 77 -12.57 -62.92 -10.78
C THR A 77 -13.27 -63.97 -9.93
N ASN A 78 -12.54 -65.03 -9.56
CA ASN A 78 -13.08 -66.12 -8.75
C ASN A 78 -12.30 -66.19 -7.45
N TRP A 79 -13.00 -66.10 -6.33
CA TRP A 79 -12.34 -66.05 -5.03
C TRP A 79 -12.13 -67.43 -4.42
N ASP A 80 -12.95 -68.42 -4.79
CA ASP A 80 -12.73 -69.76 -4.28
C ASP A 80 -11.48 -70.40 -4.90
N ASP A 81 -11.30 -70.22 -6.21
CA ASP A 81 -10.09 -70.73 -6.87
C ASP A 81 -8.85 -70.02 -6.36
N MET A 82 -8.92 -68.70 -6.18
CA MET A 82 -7.75 -67.95 -5.74
C MET A 82 -7.33 -68.35 -4.33
N GLU A 83 -8.31 -68.57 -3.44
CA GLU A 83 -7.99 -69.03 -2.10
C GLU A 83 -7.41 -70.44 -2.12
N LYS A 84 -7.85 -71.28 -3.07
CA LYS A 84 -7.30 -72.63 -3.16
C LYS A 84 -5.83 -72.61 -3.51
N ILE A 85 -5.40 -71.64 -4.33
CA ILE A 85 -3.97 -71.53 -4.67
C ILE A 85 -3.16 -71.14 -3.45
N TRP A 86 -3.72 -70.30 -2.57
CA TRP A 86 -3.00 -69.88 -1.38
C TRP A 86 -2.67 -71.06 -0.48
N HIS A 87 -3.61 -71.97 -0.29
CA HIS A 87 -3.34 -73.15 0.52
C HIS A 87 -2.28 -74.04 -0.13
N HIS A 88 -2.25 -74.08 -1.47
CA HIS A 88 -1.20 -74.81 -2.15
C HIS A 88 0.17 -74.19 -1.89
N THR A 89 0.24 -72.86 -1.89
CA THR A 89 1.51 -72.19 -1.65
C THR A 89 1.97 -72.37 -0.20
N PHE A 90 1.04 -72.27 0.74
CA PHE A 90 1.40 -72.25 2.16
C PHE A 90 1.64 -73.65 2.73
N TYR A 91 1.27 -74.71 2.02
CA TYR A 91 1.38 -76.04 2.59
C TYR A 91 2.14 -77.01 1.68
N ASN A 92 2.01 -76.84 0.37
CA ASN A 92 2.67 -77.74 -0.59
C ASN A 92 3.97 -77.16 -1.12
N GLU A 93 3.92 -75.97 -1.72
CA GLU A 93 5.14 -75.33 -2.20
C GLU A 93 6.06 -74.95 -1.05
N LEU A 94 5.50 -74.43 0.04
CA LEU A 94 6.24 -74.09 1.23
C LEU A 94 5.69 -74.86 2.42
N ARG A 95 6.58 -75.48 3.18
CA ARG A 95 6.20 -76.21 4.39
C ARG A 95 6.33 -75.22 5.55
N VAL A 96 5.31 -74.39 5.72
CA VAL A 96 5.33 -73.30 6.68
C VAL A 96 3.98 -73.21 7.35
N ALA A 97 3.98 -73.01 8.66
CA ALA A 97 2.74 -72.78 9.39
C ALA A 97 2.34 -71.31 9.25
N PRO A 98 1.20 -71.01 8.63
CA PRO A 98 0.84 -69.60 8.42
C PRO A 98 0.41 -68.87 9.67
N GLU A 99 0.11 -69.57 10.76
CA GLU A 99 -0.42 -68.94 11.96
C GLU A 99 0.66 -68.34 12.86
N GLU A 100 1.93 -68.46 12.51
CA GLU A 100 3.01 -67.94 13.33
C GLU A 100 3.87 -66.90 12.63
N HIS A 101 3.81 -66.80 11.30
CA HIS A 101 4.64 -65.85 10.57
C HIS A 101 3.80 -64.83 9.83
N PRO A 102 4.27 -63.59 9.72
CA PRO A 102 3.51 -62.56 9.01
C PRO A 102 3.52 -62.79 7.51
N THR A 103 2.61 -62.11 6.83
CA THR A 103 2.43 -62.22 5.39
C THR A 103 2.39 -60.83 4.76
N LEU A 104 2.95 -60.73 3.55
CA LEU A 104 2.95 -59.49 2.79
C LEU A 104 2.46 -59.78 1.38
N LEU A 105 1.62 -58.87 0.87
CA LEU A 105 1.03 -59.03 -0.45
C LEU A 105 1.14 -57.73 -1.23
N THR A 106 1.09 -57.85 -2.56
CA THR A 106 1.22 -56.73 -3.45
C THR A 106 -0.05 -56.58 -4.29
N GLU A 107 -0.42 -55.33 -4.58
CA GLU A 107 -1.60 -55.03 -5.37
C GLU A 107 -1.30 -53.92 -6.35
N ALA A 108 -1.92 -54.00 -7.53
CA ALA A 108 -1.75 -52.98 -8.54
C ALA A 108 -2.46 -51.68 -8.13
N PRO A 109 -1.96 -50.54 -8.56
CA PRO A 109 -2.63 -49.27 -8.24
C PRO A 109 -3.95 -49.13 -8.97
N LEU A 110 -4.81 -48.27 -8.42
CA LEU A 110 -6.14 -48.01 -8.97
C LEU A 110 -6.99 -49.28 -9.05
N ASN A 111 -6.82 -50.18 -8.07
CA ASN A 111 -7.62 -51.39 -8.01
C ASN A 111 -8.92 -51.12 -7.25
N PRO A 112 -9.98 -51.88 -7.55
CA PRO A 112 -11.22 -51.74 -6.79
C PRO A 112 -11.00 -52.04 -5.31
N LYS A 113 -11.72 -51.29 -4.47
CA LYS A 113 -11.56 -51.44 -3.03
C LYS A 113 -12.10 -52.77 -2.50
N ALA A 114 -12.98 -53.42 -3.25
CA ALA A 114 -13.49 -54.72 -2.81
C ALA A 114 -12.40 -55.78 -2.82
N ASN A 115 -11.34 -55.58 -3.59
CA ASN A 115 -10.26 -56.54 -3.64
C ASN A 115 -9.49 -56.57 -2.31
N ARG A 116 -9.12 -55.40 -1.80
CA ARG A 116 -8.34 -55.35 -0.57
C ARG A 116 -9.18 -55.74 0.65
N GLU A 117 -10.47 -55.37 0.65
CA GLU A 117 -11.34 -55.71 1.77
C GLU A 117 -11.47 -57.22 1.91
N LYS A 118 -11.64 -57.93 0.80
CA LYS A 118 -11.83 -59.37 0.85
C LYS A 118 -10.52 -60.10 1.15
N MET A 119 -9.40 -59.58 0.65
CA MET A 119 -8.10 -60.23 0.90
C MET A 119 -7.76 -60.20 2.38
N THR A 120 -8.00 -59.08 3.06
CA THR A 120 -7.65 -58.97 4.47
C THR A 120 -8.45 -59.95 5.32
N GLN A 121 -9.75 -60.08 5.04
CA GLN A 121 -10.58 -60.96 5.84
C GLN A 121 -10.33 -62.43 5.54
N ILE A 122 -9.88 -62.76 4.32
CA ILE A 122 -9.63 -64.16 3.98
C ILE A 122 -8.42 -64.69 4.74
N MET A 123 -7.32 -63.93 4.73
CA MET A 123 -6.10 -64.41 5.38
C MET A 123 -6.19 -64.37 6.90
N PHE A 124 -6.92 -63.41 7.46
CA PHE A 124 -7.01 -63.29 8.91
C PHE A 124 -7.93 -64.34 9.53
N GLU A 125 -8.73 -65.04 8.72
CA GLU A 125 -9.65 -66.05 9.23
C GLU A 125 -9.32 -67.44 8.75
N THR A 126 -9.15 -67.65 7.44
CA THR A 126 -8.84 -68.98 6.93
C THR A 126 -7.44 -69.43 7.32
N PHE A 127 -6.48 -68.52 7.35
CA PHE A 127 -5.10 -68.84 7.66
C PHE A 127 -4.66 -68.34 9.03
N ASN A 128 -5.38 -67.39 9.61
CA ASN A 128 -5.11 -66.88 10.96
C ASN A 128 -3.68 -66.37 11.10
N VAL A 129 -3.21 -65.60 10.14
CA VAL A 129 -1.86 -65.04 10.18
C VAL A 129 -1.79 -63.98 11.28
N PRO A 130 -0.64 -63.80 11.93
CA PRO A 130 -0.55 -62.79 12.99
C PRO A 130 -0.34 -61.37 12.49
N ALA A 131 -0.02 -61.17 11.20
CA ALA A 131 0.20 -59.83 10.69
C ALA A 131 -0.10 -59.82 9.20
N MET A 132 -0.27 -58.61 8.66
CA MET A 132 -0.67 -58.43 7.27
C MET A 132 -0.25 -57.04 6.81
N TYR A 133 0.16 -56.95 5.54
CA TYR A 133 0.43 -55.66 4.92
C TYR A 133 0.27 -55.79 3.41
N VAL A 134 -0.27 -54.74 2.80
CA VAL A 134 -0.46 -54.69 1.35
C VAL A 134 0.23 -53.44 0.82
N ALA A 135 1.06 -53.62 -0.19
CA ALA A 135 1.84 -52.52 -0.77
C ALA A 135 1.67 -52.51 -2.28
N ILE A 136 1.82 -51.32 -2.87
CA ILE A 136 1.72 -51.17 -4.31
C ILE A 136 2.87 -51.91 -4.99
N GLN A 137 2.57 -52.61 -6.08
CA GLN A 137 3.59 -53.37 -6.79
C GLN A 137 4.68 -52.45 -7.33
N ALA A 138 4.29 -51.32 -7.92
CA ALA A 138 5.28 -50.41 -8.50
C ALA A 138 6.17 -49.80 -7.44
N VAL A 139 5.61 -49.48 -6.27
CA VAL A 139 6.42 -48.90 -5.20
C VAL A 139 7.48 -49.90 -4.73
N LEU A 140 7.08 -51.17 -4.55
CA LEU A 140 8.03 -52.18 -4.13
C LEU A 140 9.10 -52.45 -5.18
N SER A 141 8.85 -52.10 -6.44
CA SER A 141 9.87 -52.28 -7.47
C SER A 141 11.05 -51.35 -7.25
N LEU A 142 10.79 -50.14 -6.75
CA LEU A 142 11.88 -49.19 -6.53
C LEU A 142 12.81 -49.64 -5.41
N TYR A 143 12.29 -50.41 -4.45
CA TYR A 143 13.16 -50.95 -3.41
C TYR A 143 14.20 -51.90 -3.99
N ALA A 144 13.79 -52.72 -4.97
CA ALA A 144 14.73 -53.64 -5.60
C ALA A 144 15.82 -52.88 -6.35
N SER A 145 15.45 -51.79 -7.02
CA SER A 145 16.41 -50.97 -7.74
C SER A 145 17.41 -50.27 -6.83
N GLY A 146 17.16 -50.25 -5.53
CA GLY A 146 18.08 -49.63 -4.58
C GLY A 146 18.22 -48.13 -4.73
N ARG A 147 17.11 -47.42 -4.92
CA ARG A 147 17.12 -45.98 -5.02
C ARG A 147 15.90 -45.42 -4.30
N THR A 148 15.74 -44.10 -4.35
CA THR A 148 14.64 -43.42 -3.68
C THR A 148 13.66 -42.75 -4.63
N THR A 149 14.05 -42.51 -5.87
CA THR A 149 13.26 -41.71 -6.79
C THR A 149 13.36 -42.27 -8.20
N GLY A 150 12.23 -42.29 -8.90
CA GLY A 150 12.21 -42.71 -10.29
C GLY A 150 10.85 -43.21 -10.76
N ILE A 151 10.48 -42.86 -11.98
CA ILE A 151 9.23 -43.35 -12.55
C ILE A 151 9.34 -44.85 -12.81
N VAL A 152 8.24 -45.56 -12.63
CA VAL A 152 8.21 -47.01 -12.72
C VAL A 152 7.21 -47.41 -13.79
N LEU A 153 7.66 -48.25 -14.73
CA LEU A 153 6.79 -48.84 -15.75
C LEU A 153 6.75 -50.34 -15.49
N ASP A 154 5.64 -50.80 -14.92
CA ASP A 154 5.45 -52.20 -14.57
C ASP A 154 4.42 -52.82 -15.51
N SER A 155 4.78 -53.97 -16.09
CA SER A 155 3.91 -54.64 -17.06
C SER A 155 4.12 -56.14 -16.94
N GLY A 156 3.07 -56.84 -16.52
CA GLY A 156 3.12 -58.29 -16.37
C GLY A 156 2.00 -58.93 -17.17
N ASP A 157 1.42 -59.99 -16.58
CA ASP A 157 0.29 -60.66 -17.19
C ASP A 157 -1.03 -59.94 -16.95
N GLY A 158 -1.02 -58.90 -16.10
CA GLY A 158 -2.23 -58.18 -15.79
C GLY A 158 -2.32 -56.82 -16.45
N VAL A 159 -1.99 -55.78 -15.69
CA VAL A 159 -2.20 -54.40 -16.11
C VAL A 159 -0.85 -53.71 -16.28
N THR A 160 -0.79 -52.80 -17.26
CA THR A 160 0.37 -51.93 -17.46
C THR A 160 0.13 -50.66 -16.67
N HIS A 161 0.70 -50.57 -15.48
CA HIS A 161 0.50 -49.44 -14.59
C HIS A 161 1.80 -48.66 -14.42
N ASN A 162 1.67 -47.34 -14.35
CA ASN A 162 2.80 -46.43 -14.26
C ASN A 162 2.66 -45.56 -13.01
N VAL A 163 3.69 -45.56 -12.17
CA VAL A 163 3.64 -44.84 -10.91
C VAL A 163 4.88 -43.96 -10.74
N PRO A 164 4.74 -42.63 -10.81
CA PRO A 164 5.90 -41.76 -10.56
C PRO A 164 6.10 -41.53 -9.07
N ILE A 165 7.36 -41.63 -8.63
CA ILE A 165 7.74 -41.42 -7.24
C ILE A 165 8.90 -40.43 -7.20
N TYR A 166 8.81 -39.42 -6.33
CA TYR A 166 9.87 -38.44 -6.17
C TYR A 166 10.22 -38.31 -4.69
N GLU A 167 11.47 -38.60 -4.36
CA GLU A 167 12.01 -38.44 -3.00
C GLU A 167 11.20 -39.21 -1.97
N GLY A 168 10.61 -40.33 -2.37
CA GLY A 168 9.77 -41.10 -1.49
C GLY A 168 8.34 -40.61 -1.36
N TYR A 169 7.96 -39.60 -2.14
CA TYR A 169 6.60 -39.04 -2.10
C TYR A 169 5.95 -39.31 -3.45
N ALA A 170 4.98 -40.22 -3.47
CA ALA A 170 4.28 -40.54 -4.70
C ALA A 170 3.34 -39.40 -5.09
N LEU A 171 2.98 -39.38 -6.38
CA LEU A 171 2.06 -38.39 -6.94
C LEU A 171 0.85 -39.15 -7.49
N PRO A 172 -0.17 -39.39 -6.66
CA PRO A 172 -1.31 -40.20 -7.13
C PRO A 172 -2.07 -39.60 -8.30
N HIS A 173 -2.02 -38.28 -8.48
CA HIS A 173 -2.76 -37.66 -9.57
C HIS A 173 -2.13 -37.93 -10.93
N ALA A 174 -0.93 -38.49 -10.99
CA ALA A 174 -0.26 -38.78 -12.24
C ALA A 174 -0.13 -40.27 -12.52
N ILE A 175 -0.61 -41.14 -11.62
CA ILE A 175 -0.52 -42.58 -11.83
C ILE A 175 -1.41 -42.97 -13.00
N MET A 176 -0.85 -43.70 -13.95
CA MET A 176 -1.58 -44.17 -15.11
C MET A 176 -1.83 -45.67 -15.00
N ARG A 177 -2.83 -46.14 -15.74
CA ARG A 177 -3.18 -47.55 -15.74
C ARG A 177 -3.77 -47.90 -17.10
N LEU A 178 -3.31 -49.00 -17.67
CA LEU A 178 -3.78 -49.45 -18.98
C LEU A 178 -3.75 -50.97 -19.02
N ASP A 179 -4.90 -51.57 -19.30
CA ASP A 179 -5.02 -53.03 -19.31
C ASP A 179 -4.63 -53.60 -20.67
N LEU A 180 -3.35 -53.41 -21.01
CA LEU A 180 -2.77 -53.96 -22.24
C LEU A 180 -1.41 -54.56 -21.87
N ALA A 181 -1.43 -55.84 -21.50
CA ALA A 181 -0.20 -56.54 -21.12
C ALA A 181 -0.53 -58.02 -21.00
N GLY A 182 0.52 -58.84 -21.09
CA GLY A 182 0.39 -60.27 -20.87
C GLY A 182 -0.54 -60.99 -21.82
N ARG A 183 -1.70 -61.39 -21.31
CA ARG A 183 -2.61 -62.22 -22.08
C ARG A 183 -3.15 -61.50 -23.32
N ASP A 184 -3.21 -60.16 -23.28
CA ASP A 184 -3.68 -59.42 -24.43
C ASP A 184 -2.77 -59.61 -25.63
N LEU A 185 -1.45 -59.62 -25.41
CA LEU A 185 -0.52 -59.93 -26.48
C LEU A 185 -0.66 -61.37 -26.94
N THR A 186 -0.79 -62.31 -26.01
CA THR A 186 -0.89 -63.71 -26.36
C THR A 186 -2.18 -63.99 -27.15
N ASP A 187 -3.29 -63.38 -26.74
CA ASP A 187 -4.54 -63.57 -27.45
C ASP A 187 -4.47 -63.03 -28.87
N TYR A 188 -3.82 -61.88 -29.05
CA TYR A 188 -3.61 -61.35 -30.40
C TYR A 188 -2.71 -62.26 -31.22
N LEU A 189 -1.75 -62.93 -30.57
CA LEU A 189 -0.86 -63.85 -31.28
C LEU A 189 -1.63 -65.01 -31.89
N MET A 190 -2.69 -65.46 -31.23
CA MET A 190 -3.53 -66.51 -31.79
C MET A 190 -4.16 -66.06 -33.10
N LYS A 191 -4.69 -64.84 -33.13
CA LYS A 191 -5.30 -64.32 -34.34
C LYS A 191 -4.28 -64.13 -35.46
N ILE A 192 -3.09 -63.62 -35.11
CA ILE A 192 -2.06 -63.39 -36.12
C ILE A 192 -1.47 -64.70 -36.62
N LEU A 193 -1.59 -65.78 -35.85
CA LEU A 193 -1.12 -67.08 -36.30
C LEU A 193 -2.09 -67.75 -37.26
N THR A 194 -3.35 -67.30 -37.29
CA THR A 194 -4.33 -67.90 -38.18
C THR A 194 -4.06 -67.59 -39.65
N GLU A 195 -3.26 -66.55 -39.93
CA GLU A 195 -2.90 -66.25 -41.31
C GLU A 195 -2.10 -67.40 -41.93
N ARG A 196 -1.19 -67.98 -41.16
CA ARG A 196 -0.42 -69.14 -41.61
C ARG A 196 -1.24 -70.42 -41.65
N GLY A 197 -2.46 -70.40 -41.12
CA GLY A 197 -3.29 -71.59 -41.06
C GLY A 197 -3.30 -72.30 -39.72
N TYR A 198 -2.83 -71.65 -38.66
CA TYR A 198 -2.71 -72.28 -37.35
C TYR A 198 -3.88 -71.83 -36.50
N SER A 199 -4.65 -72.80 -36.00
CA SER A 199 -5.83 -72.54 -35.19
C SER A 199 -5.62 -73.13 -33.80
N PHE A 200 -5.46 -72.25 -32.80
CA PHE A 200 -5.35 -72.66 -31.41
C PHE A 200 -6.53 -72.09 -30.65
N VAL A 201 -7.36 -72.96 -30.09
CA VAL A 201 -8.55 -72.52 -29.37
C VAL A 201 -8.65 -73.10 -27.96
N THR A 202 -8.02 -74.23 -27.67
CA THR A 202 -8.11 -74.81 -26.34
C THR A 202 -7.24 -74.04 -25.35
N THR A 203 -7.66 -74.04 -24.09
CA THR A 203 -6.86 -73.39 -23.05
C THR A 203 -5.52 -74.09 -22.86
N ALA A 204 -5.46 -75.39 -23.13
CA ALA A 204 -4.18 -76.08 -23.13
C ALA A 204 -3.26 -75.54 -24.21
N GLU A 205 -3.82 -75.21 -25.38
CA GLU A 205 -3.02 -74.63 -26.46
C GLU A 205 -2.59 -73.20 -26.15
N ARG A 206 -3.21 -72.55 -25.16
CA ARG A 206 -2.77 -71.22 -24.77
C ARG A 206 -1.36 -71.26 -24.19
N GLU A 207 -1.05 -72.29 -23.40
CA GLU A 207 0.31 -72.44 -22.89
C GLU A 207 1.30 -72.64 -24.03
N ILE A 208 0.92 -73.41 -25.04
CA ILE A 208 1.79 -73.62 -26.20
C ILE A 208 2.03 -72.31 -26.92
N VAL A 209 0.97 -71.54 -27.16
CA VAL A 209 1.10 -70.27 -27.86
C VAL A 209 1.92 -69.28 -27.05
N ARG A 210 1.67 -69.19 -25.74
CA ARG A 210 2.45 -68.30 -24.90
C ARG A 210 3.91 -68.73 -24.79
N ASP A 211 4.20 -70.02 -25.00
CA ASP A 211 5.58 -70.47 -25.01
C ASP A 211 6.33 -69.95 -26.24
N ILE A 212 5.64 -69.85 -27.38
CA ILE A 212 6.23 -69.25 -28.56
C ILE A 212 6.49 -67.76 -28.32
N LYS A 213 5.58 -67.10 -27.61
CA LYS A 213 5.75 -65.68 -27.33
C LYS A 213 6.98 -65.42 -26.48
N GLU A 214 7.23 -66.29 -25.50
CA GLU A 214 8.37 -66.10 -24.61
C GLU A 214 9.69 -66.48 -25.26
N LYS A 215 9.67 -67.21 -26.37
CA LYS A 215 10.88 -67.74 -27.00
C LYS A 215 11.33 -66.92 -28.20
N LEU A 216 10.47 -66.79 -29.21
CA LEU A 216 10.84 -66.24 -30.50
C LEU A 216 10.08 -64.96 -30.81
N CYS A 217 9.93 -64.08 -29.83
CA CYS A 217 9.29 -62.78 -30.04
C CYS A 217 10.24 -61.68 -29.58
N TYR A 218 10.41 -60.67 -30.43
CA TYR A 218 11.30 -59.55 -30.15
C TYR A 218 10.62 -58.26 -30.55
N VAL A 219 10.99 -57.18 -29.88
CA VAL A 219 10.46 -55.86 -30.17
C VAL A 219 11.32 -55.22 -31.26
N ALA A 220 10.68 -54.85 -32.37
CA ALA A 220 11.41 -54.26 -33.48
C ALA A 220 11.83 -52.83 -33.13
N LEU A 221 13.06 -52.48 -33.52
CA LEU A 221 13.55 -51.13 -33.31
C LEU A 221 12.74 -50.13 -34.13
N ASP A 222 12.40 -50.48 -35.37
CA ASP A 222 11.49 -49.69 -36.18
C ASP A 222 10.53 -50.65 -36.87
N PHE A 223 9.23 -50.33 -36.81
CA PHE A 223 8.22 -51.25 -37.34
C PHE A 223 8.25 -51.29 -38.86
N GLU A 224 8.30 -50.11 -39.50
CA GLU A 224 8.16 -50.06 -40.95
C GLU A 224 9.33 -50.72 -41.66
N ASN A 225 10.56 -50.44 -41.20
CA ASN A 225 11.73 -51.02 -41.84
C ASN A 225 11.81 -52.52 -41.61
N GLU A 226 11.48 -52.97 -40.40
CA GLU A 226 11.58 -54.40 -40.09
C GLU A 226 10.59 -55.23 -40.88
N MET A 227 9.42 -54.67 -41.20
CA MET A 227 8.45 -55.39 -42.02
C MET A 227 9.02 -55.66 -43.41
N ALA A 228 9.70 -54.68 -43.99
CA ALA A 228 10.34 -54.88 -45.29
C ALA A 228 11.45 -55.92 -45.20
N THR A 229 12.22 -55.89 -44.11
CA THR A 229 13.30 -56.86 -43.93
C THR A 229 12.76 -58.28 -43.84
N ALA A 230 11.65 -58.47 -43.12
CA ALA A 230 11.07 -59.79 -42.98
C ALA A 230 10.58 -60.33 -44.32
N ALA A 231 9.95 -59.48 -45.13
CA ALA A 231 9.46 -59.93 -46.43
C ALA A 231 10.60 -60.13 -47.41
N SER A 232 11.55 -59.20 -47.47
CA SER A 232 12.64 -59.30 -48.43
C SER A 232 13.64 -60.39 -48.05
N SER A 233 14.01 -60.45 -46.78
CA SER A 233 14.99 -61.42 -46.29
C SER A 233 14.28 -62.49 -45.48
N SER A 234 14.55 -63.76 -45.82
CA SER A 234 13.94 -64.89 -45.14
C SER A 234 14.67 -65.31 -43.88
N SER A 235 15.77 -64.63 -43.53
CA SER A 235 16.53 -64.98 -42.34
C SER A 235 15.74 -64.80 -41.06
N LEU A 236 14.72 -63.93 -41.06
CA LEU A 236 13.92 -63.71 -39.87
C LEU A 236 12.97 -64.86 -39.57
N GLU A 237 12.75 -65.77 -40.53
CA GLU A 237 11.89 -66.91 -40.30
C GLU A 237 12.47 -67.81 -39.21
N LYS A 238 11.61 -68.19 -38.26
CA LYS A 238 12.00 -69.05 -37.15
C LYS A 238 11.01 -70.19 -37.03
N SER A 239 11.51 -71.38 -36.71
CA SER A 239 10.70 -72.58 -36.62
C SER A 239 10.60 -73.03 -35.17
N TYR A 240 9.38 -73.35 -34.73
CA TYR A 240 9.12 -73.84 -33.39
C TYR A 240 8.57 -75.26 -33.46
N GLU A 241 8.91 -76.06 -32.45
CA GLU A 241 8.53 -77.47 -32.41
C GLU A 241 7.35 -77.65 -31.45
N LEU A 242 6.25 -78.17 -31.96
CA LEU A 242 5.09 -78.44 -31.11
C LEU A 242 5.33 -79.70 -30.27
N PRO A 243 4.69 -79.79 -29.11
CA PRO A 243 4.88 -80.99 -28.26
C PRO A 243 4.47 -82.28 -28.94
N ASP A 244 3.46 -82.25 -29.80
CA ASP A 244 3.00 -83.46 -30.47
C ASP A 244 3.92 -83.91 -31.59
N GLY A 245 4.90 -83.09 -31.97
CA GLY A 245 5.82 -83.46 -33.03
C GLY A 245 5.57 -82.72 -34.32
N GLN A 246 5.22 -81.44 -34.22
CA GLN A 246 4.94 -80.60 -35.38
C GLN A 246 5.85 -79.39 -35.36
N VAL A 247 6.33 -78.99 -36.55
CA VAL A 247 7.19 -77.83 -36.69
C VAL A 247 6.38 -76.70 -37.32
N ILE A 248 6.42 -75.54 -36.69
CA ILE A 248 5.64 -74.37 -37.11
C ILE A 248 6.60 -73.23 -37.39
N THR A 249 6.36 -72.51 -38.49
CA THR A 249 7.22 -71.42 -38.92
C THR A 249 6.51 -70.10 -38.72
N ILE A 250 7.21 -69.15 -38.10
CA ILE A 250 6.70 -67.80 -37.86
C ILE A 250 7.65 -66.81 -38.49
N GLY A 251 7.10 -65.87 -39.26
CA GLY A 251 7.91 -64.88 -39.95
C GLY A 251 7.85 -63.50 -39.32
N ASN A 252 7.09 -62.60 -39.93
CA ASN A 252 6.97 -61.24 -39.42
C ASN A 252 6.14 -61.15 -38.15
N GLU A 253 5.48 -62.24 -37.74
CA GLU A 253 4.69 -62.24 -36.52
C GLU A 253 5.55 -62.15 -35.25
N ARG A 254 6.87 -62.35 -35.38
CA ARG A 254 7.73 -62.25 -34.20
C ARG A 254 7.72 -60.86 -33.61
N PHE A 255 7.81 -59.83 -34.46
CA PHE A 255 7.81 -58.45 -33.99
C PHE A 255 6.47 -57.75 -34.19
N ARG A 256 5.57 -58.33 -34.99
CA ARG A 256 4.26 -57.73 -35.17
C ARG A 256 3.45 -57.73 -33.88
N CYS A 257 3.50 -58.84 -33.14
CA CYS A 257 2.72 -58.94 -31.90
C CYS A 257 3.15 -57.94 -30.84
N PRO A 258 4.44 -57.78 -30.51
CA PRO A 258 4.82 -56.79 -29.48
C PRO A 258 4.62 -55.35 -29.92
N GLU A 259 4.37 -55.10 -31.21
CA GLU A 259 4.05 -53.74 -31.65
C GLU A 259 2.76 -53.23 -31.04
N THR A 260 1.88 -54.12 -30.60
CA THR A 260 0.65 -53.70 -29.93
C THR A 260 0.94 -52.87 -28.68
N LEU A 261 2.07 -53.13 -28.01
CA LEU A 261 2.46 -52.33 -26.85
C LEU A 261 2.71 -50.88 -27.22
N PHE A 262 2.99 -50.59 -28.49
CA PHE A 262 3.21 -49.22 -28.95
C PHE A 262 2.14 -48.71 -29.89
N GLN A 263 1.39 -49.60 -30.55
CA GLN A 263 0.26 -49.24 -31.40
C GLN A 263 -0.93 -50.10 -30.99
N PRO A 264 -1.63 -49.74 -29.93
CA PRO A 264 -2.77 -50.55 -29.47
C PRO A 264 -3.93 -50.59 -30.45
N SER A 265 -3.92 -49.78 -31.50
CA SER A 265 -5.01 -49.78 -32.47
C SER A 265 -5.09 -51.07 -33.27
N PHE A 266 -4.06 -51.92 -33.21
CA PHE A 266 -4.12 -53.20 -33.91
C PHE A 266 -5.19 -54.11 -33.32
N ILE A 267 -5.31 -54.12 -32.00
CA ILE A 267 -6.27 -54.98 -31.32
C ILE A 267 -7.56 -54.21 -31.00
N GLY A 268 -7.78 -53.06 -31.61
CA GLY A 268 -8.99 -52.31 -31.39
C GLY A 268 -9.04 -51.52 -30.11
N MET A 269 -7.88 -51.10 -29.59
CA MET A 269 -7.80 -50.27 -28.39
C MET A 269 -7.43 -48.85 -28.80
N GLU A 270 -8.21 -47.87 -28.33
CA GLU A 270 -7.98 -46.49 -28.69
C GLU A 270 -6.82 -45.85 -27.95
N SER A 271 -6.46 -46.37 -26.78
CA SER A 271 -5.44 -45.75 -25.95
C SER A 271 -4.09 -45.75 -26.66
N ALA A 272 -3.20 -44.87 -26.19
CA ALA A 272 -1.88 -44.73 -26.79
C ALA A 272 -0.94 -45.80 -26.24
N GLY A 273 0.25 -45.89 -26.85
CA GLY A 273 1.23 -46.87 -26.45
C GLY A 273 1.84 -46.55 -25.10
N ILE A 274 2.66 -47.49 -24.63
CA ILE A 274 3.28 -47.33 -23.30
C ILE A 274 4.29 -46.19 -23.30
N HIS A 275 4.83 -45.84 -24.47
CA HIS A 275 5.77 -44.72 -24.51
C HIS A 275 5.05 -43.39 -24.36
N GLU A 276 3.88 -43.24 -24.98
CA GLU A 276 3.11 -42.01 -24.83
C GLU A 276 2.43 -41.96 -23.46
N THR A 277 2.10 -43.11 -22.88
CA THR A 277 1.54 -43.13 -21.54
C THR A 277 2.56 -42.62 -20.52
N THR A 278 3.82 -43.03 -20.65
CA THR A 278 4.86 -42.54 -19.76
C THR A 278 5.11 -41.06 -19.96
N TYR A 279 5.08 -40.59 -21.21
CA TYR A 279 5.28 -39.18 -21.49
C TYR A 279 4.18 -38.33 -20.86
N ASN A 280 2.92 -38.76 -20.99
CA ASN A 280 1.83 -38.02 -20.39
C ASN A 280 1.87 -38.05 -18.87
N SER A 281 2.39 -39.14 -18.30
CA SER A 281 2.50 -39.23 -16.85
C SER A 281 3.49 -38.21 -16.30
N ILE A 282 4.61 -38.01 -16.98
CA ILE A 282 5.63 -37.09 -16.51
C ILE A 282 5.14 -35.64 -16.61
N MET A 283 4.49 -35.29 -17.72
CA MET A 283 3.99 -33.94 -17.90
C MET A 283 2.93 -33.58 -16.87
N LYS A 284 2.29 -34.56 -16.24
CA LYS A 284 1.35 -34.29 -15.16
C LYS A 284 2.05 -33.98 -13.85
N CYS A 285 3.36 -34.22 -13.75
CA CYS A 285 4.11 -33.94 -12.53
C CYS A 285 4.58 -32.49 -12.53
N ASP A 286 5.24 -32.10 -11.44
CA ASP A 286 5.75 -30.75 -11.32
C ASP A 286 6.88 -30.50 -12.31
N ILE A 287 7.00 -29.24 -12.74
CA ILE A 287 8.03 -28.88 -13.71
C ILE A 287 9.42 -29.03 -13.11
N ASP A 288 9.55 -28.90 -11.78
CA ASP A 288 10.86 -28.99 -11.16
C ASP A 288 11.36 -30.42 -11.10
N ILE A 289 10.46 -31.40 -10.99
CA ILE A 289 10.86 -32.79 -10.82
C ILE A 289 10.82 -33.59 -12.12
N ARG A 290 10.55 -32.95 -13.26
CA ARG A 290 10.53 -33.67 -14.52
C ARG A 290 11.93 -34.09 -14.93
N LYS A 291 12.94 -33.28 -14.62
CA LYS A 291 14.30 -33.61 -15.04
C LYS A 291 14.81 -34.87 -14.36
N ASP A 292 14.54 -35.03 -13.07
CA ASP A 292 15.02 -36.21 -12.35
C ASP A 292 14.25 -37.46 -12.78
N LEU A 293 12.95 -37.34 -13.01
CA LEU A 293 12.15 -38.49 -13.40
C LEU A 293 12.58 -39.01 -14.77
N TYR A 294 12.95 -38.10 -15.68
CA TYR A 294 13.41 -38.51 -16.99
C TYR A 294 14.69 -39.35 -16.90
N ALA A 295 15.61 -38.95 -16.01
CA ALA A 295 16.86 -39.67 -15.88
C ALA A 295 16.68 -40.99 -15.15
N ASN A 296 15.74 -41.06 -14.19
CA ASN A 296 15.52 -42.25 -13.37
C ASN A 296 14.26 -42.95 -13.88
N ASN A 297 14.44 -43.88 -14.80
CA ASN A 297 13.35 -44.69 -15.34
C ASN A 297 13.63 -46.16 -15.02
N VAL A 298 12.64 -46.81 -14.40
CA VAL A 298 12.80 -48.17 -13.91
C VAL A 298 11.77 -49.06 -14.62
N MET A 299 12.23 -50.18 -15.15
CA MET A 299 11.39 -51.15 -15.82
C MET A 299 11.23 -52.38 -14.94
N SER A 300 10.04 -53.00 -14.99
CA SER A 300 9.78 -54.20 -14.21
C SER A 300 8.65 -54.96 -14.87
N GLY A 301 8.45 -56.18 -14.43
CA GLY A 301 7.40 -57.03 -14.95
C GLY A 301 7.90 -57.99 -16.02
N GLY A 302 7.20 -59.11 -16.16
CA GLY A 302 7.60 -60.12 -17.13
C GLY A 302 7.51 -59.65 -18.57
N THR A 303 6.50 -58.85 -18.90
CA THR A 303 6.33 -58.39 -20.27
C THR A 303 7.50 -57.54 -20.73
N THR A 304 8.17 -56.86 -19.79
CA THR A 304 9.32 -56.02 -20.14
C THR A 304 10.57 -56.82 -20.48
N MET A 305 10.51 -58.15 -20.47
CA MET A 305 11.65 -58.98 -20.84
C MET A 305 11.59 -59.34 -22.33
N TYR A 306 11.62 -58.29 -23.15
CA TYR A 306 11.53 -58.42 -24.60
C TYR A 306 12.79 -57.89 -25.25
N PRO A 307 13.29 -58.54 -26.30
CA PRO A 307 14.48 -58.03 -27.01
C PRO A 307 14.15 -56.71 -27.72
N GLY A 308 14.85 -55.66 -27.33
CA GLY A 308 14.68 -54.36 -27.94
C GLY A 308 13.56 -53.51 -27.38
N ILE A 309 12.96 -53.91 -26.26
CA ILE A 309 11.89 -53.11 -25.67
C ILE A 309 12.46 -51.80 -25.11
N ALA A 310 13.65 -51.87 -24.52
CA ALA A 310 14.25 -50.66 -23.94
C ALA A 310 14.76 -49.72 -25.02
N ASP A 311 15.39 -50.26 -26.07
CA ASP A 311 15.92 -49.43 -27.13
C ASP A 311 14.81 -48.74 -27.91
N ARG A 312 13.69 -49.44 -28.14
CA ARG A 312 12.61 -48.88 -28.94
C ARG A 312 11.96 -47.70 -28.23
N MET A 313 11.60 -47.87 -26.95
CA MET A 313 10.90 -46.81 -26.24
C MET A 313 11.81 -45.60 -26.03
N GLN A 314 13.10 -45.84 -25.73
CA GLN A 314 14.03 -44.73 -25.54
C GLN A 314 14.13 -43.87 -26.80
N LYS A 315 14.10 -44.52 -27.98
CA LYS A 315 14.08 -43.77 -29.23
C LYS A 315 12.79 -42.97 -29.36
N GLU A 316 11.67 -43.54 -28.94
CA GLU A 316 10.39 -42.83 -29.07
C GLU A 316 10.27 -41.72 -28.03
N ILE A 317 10.74 -41.96 -26.80
CA ILE A 317 10.67 -40.94 -25.75
C ILE A 317 11.49 -39.72 -26.14
N THR A 318 12.69 -39.94 -26.69
CA THR A 318 13.53 -38.83 -27.11
C THR A 318 12.85 -37.98 -28.17
N ALA A 319 12.09 -38.63 -29.06
CA ALA A 319 11.35 -37.90 -30.09
C ALA A 319 10.25 -37.02 -29.51
N LEU A 320 9.89 -37.20 -28.25
CA LEU A 320 8.87 -36.39 -27.59
C LEU A 320 9.45 -35.44 -26.54
N ALA A 321 10.36 -35.94 -25.71
CA ALA A 321 10.93 -35.12 -24.64
C ALA A 321 11.83 -34.04 -25.23
N PRO A 322 12.03 -32.94 -24.49
CA PRO A 322 12.98 -31.92 -24.95
C PRO A 322 14.39 -32.48 -25.06
N SER A 323 15.10 -32.05 -26.11
CA SER A 323 16.41 -32.61 -26.41
C SER A 323 17.49 -32.14 -25.44
N THR A 324 17.23 -31.09 -24.66
CA THR A 324 18.25 -30.55 -23.78
C THR A 324 18.64 -31.55 -22.70
N MET A 325 17.67 -32.27 -22.16
CA MET A 325 17.91 -33.16 -21.03
C MET A 325 18.13 -34.60 -21.49
N LYS A 326 18.58 -35.43 -20.55
CA LYS A 326 19.03 -36.79 -20.84
C LYS A 326 17.99 -37.79 -20.34
N ILE A 327 17.65 -38.75 -21.20
CA ILE A 327 16.70 -39.81 -20.87
C ILE A 327 17.48 -41.10 -20.72
N LYS A 328 17.37 -41.72 -19.54
CA LYS A 328 18.06 -42.97 -19.25
C LYS A 328 17.06 -43.94 -18.65
N ILE A 329 17.03 -45.16 -19.18
CA ILE A 329 16.13 -46.21 -18.73
C ILE A 329 16.94 -47.32 -18.09
N ILE A 330 16.63 -47.64 -16.84
CA ILE A 330 17.32 -48.69 -16.09
C ILE A 330 16.53 -49.97 -16.26
N ALA A 331 17.19 -51.01 -16.79
CA ALA A 331 16.56 -52.29 -17.08
C ALA A 331 17.39 -53.40 -16.44
N PRO A 332 17.21 -53.63 -15.13
CA PRO A 332 17.95 -54.70 -14.48
C PRO A 332 17.53 -56.07 -15.02
N PRO A 333 18.43 -57.06 -15.00
CA PRO A 333 18.06 -58.38 -15.51
C PRO A 333 17.19 -59.20 -14.57
N GLU A 334 16.95 -58.73 -13.35
CA GLU A 334 16.10 -59.41 -12.39
C GLU A 334 14.70 -58.80 -12.32
N ARG A 335 14.31 -58.01 -13.33
CA ARG A 335 13.05 -57.29 -13.27
C ARG A 335 11.84 -58.22 -13.23
N LYS A 336 12.01 -59.49 -13.59
CA LYS A 336 10.90 -60.43 -13.47
C LYS A 336 10.47 -60.59 -12.01
N TYR A 337 11.45 -60.70 -11.10
CA TYR A 337 11.17 -60.85 -9.68
C TYR A 337 11.42 -59.56 -8.91
N SER A 338 11.47 -58.41 -9.60
CA SER A 338 11.80 -57.16 -8.93
C SER A 338 10.76 -56.80 -7.87
N VAL A 339 9.48 -57.07 -8.15
CA VAL A 339 8.44 -56.79 -7.18
C VAL A 339 8.63 -57.64 -5.92
N TRP A 340 8.95 -58.92 -6.10
CA TRP A 340 9.17 -59.78 -4.94
C TRP A 340 10.42 -59.37 -4.18
N ILE A 341 11.47 -58.95 -4.90
CA ILE A 341 12.72 -58.57 -4.24
C ILE A 341 12.49 -57.39 -3.29
N GLY A 342 11.72 -56.39 -3.74
CA GLY A 342 11.41 -55.27 -2.88
C GLY A 342 10.66 -55.65 -1.62
N GLY A 343 9.79 -56.64 -1.72
CA GLY A 343 9.07 -57.10 -0.53
C GLY A 343 9.99 -57.70 0.51
N SER A 344 10.98 -58.49 0.08
CA SER A 344 11.94 -59.04 1.01
C SER A 344 12.80 -57.95 1.64
N ILE A 345 13.20 -56.96 0.84
CA ILE A 345 13.98 -55.85 1.37
C ILE A 345 13.16 -55.03 2.37
N LEU A 346 11.91 -54.74 2.03
CA LEU A 346 11.07 -53.95 2.93
C LEU A 346 10.80 -54.70 4.22
N ALA A 347 10.56 -56.00 4.15
CA ALA A 347 10.38 -56.80 5.35
C ALA A 347 11.71 -56.96 6.09
N SER A 348 11.61 -57.37 7.35
CA SER A 348 12.74 -57.54 8.26
C SER A 348 13.47 -56.22 8.54
N LEU A 349 12.91 -55.09 8.11
CA LEU A 349 13.51 -53.80 8.39
C LEU A 349 13.24 -53.38 9.84
N SER A 350 14.18 -52.63 10.40
CA SER A 350 14.02 -52.19 11.78
C SER A 350 12.82 -51.26 11.95
N THR A 351 12.62 -50.36 10.99
CA THR A 351 11.51 -49.41 11.10
C THR A 351 10.17 -50.07 10.79
N PHE A 352 10.16 -51.14 10.00
CA PHE A 352 8.91 -51.73 9.56
C PHE A 352 8.21 -52.53 10.64
N GLN A 353 8.91 -52.87 11.74
CA GLN A 353 8.30 -53.66 12.80
C GLN A 353 7.17 -52.93 13.52
N GLN A 354 7.03 -51.62 13.33
CA GLN A 354 6.00 -50.83 13.99
C GLN A 354 4.92 -50.39 13.00
N MET A 355 4.69 -51.19 11.95
CA MET A 355 3.65 -50.87 10.99
C MET A 355 2.81 -52.09 10.61
N TRP A 356 3.13 -53.27 11.14
CA TRP A 356 2.34 -54.46 10.84
C TRP A 356 0.91 -54.31 11.34
N ILE A 357 -0.03 -54.83 10.57
CA ILE A 357 -1.44 -54.85 10.97
C ILE A 357 -1.65 -56.11 11.79
N THR A 358 -1.53 -55.98 13.11
CA THR A 358 -1.61 -57.13 13.99
C THR A 358 -3.06 -57.62 14.10
N LYS A 359 -3.20 -58.91 14.43
CA LYS A 359 -4.52 -59.50 14.57
C LYS A 359 -5.30 -58.87 15.72
N GLN A 360 -4.63 -58.61 16.84
CA GLN A 360 -5.31 -58.04 18.00
C GLN A 360 -5.82 -56.63 17.76
N GLU A 361 -5.37 -55.97 16.69
CA GLU A 361 -5.88 -54.65 16.33
C GLU A 361 -6.81 -54.69 15.11
N TYR A 362 -6.89 -55.81 14.41
CA TYR A 362 -7.78 -55.94 13.27
C TYR A 362 -9.24 -56.11 13.70
N ASP A 363 -9.47 -56.75 14.85
CA ASP A 363 -10.83 -57.04 15.28
C ASP A 363 -11.63 -55.77 15.52
N GLU A 364 -11.01 -54.78 16.17
CA GLU A 364 -11.72 -53.53 16.49
C GLU A 364 -12.04 -52.72 15.25
N ALA A 365 -11.34 -52.93 14.14
CA ALA A 365 -11.58 -52.17 12.92
C ALA A 365 -12.23 -52.99 11.81
N GLY A 366 -12.04 -54.30 11.79
CA GLY A 366 -12.64 -55.14 10.77
C GLY A 366 -11.88 -55.12 9.46
N PRO A 367 -12.50 -55.64 8.40
CA PRO A 367 -11.82 -55.69 7.10
C PRO A 367 -11.48 -54.32 6.52
N SER A 368 -12.12 -53.25 7.01
CA SER A 368 -11.85 -51.91 6.48
C SER A 368 -10.50 -51.35 6.93
N ILE A 369 -9.79 -52.06 7.82
CA ILE A 369 -8.54 -51.53 8.36
C ILE A 369 -7.46 -51.44 7.29
N VAL A 370 -7.58 -52.23 6.21
CA VAL A 370 -6.53 -52.25 5.18
C VAL A 370 -6.43 -50.91 4.49
N HIS A 371 -7.59 -50.28 4.21
CA HIS A 371 -7.58 -48.99 3.54
C HIS A 371 -6.87 -47.93 4.39
N ARG A 372 -7.02 -48.02 5.71
CA ARG A 372 -6.47 -47.00 6.60
C ARG A 372 -4.95 -47.10 6.70
N LYS A 373 -4.42 -48.32 6.80
CA LYS A 373 -3.01 -48.53 7.08
C LYS A 373 -2.19 -48.91 5.85
N CYS A 374 -2.75 -48.78 4.65
CA CYS A 374 -2.05 -49.12 3.43
C CYS A 374 -2.35 -48.09 2.35
N PHE A 375 -1.51 -48.06 1.32
CA PHE A 375 -1.67 -47.14 0.21
C PHE A 375 -2.99 -47.40 -0.52
N THR B 5 -30.30 -7.43 -42.28
CA THR B 5 -28.91 -7.44 -41.83
C THR B 5 -28.82 -7.50 -40.31
N THR B 6 -29.56 -8.43 -39.72
CA THR B 6 -29.54 -8.61 -38.28
C THR B 6 -28.18 -9.16 -37.85
N ALA B 7 -27.62 -8.59 -36.79
CA ALA B 7 -26.32 -9.03 -36.30
C ALA B 7 -26.40 -10.44 -35.73
N LEU B 8 -25.34 -11.20 -35.91
CA LEU B 8 -25.24 -12.55 -35.39
C LEU B 8 -24.43 -12.56 -34.08
N VAL B 9 -24.64 -13.62 -33.30
CA VAL B 9 -23.90 -13.84 -32.07
C VAL B 9 -23.46 -15.30 -32.05
N CYS B 10 -22.18 -15.52 -31.72
CA CYS B 10 -21.64 -16.88 -31.64
C CYS B 10 -20.77 -16.97 -30.39
N ASP B 11 -21.26 -17.68 -29.39
CA ASP B 11 -20.50 -17.89 -28.15
C ASP B 11 -19.77 -19.22 -28.28
N ASN B 12 -18.49 -19.14 -28.66
CA ASN B 12 -17.66 -20.32 -28.86
C ASN B 12 -17.06 -20.73 -27.52
N GLY B 13 -17.60 -21.80 -26.94
CA GLY B 13 -17.11 -22.33 -25.68
C GLY B 13 -16.29 -23.59 -25.88
N SER B 14 -15.71 -24.06 -24.77
CA SER B 14 -14.89 -25.26 -24.82
C SER B 14 -15.74 -26.50 -25.08
N GLY B 15 -16.96 -26.53 -24.57
CA GLY B 15 -17.79 -27.72 -24.69
C GLY B 15 -18.96 -27.60 -25.63
N LEU B 16 -19.60 -26.43 -25.69
CA LEU B 16 -20.80 -26.25 -26.48
C LEU B 16 -20.70 -24.97 -27.30
N VAL B 17 -21.31 -24.98 -28.48
CA VAL B 17 -21.37 -23.82 -29.36
C VAL B 17 -22.81 -23.33 -29.35
N LYS B 18 -23.00 -22.07 -28.96
CA LYS B 18 -24.31 -21.45 -28.88
C LYS B 18 -24.35 -20.27 -29.84
N ALA B 19 -25.18 -20.38 -30.89
CA ALA B 19 -25.25 -19.38 -31.93
C ALA B 19 -26.69 -18.98 -32.19
N GLY B 20 -26.88 -17.75 -32.63
CA GLY B 20 -28.20 -17.26 -32.93
C GLY B 20 -28.15 -15.79 -33.31
N PHE B 21 -29.32 -15.25 -33.63
CA PHE B 21 -29.42 -13.85 -34.03
C PHE B 21 -29.43 -12.94 -32.80
N ALA B 22 -29.12 -11.67 -33.03
CA ALA B 22 -29.10 -10.67 -31.99
C ALA B 22 -30.50 -10.09 -31.82
N GLY B 23 -31.03 -10.15 -30.59
CA GLY B 23 -32.37 -9.70 -30.26
C GLY B 23 -33.23 -10.77 -29.64
N ASP B 24 -33.04 -12.03 -30.06
CA ASP B 24 -33.82 -13.12 -29.50
C ASP B 24 -33.38 -13.41 -28.08
N ASP B 25 -34.20 -14.18 -27.36
CA ASP B 25 -33.96 -14.51 -25.97
C ASP B 25 -33.33 -15.87 -25.77
N ALA B 26 -33.04 -16.61 -26.85
CA ALA B 26 -32.46 -17.93 -26.73
C ALA B 26 -31.70 -18.27 -27.99
N PRO B 27 -30.59 -19.00 -27.90
CA PRO B 27 -29.86 -19.37 -29.12
C PRO B 27 -30.68 -20.26 -30.02
N ARG B 28 -30.54 -20.06 -31.33
CA ARG B 28 -31.24 -20.90 -32.29
C ARG B 28 -30.58 -22.27 -32.43
N ALA B 29 -29.26 -22.35 -32.31
CA ALA B 29 -28.52 -23.60 -32.45
C ALA B 29 -27.60 -23.78 -31.26
N VAL B 30 -27.74 -24.92 -30.58
CA VAL B 30 -26.88 -25.28 -29.45
C VAL B 30 -26.44 -26.73 -29.69
N PHE B 31 -25.18 -26.91 -30.08
CA PHE B 31 -24.65 -28.23 -30.39
C PHE B 31 -23.23 -28.34 -29.85
N PRO B 32 -22.77 -29.55 -29.55
CA PRO B 32 -21.43 -29.71 -28.99
C PRO B 32 -20.35 -29.26 -29.96
N SER B 33 -19.24 -28.79 -29.39
CA SER B 33 -18.09 -28.32 -30.16
C SER B 33 -17.03 -29.42 -30.25
N ILE B 34 -17.39 -30.49 -30.96
CA ILE B 34 -16.49 -31.60 -31.20
C ILE B 34 -16.51 -31.96 -32.68
N VAL B 35 -15.38 -32.48 -33.16
CA VAL B 35 -15.27 -33.03 -34.51
C VAL B 35 -14.68 -34.43 -34.40
N GLY B 36 -15.38 -35.40 -34.99
CA GLY B 36 -14.96 -36.79 -34.93
C GLY B 36 -14.69 -37.36 -36.31
N ARG B 37 -13.78 -38.33 -36.36
CA ARG B 37 -13.43 -39.01 -37.58
C ARG B 37 -13.41 -40.51 -37.36
N PRO B 38 -13.76 -41.29 -38.39
CA PRO B 38 -13.85 -42.75 -38.21
C PRO B 38 -12.50 -43.36 -37.86
N ARG B 39 -12.55 -44.45 -37.09
CA ARG B 39 -11.37 -45.17 -36.62
C ARG B 39 -11.45 -46.64 -36.93
N HIS B 40 -12.23 -47.02 -37.95
CA HIS B 40 -12.45 -48.42 -38.27
C HIS B 40 -12.40 -48.60 -39.79
N GLN B 41 -12.12 -49.84 -40.20
CA GLN B 41 -12.07 -50.16 -41.63
C GLN B 41 -13.48 -50.15 -42.21
N GLY B 42 -13.60 -49.58 -43.41
CA GLY B 42 -14.89 -49.55 -44.08
C GLY B 42 -15.13 -50.82 -44.86
N VAL B 43 -16.32 -51.39 -44.71
CA VAL B 43 -16.67 -52.64 -45.38
C VAL B 43 -17.82 -52.38 -46.36
N MET B 44 -18.94 -51.87 -45.84
CA MET B 44 -20.10 -51.59 -46.69
C MET B 44 -19.81 -50.39 -47.59
N VAL B 45 -19.98 -50.56 -48.89
CA VAL B 45 -19.71 -49.49 -49.85
C VAL B 45 -20.66 -48.32 -49.60
N GLY B 46 -21.93 -48.63 -49.39
CA GLY B 46 -22.94 -47.61 -49.17
C GLY B 46 -22.70 -46.75 -47.95
N MET B 47 -22.33 -47.39 -46.83
CA MET B 47 -22.04 -46.65 -45.60
C MET B 47 -20.58 -46.20 -45.62
N GLY B 48 -20.30 -45.11 -46.34
CA GLY B 48 -18.97 -44.54 -46.33
C GLY B 48 -18.96 -43.08 -45.95
N GLN B 49 -20.07 -42.38 -46.23
CA GLN B 49 -20.24 -40.96 -46.00
C GLN B 49 -18.97 -40.16 -46.29
N LYS B 50 -18.62 -39.26 -45.38
CA LYS B 50 -17.43 -38.43 -45.50
C LYS B 50 -16.63 -38.51 -44.21
N ASP B 51 -15.35 -38.15 -44.30
CA ASP B 51 -14.44 -38.17 -43.15
C ASP B 51 -14.51 -36.87 -42.36
N SER B 52 -15.73 -36.44 -42.03
CA SER B 52 -15.91 -35.22 -41.25
C SER B 52 -17.29 -35.27 -40.61
N TYR B 53 -17.32 -35.39 -39.29
CA TYR B 53 -18.56 -35.31 -38.51
C TYR B 53 -18.38 -34.23 -37.46
N VAL B 54 -19.26 -33.23 -37.46
CA VAL B 54 -19.13 -32.06 -36.59
C VAL B 54 -20.45 -31.81 -35.89
N GLY B 55 -20.39 -31.57 -34.58
CA GLY B 55 -21.57 -31.13 -33.86
C GLY B 55 -22.42 -32.30 -33.39
N ASP B 56 -23.72 -32.19 -33.64
CA ASP B 56 -24.65 -33.21 -33.16
C ASP B 56 -24.56 -34.50 -33.97
N GLU B 57 -24.19 -34.39 -35.25
CA GLU B 57 -24.05 -35.59 -36.08
C GLU B 57 -22.93 -36.49 -35.54
N ALA B 58 -21.82 -35.89 -35.11
CA ALA B 58 -20.72 -36.68 -34.56
C ALA B 58 -21.12 -37.34 -33.25
N GLN B 59 -21.92 -36.66 -32.43
CA GLN B 59 -22.32 -37.22 -31.15
C GLN B 59 -23.17 -38.47 -31.33
N SER B 60 -24.05 -38.47 -32.35
CA SER B 60 -24.90 -39.63 -32.59
C SER B 60 -24.09 -40.86 -32.96
N LYS B 61 -23.07 -40.68 -33.81
CA LYS B 61 -22.23 -41.78 -34.28
C LYS B 61 -20.98 -41.96 -33.44
N ARG B 62 -21.02 -41.60 -32.15
CA ARG B 62 -19.81 -41.60 -31.33
C ARG B 62 -19.27 -43.01 -31.06
N GLY B 63 -20.03 -44.06 -31.38
CA GLY B 63 -19.54 -45.41 -31.13
C GLY B 63 -18.35 -45.77 -31.99
N ILE B 64 -18.33 -45.31 -33.24
CA ILE B 64 -17.27 -45.64 -34.18
C ILE B 64 -16.45 -44.41 -34.55
N LEU B 65 -16.36 -43.42 -33.67
CA LEU B 65 -15.66 -42.18 -33.94
C LEU B 65 -14.67 -41.88 -32.83
N THR B 66 -13.67 -41.06 -33.15
CA THR B 66 -12.73 -40.52 -32.17
C THR B 66 -13.04 -39.04 -32.02
N LEU B 67 -13.49 -38.64 -30.84
CA LEU B 67 -13.94 -37.29 -30.60
C LEU B 67 -12.81 -36.44 -30.02
N LYS B 68 -12.58 -35.27 -30.61
CA LYS B 68 -11.55 -34.36 -30.16
C LYS B 68 -12.12 -32.96 -30.06
N TYR B 69 -11.90 -32.31 -28.92
CA TYR B 69 -12.34 -30.94 -28.72
C TYR B 69 -11.35 -29.98 -29.36
N PRO B 70 -11.75 -29.18 -30.34
CA PRO B 70 -10.82 -28.18 -30.90
C PRO B 70 -10.42 -27.10 -29.92
N ILE B 71 -11.17 -26.89 -28.84
CA ILE B 71 -10.88 -25.85 -27.86
C ILE B 71 -10.55 -26.53 -26.54
N GLU B 72 -9.47 -26.07 -25.91
CA GLU B 72 -9.06 -26.60 -24.62
C GLU B 72 -8.66 -25.47 -23.68
N HIC B 73 -9.27 -25.45 -22.49
CA HIC B 73 -9.03 -24.42 -21.49
C HIC B 73 -9.29 -23.01 -22.01
O HIC B 73 -8.63 -22.06 -21.61
CB HIC B 73 -7.61 -24.52 -20.95
CG HIC B 73 -7.40 -25.70 -20.05
ND1 HIC B 73 -8.37 -26.16 -19.22
CD2 HIC B 73 -6.27 -26.47 -19.91
CE1 HIC B 73 -7.84 -27.18 -18.59
NE2 HIC B 73 -6.58 -27.41 -18.98
CZ HIC B 73 -5.71 -28.47 -18.49
N GLY B 74 -10.24 -22.88 -22.93
CA GLY B 74 -10.58 -21.60 -23.49
C GLY B 74 -9.63 -21.14 -24.57
N ILE B 75 -8.60 -21.94 -24.84
CA ILE B 75 -7.58 -21.63 -25.84
C ILE B 75 -7.78 -22.58 -27.01
N ILE B 76 -7.97 -22.02 -28.21
CA ILE B 76 -8.16 -22.84 -29.40
C ILE B 76 -6.83 -23.50 -29.77
N THR B 77 -6.82 -24.83 -29.83
CA THR B 77 -5.61 -25.59 -30.12
C THR B 77 -5.55 -26.07 -31.57
N ASN B 78 -6.70 -26.40 -32.17
CA ASN B 78 -6.77 -26.84 -33.55
C ASN B 78 -7.53 -25.79 -34.36
N TRP B 79 -6.96 -25.39 -35.49
CA TRP B 79 -7.53 -24.32 -36.29
C TRP B 79 -8.18 -24.79 -37.59
N ASP B 80 -7.88 -26.02 -38.03
CA ASP B 80 -8.65 -26.59 -39.13
C ASP B 80 -10.01 -27.08 -38.65
N ASP B 81 -10.05 -27.67 -37.45
CA ASP B 81 -11.33 -28.10 -36.88
C ASP B 81 -12.22 -26.91 -36.55
N MET B 82 -11.64 -25.85 -35.99
CA MET B 82 -12.44 -24.69 -35.61
C MET B 82 -13.05 -24.03 -36.84
N GLU B 83 -12.32 -23.99 -37.95
CA GLU B 83 -12.88 -23.44 -39.18
C GLU B 83 -14.05 -24.29 -39.69
N LYS B 84 -14.02 -25.59 -39.41
CA LYS B 84 -15.14 -26.45 -39.80
C LYS B 84 -16.36 -26.20 -38.93
N ILE B 85 -16.15 -25.96 -37.63
CA ILE B 85 -17.26 -25.71 -36.73
C ILE B 85 -17.99 -24.42 -37.09
N TRP B 86 -17.23 -23.36 -37.37
CA TRP B 86 -17.85 -22.09 -37.73
C TRP B 86 -18.61 -22.19 -39.05
N HIS B 87 -18.06 -22.93 -40.01
CA HIS B 87 -18.78 -23.17 -41.26
C HIS B 87 -20.03 -24.00 -41.02
N HIS B 88 -19.99 -24.91 -40.04
CA HIS B 88 -21.19 -25.65 -39.67
C HIS B 88 -22.25 -24.74 -39.09
N THR B 89 -21.85 -23.79 -38.24
CA THR B 89 -22.82 -22.88 -37.63
C THR B 89 -23.44 -21.97 -38.67
N PHE B 90 -22.63 -21.37 -39.54
CA PHE B 90 -23.14 -20.35 -40.45
C PHE B 90 -23.96 -20.94 -41.59
N TYR B 91 -23.49 -22.03 -42.18
CA TYR B 91 -24.11 -22.57 -43.38
C TYR B 91 -24.97 -23.81 -43.14
N ASN B 92 -24.79 -24.51 -42.01
CA ASN B 92 -25.49 -25.77 -41.79
C ASN B 92 -26.49 -25.72 -40.66
N GLU B 93 -26.46 -24.72 -39.78
CA GLU B 93 -27.42 -24.61 -38.69
C GLU B 93 -28.27 -23.36 -38.77
N LEU B 94 -27.65 -22.18 -38.91
CA LEU B 94 -28.42 -20.94 -38.99
C LEU B 94 -29.01 -20.69 -40.37
N ARG B 95 -28.54 -21.40 -41.40
CA ARG B 95 -29.01 -21.21 -42.78
C ARG B 95 -28.84 -19.74 -43.21
N VAL B 96 -27.69 -19.16 -42.87
CA VAL B 96 -27.44 -17.76 -43.13
C VAL B 96 -26.21 -17.61 -44.02
N ALA B 97 -26.14 -16.48 -44.72
CA ALA B 97 -24.98 -16.14 -45.52
C ALA B 97 -24.15 -15.13 -44.76
N PRO B 98 -22.95 -15.48 -44.29
CA PRO B 98 -22.19 -14.58 -43.42
C PRO B 98 -21.59 -13.37 -44.11
N GLU B 99 -21.75 -13.22 -45.44
CA GLU B 99 -21.19 -12.06 -46.11
C GLU B 99 -22.09 -10.83 -46.01
N GLU B 100 -23.27 -10.95 -45.41
CA GLU B 100 -24.17 -9.81 -45.25
C GLU B 100 -24.63 -9.65 -43.79
N HIS B 101 -23.86 -10.18 -42.84
CA HIS B 101 -24.27 -10.11 -41.44
C HIS B 101 -23.07 -9.90 -40.53
N PRO B 102 -23.06 -8.84 -39.71
CA PRO B 102 -22.02 -8.71 -38.70
C PRO B 102 -22.12 -9.83 -37.67
N THR B 103 -20.98 -10.22 -37.12
CA THR B 103 -20.89 -11.34 -36.19
C THR B 103 -20.23 -10.88 -34.90
N LEU B 104 -20.71 -11.41 -33.78
CA LEU B 104 -20.12 -11.11 -32.47
C LEU B 104 -19.57 -12.39 -31.87
N LEU B 105 -18.43 -12.27 -31.19
CA LEU B 105 -17.74 -13.41 -30.60
C LEU B 105 -17.39 -13.09 -29.16
N THR B 106 -17.03 -14.14 -28.41
CA THR B 106 -16.65 -14.01 -27.01
C THR B 106 -15.32 -14.71 -26.77
N GLU B 107 -14.62 -14.27 -25.73
CA GLU B 107 -13.33 -14.85 -25.36
C GLU B 107 -13.12 -14.69 -23.87
N ALA B 108 -12.47 -15.67 -23.26
CA ALA B 108 -12.21 -15.62 -21.83
C ALA B 108 -11.11 -14.61 -21.51
N PRO B 109 -11.07 -14.09 -20.29
CA PRO B 109 -10.01 -13.15 -19.92
C PRO B 109 -8.69 -13.87 -19.70
N LEU B 110 -7.60 -13.08 -19.74
CA LEU B 110 -6.25 -13.59 -19.57
C LEU B 110 -5.91 -14.67 -20.59
N ASN B 111 -6.36 -14.48 -21.81
CA ASN B 111 -6.10 -15.42 -22.89
C ASN B 111 -5.00 -14.87 -23.80
N PRO B 112 -4.25 -15.74 -24.48
CA PRO B 112 -3.20 -15.28 -25.37
C PRO B 112 -3.76 -14.38 -26.48
N LYS B 113 -2.98 -13.33 -26.80
CA LYS B 113 -3.42 -12.37 -27.82
C LYS B 113 -3.37 -12.97 -29.21
N ALA B 114 -2.64 -14.06 -29.42
CA ALA B 114 -2.65 -14.73 -30.71
C ALA B 114 -4.02 -15.32 -31.00
N ASN B 115 -4.68 -15.84 -29.97
CA ASN B 115 -6.00 -16.45 -30.16
C ASN B 115 -7.01 -15.42 -30.68
N ARG B 116 -7.01 -14.22 -30.09
CA ARG B 116 -7.97 -13.20 -30.52
C ARG B 116 -7.62 -12.68 -31.91
N GLU B 117 -6.33 -12.58 -32.22
CA GLU B 117 -5.93 -12.08 -33.54
C GLU B 117 -6.31 -13.06 -34.64
N LYS B 118 -6.10 -14.37 -34.40
CA LYS B 118 -6.37 -15.35 -35.43
C LYS B 118 -7.88 -15.53 -35.65
N MET B 119 -8.69 -15.28 -34.63
CA MET B 119 -10.13 -15.32 -34.80
C MET B 119 -10.60 -14.26 -35.79
N THR B 120 -10.04 -13.05 -35.70
CA THR B 120 -10.36 -11.99 -36.65
C THR B 120 -9.87 -12.33 -38.05
N GLN B 121 -8.68 -12.92 -38.16
CA GLN B 121 -8.09 -13.19 -39.47
C GLN B 121 -8.94 -14.19 -40.25
N ILE B 122 -9.47 -15.22 -39.59
CA ILE B 122 -10.22 -16.26 -40.28
C ILE B 122 -11.53 -15.70 -40.82
N MET B 123 -12.28 -14.98 -39.98
CA MET B 123 -13.63 -14.56 -40.38
C MET B 123 -13.59 -13.47 -41.45
N PHE B 124 -12.66 -12.53 -41.34
CA PHE B 124 -12.62 -11.43 -42.29
C PHE B 124 -12.15 -11.89 -43.67
N GLU B 125 -11.26 -12.88 -43.71
CA GLU B 125 -10.66 -13.30 -44.97
C GLU B 125 -11.37 -14.49 -45.61
N THR B 126 -11.91 -15.41 -44.82
CA THR B 126 -12.58 -16.59 -45.35
C THR B 126 -14.10 -16.44 -45.37
N PHE B 127 -14.70 -16.11 -44.23
CA PHE B 127 -16.14 -15.94 -44.17
C PHE B 127 -16.62 -14.62 -44.77
N ASN B 128 -15.75 -13.61 -44.82
CA ASN B 128 -16.05 -12.33 -45.47
C ASN B 128 -17.16 -11.58 -44.75
N VAL B 129 -17.10 -11.56 -43.43
CA VAL B 129 -18.09 -10.82 -42.65
C VAL B 129 -17.82 -9.32 -42.78
N PRO B 130 -18.82 -8.49 -43.06
CA PRO B 130 -18.57 -7.04 -43.14
C PRO B 130 -18.15 -6.41 -41.83
N ALA B 131 -18.41 -7.04 -40.70
CA ALA B 131 -18.02 -6.49 -39.40
C ALA B 131 -17.91 -7.61 -38.39
N MET B 132 -17.25 -7.32 -37.28
CA MET B 132 -17.08 -8.31 -36.22
C MET B 132 -16.68 -7.60 -34.93
N TYR B 133 -16.74 -8.35 -33.84
CA TYR B 133 -16.38 -7.84 -32.52
C TYR B 133 -16.07 -9.01 -31.60
N VAL B 134 -15.34 -8.72 -30.53
CA VAL B 134 -15.00 -9.70 -29.50
C VAL B 134 -15.26 -9.07 -28.14
N ALA B 135 -15.94 -9.80 -27.26
CA ALA B 135 -16.29 -9.29 -25.94
C ALA B 135 -15.94 -10.33 -24.88
N ILE B 136 -15.52 -9.83 -23.71
CA ILE B 136 -15.19 -10.71 -22.60
C ILE B 136 -16.45 -11.40 -22.10
N GLN B 137 -16.33 -12.69 -21.79
CA GLN B 137 -17.50 -13.50 -21.43
C GLN B 137 -18.16 -12.98 -20.16
N ALA B 138 -17.36 -12.73 -19.12
CA ALA B 138 -17.95 -12.33 -17.83
C ALA B 138 -18.55 -10.93 -17.89
N VAL B 139 -18.10 -10.10 -18.82
CA VAL B 139 -18.74 -8.80 -19.01
C VAL B 139 -20.12 -8.96 -19.61
N LEU B 140 -20.26 -9.85 -20.61
CA LEU B 140 -21.56 -10.11 -21.20
C LEU B 140 -22.51 -10.79 -20.23
N SER B 141 -22.00 -11.43 -19.19
CA SER B 141 -22.87 -12.06 -18.19
C SER B 141 -23.61 -11.01 -17.38
N LEU B 142 -22.98 -9.86 -17.13
CA LEU B 142 -23.64 -8.78 -16.40
C LEU B 142 -24.69 -8.08 -17.23
N TYR B 143 -24.57 -8.12 -18.56
CA TYR B 143 -25.62 -7.56 -19.41
C TYR B 143 -26.93 -8.32 -19.26
N ALA B 144 -26.85 -9.65 -19.17
CA ALA B 144 -28.06 -10.46 -19.06
C ALA B 144 -28.81 -10.18 -17.77
N SER B 145 -28.09 -10.06 -16.65
CA SER B 145 -28.73 -9.76 -15.38
C SER B 145 -29.29 -8.34 -15.34
N GLY B 146 -28.85 -7.47 -16.25
CA GLY B 146 -29.26 -6.08 -16.24
C GLY B 146 -28.53 -5.21 -15.25
N ARG B 147 -27.62 -5.77 -14.46
CA ARG B 147 -26.88 -5.00 -13.48
C ARG B 147 -25.69 -4.29 -14.12
N THR B 148 -25.01 -3.46 -13.34
CA THR B 148 -23.79 -2.81 -13.77
C THR B 148 -22.62 -3.04 -12.84
N THR B 149 -22.84 -3.58 -11.64
CA THR B 149 -21.77 -3.88 -10.70
C THR B 149 -21.82 -5.36 -10.35
N GLY B 150 -20.93 -5.78 -9.46
CA GLY B 150 -20.91 -7.15 -9.01
C GLY B 150 -19.77 -7.94 -9.64
N ILE B 151 -19.25 -8.89 -8.87
CA ILE B 151 -18.15 -9.74 -9.34
C ILE B 151 -18.74 -11.01 -9.94
N VAL B 152 -18.45 -11.24 -11.22
CA VAL B 152 -19.03 -12.36 -11.96
C VAL B 152 -18.09 -13.54 -11.86
N LEU B 153 -18.61 -14.67 -11.37
CA LEU B 153 -17.86 -15.93 -11.36
C LEU B 153 -18.42 -16.82 -12.45
N ASP B 154 -17.67 -16.95 -13.55
CA ASP B 154 -18.07 -17.76 -14.69
C ASP B 154 -17.26 -19.05 -14.67
N SER B 155 -17.96 -20.18 -14.79
CA SER B 155 -17.33 -21.51 -14.77
C SER B 155 -17.89 -22.30 -15.94
N GLY B 156 -17.15 -22.36 -17.02
CA GLY B 156 -17.54 -23.12 -18.20
C GLY B 156 -17.00 -24.53 -18.20
N ASP B 157 -16.70 -25.03 -19.39
CA ASP B 157 -16.15 -26.38 -19.51
C ASP B 157 -14.67 -26.42 -19.18
N GLY B 158 -13.91 -25.38 -19.50
CA GLY B 158 -12.47 -25.42 -19.34
C GLY B 158 -11.85 -24.40 -18.42
N VAL B 159 -12.51 -23.26 -18.22
CA VAL B 159 -11.92 -22.15 -17.49
C VAL B 159 -12.88 -21.68 -16.40
N THR B 160 -12.34 -20.99 -15.41
CA THR B 160 -13.11 -20.47 -14.28
C THR B 160 -12.47 -19.15 -13.86
N HIS B 161 -13.15 -18.03 -14.13
CA HIS B 161 -12.57 -16.71 -13.91
C HIS B 161 -13.56 -15.83 -13.15
N ASN B 162 -12.99 -14.89 -12.38
CA ASN B 162 -13.76 -13.87 -11.68
C ASN B 162 -13.37 -12.50 -12.23
N VAL B 163 -14.35 -11.70 -12.60
CA VAL B 163 -14.13 -10.38 -13.14
C VAL B 163 -14.93 -9.37 -12.30
N PRO B 164 -14.29 -8.74 -11.32
CA PRO B 164 -15.00 -7.74 -10.51
C PRO B 164 -15.27 -6.48 -11.32
N ILE B 165 -16.50 -5.96 -11.19
CA ILE B 165 -16.95 -4.78 -11.90
C ILE B 165 -17.63 -3.85 -10.91
N TYR B 166 -17.37 -2.56 -11.02
CA TYR B 166 -17.97 -1.55 -10.15
C TYR B 166 -18.47 -0.39 -11.01
N GLU B 167 -19.79 -0.30 -11.16
CA GLU B 167 -20.44 0.80 -11.87
C GLU B 167 -19.93 0.95 -13.29
N GLY B 168 -19.67 -0.17 -13.95
CA GLY B 168 -19.27 -0.16 -15.34
C GLY B 168 -17.79 0.03 -15.60
N TYR B 169 -16.96 0.03 -14.55
CA TYR B 169 -15.52 0.15 -14.70
C TYR B 169 -14.89 -1.12 -14.14
N ALA B 170 -14.26 -1.90 -15.01
CA ALA B 170 -13.67 -3.16 -14.60
C ALA B 170 -12.42 -2.92 -13.76
N LEU B 171 -11.95 -4.00 -13.13
CA LEU B 171 -10.77 -3.97 -12.27
C LEU B 171 -9.81 -5.04 -12.77
N PRO B 172 -9.10 -4.76 -13.88
CA PRO B 172 -8.27 -5.81 -14.49
C PRO B 172 -7.14 -6.30 -13.60
N HIS B 173 -6.74 -5.54 -12.59
CA HIS B 173 -5.67 -5.99 -11.69
C HIS B 173 -6.16 -6.98 -10.65
N ALA B 174 -7.47 -7.22 -10.57
CA ALA B 174 -8.03 -8.16 -9.61
C ALA B 174 -8.68 -9.37 -10.29
N ILE B 175 -8.55 -9.49 -11.61
CA ILE B 175 -9.14 -10.61 -12.33
C ILE B 175 -8.38 -11.89 -12.01
N MET B 176 -9.11 -12.93 -11.61
CA MET B 176 -8.54 -14.24 -11.37
C MET B 176 -8.95 -15.19 -12.51
N ARG B 177 -8.23 -16.29 -12.62
CA ARG B 177 -8.52 -17.30 -13.63
C ARG B 177 -8.01 -18.64 -13.16
N LEU B 178 -8.84 -19.67 -13.30
CA LEU B 178 -8.50 -21.03 -12.89
C LEU B 178 -8.77 -21.98 -14.03
N ASP B 179 -7.94 -23.01 -14.14
CA ASP B 179 -8.10 -24.03 -15.17
C ASP B 179 -8.93 -25.21 -14.69
N LEU B 180 -9.48 -25.14 -13.48
CA LEU B 180 -10.35 -26.18 -12.95
C LEU B 180 -11.79 -25.86 -13.36
N ALA B 181 -12.43 -26.80 -14.06
CA ALA B 181 -13.76 -26.56 -14.60
C ALA B 181 -14.44 -27.90 -14.83
N GLY B 182 -15.52 -27.90 -15.60
CA GLY B 182 -16.32 -29.11 -15.77
C GLY B 182 -15.54 -30.25 -16.40
N ARG B 183 -14.72 -29.95 -17.42
CA ARG B 183 -13.97 -31.01 -18.09
C ARG B 183 -13.00 -31.68 -17.13
N ASP B 184 -12.32 -30.91 -16.29
CA ASP B 184 -11.44 -31.50 -15.29
C ASP B 184 -12.21 -32.26 -14.22
N LEU B 185 -13.50 -31.94 -14.03
CA LEU B 185 -14.33 -32.69 -13.09
C LEU B 185 -14.75 -34.03 -13.67
N THR B 186 -15.00 -34.08 -14.98
CA THR B 186 -15.35 -35.35 -15.62
C THR B 186 -14.21 -36.35 -15.52
N ASP B 187 -12.97 -35.90 -15.76
CA ASP B 187 -11.83 -36.81 -15.71
C ASP B 187 -11.62 -37.35 -14.30
N TYR B 188 -11.80 -36.51 -13.28
CA TYR B 188 -11.69 -36.98 -11.91
C TYR B 188 -12.79 -37.96 -11.55
N LEU B 189 -13.97 -37.82 -12.17
CA LEU B 189 -15.06 -38.74 -11.90
C LEU B 189 -14.70 -40.15 -12.38
N MET B 190 -14.03 -40.25 -13.53
CA MET B 190 -13.60 -41.56 -14.03
C MET B 190 -12.63 -42.23 -13.06
N LYS B 191 -11.70 -41.45 -12.51
CA LYS B 191 -10.69 -42.03 -11.63
C LYS B 191 -11.31 -42.65 -10.38
N ILE B 192 -12.28 -41.96 -9.78
CA ILE B 192 -12.93 -42.50 -8.58
C ILE B 192 -14.03 -43.50 -8.91
N LEU B 193 -14.43 -43.62 -10.17
CA LEU B 193 -15.40 -44.65 -10.54
C LEU B 193 -14.76 -46.04 -10.56
N THR B 194 -13.47 -46.12 -10.90
CA THR B 194 -12.75 -47.38 -10.82
C THR B 194 -12.50 -47.82 -9.38
N GLU B 195 -12.75 -46.94 -8.41
CA GLU B 195 -12.59 -47.32 -7.01
C GLU B 195 -13.56 -48.43 -6.61
N ARG B 196 -14.68 -48.54 -7.30
CA ARG B 196 -15.69 -49.55 -6.98
C ARG B 196 -15.84 -50.64 -8.03
N GLY B 197 -15.26 -50.47 -9.22
CA GLY B 197 -15.25 -51.53 -10.20
C GLY B 197 -15.47 -51.13 -11.64
N TYR B 198 -16.17 -50.01 -11.87
CA TYR B 198 -16.49 -49.58 -13.22
C TYR B 198 -15.34 -48.77 -13.79
N SER B 199 -14.83 -49.18 -14.94
CA SER B 199 -13.71 -48.52 -15.60
C SER B 199 -14.19 -47.93 -16.92
N PHE B 200 -13.95 -46.63 -17.10
CA PHE B 200 -14.33 -45.92 -18.33
C PHE B 200 -13.07 -45.27 -18.89
N VAL B 201 -12.45 -45.92 -19.89
CA VAL B 201 -11.29 -45.34 -20.55
C VAL B 201 -11.50 -45.35 -22.06
N THR B 202 -12.07 -44.26 -22.59
CA THR B 202 -12.33 -44.08 -24.01
C THR B 202 -12.82 -42.66 -24.21
N THR B 203 -12.58 -42.12 -25.41
CA THR B 203 -13.16 -40.83 -25.75
C THR B 203 -14.68 -40.91 -25.84
N ALA B 204 -15.20 -42.01 -26.38
CA ALA B 204 -16.65 -42.17 -26.48
C ALA B 204 -17.29 -42.37 -25.10
N GLU B 205 -16.56 -42.97 -24.17
CA GLU B 205 -17.06 -43.14 -22.80
C GLU B 205 -16.83 -41.90 -21.94
N ARG B 206 -16.17 -40.86 -22.46
CA ARG B 206 -16.14 -39.58 -21.76
C ARG B 206 -17.51 -38.92 -21.77
N GLU B 207 -18.26 -39.09 -22.86
CA GLU B 207 -19.62 -38.56 -22.92
C GLU B 207 -20.53 -39.26 -21.92
N ILE B 208 -20.35 -40.57 -21.76
CA ILE B 208 -21.18 -41.33 -20.82
C ILE B 208 -20.94 -40.86 -19.39
N VAL B 209 -19.66 -40.70 -19.02
CA VAL B 209 -19.34 -40.27 -17.66
C VAL B 209 -19.79 -38.84 -17.43
N ARG B 210 -19.72 -37.99 -18.46
CA ARG B 210 -20.17 -36.62 -18.32
C ARG B 210 -21.67 -36.57 -18.03
N ASP B 211 -22.46 -37.41 -18.70
CA ASP B 211 -23.90 -37.42 -18.47
C ASP B 211 -24.24 -37.91 -17.07
N ILE B 212 -23.42 -38.80 -16.50
CA ILE B 212 -23.61 -39.19 -15.10
C ILE B 212 -23.39 -37.98 -14.19
N LYS B 213 -22.38 -37.17 -14.50
CA LYS B 213 -22.10 -35.99 -13.70
C LYS B 213 -23.24 -34.98 -13.79
N GLU B 214 -23.82 -34.82 -14.98
CA GLU B 214 -24.90 -33.85 -15.18
C GLU B 214 -26.20 -34.27 -14.52
N LYS B 215 -26.30 -35.50 -14.00
CA LYS B 215 -27.55 -36.02 -13.46
C LYS B 215 -27.50 -36.29 -11.97
N LEU B 216 -26.51 -37.06 -11.51
CA LEU B 216 -26.50 -37.57 -10.15
C LEU B 216 -25.41 -36.94 -9.28
N CYS B 217 -24.93 -35.76 -9.63
CA CYS B 217 -23.88 -35.08 -8.88
C CYS B 217 -24.43 -33.82 -8.22
N TYR B 218 -24.07 -33.62 -6.96
CA TYR B 218 -24.48 -32.45 -6.20
C TYR B 218 -23.39 -32.07 -5.23
N VAL B 219 -23.40 -30.81 -4.80
CA VAL B 219 -22.40 -30.31 -3.87
C VAL B 219 -22.90 -30.50 -2.44
N ALA B 220 -22.10 -31.14 -1.62
CA ALA B 220 -22.46 -31.36 -0.23
C ALA B 220 -22.29 -30.07 0.57
N LEU B 221 -23.22 -29.84 1.50
CA LEU B 221 -23.13 -28.67 2.36
C LEU B 221 -22.05 -28.82 3.43
N ASP B 222 -21.76 -30.05 3.86
CA ASP B 222 -20.70 -30.28 4.84
C ASP B 222 -20.04 -31.61 4.50
N PHE B 223 -18.81 -31.54 3.98
CA PHE B 223 -18.13 -32.74 3.51
C PHE B 223 -17.84 -33.71 4.65
N GLU B 224 -17.37 -33.19 5.79
CA GLU B 224 -17.02 -34.07 6.90
C GLU B 224 -18.24 -34.79 7.47
N ASN B 225 -19.36 -34.08 7.60
CA ASN B 225 -20.54 -34.69 8.21
C ASN B 225 -21.22 -35.65 7.25
N GLU B 226 -21.21 -35.35 5.96
CA GLU B 226 -21.86 -36.23 4.99
C GLU B 226 -21.03 -37.46 4.64
N MET B 227 -19.74 -37.47 5.00
CA MET B 227 -18.94 -38.67 4.79
C MET B 227 -19.40 -39.81 5.69
N ALA B 228 -19.72 -39.51 6.95
CA ALA B 228 -20.26 -40.53 7.85
C ALA B 228 -21.65 -40.98 7.40
N THR B 229 -22.45 -40.05 6.89
CA THR B 229 -23.79 -40.39 6.44
C THR B 229 -23.74 -41.37 5.26
N ALA B 230 -22.82 -41.14 4.32
CA ALA B 230 -22.72 -42.01 3.15
C ALA B 230 -22.30 -43.43 3.55
N ALA B 231 -21.38 -43.56 4.50
CA ALA B 231 -20.90 -44.87 4.89
C ALA B 231 -21.96 -45.66 5.65
N SER B 232 -22.60 -45.02 6.64
CA SER B 232 -23.55 -45.73 7.48
C SER B 232 -24.87 -45.97 6.75
N SER B 233 -25.37 -44.97 6.03
CA SER B 233 -26.67 -45.04 5.38
C SER B 233 -26.50 -45.25 3.88
N SER B 234 -27.35 -46.12 3.32
CA SER B 234 -27.35 -46.41 1.89
C SER B 234 -28.45 -45.64 1.15
N SER B 235 -28.79 -44.44 1.64
CA SER B 235 -29.86 -43.66 1.03
C SER B 235 -29.41 -42.84 -0.16
N LEU B 236 -28.11 -42.71 -0.40
CA LEU B 236 -27.58 -41.89 -1.49
C LEU B 236 -27.27 -42.71 -2.74
N GLU B 237 -27.53 -44.01 -2.74
CA GLU B 237 -27.13 -44.89 -3.84
C GLU B 237 -28.09 -44.70 -5.01
N LYS B 238 -27.82 -43.67 -5.81
CA LYS B 238 -28.54 -43.47 -7.05
C LYS B 238 -28.04 -44.45 -8.12
N SER B 239 -28.89 -44.69 -9.11
CA SER B 239 -28.60 -45.65 -10.17
C SER B 239 -28.69 -44.97 -11.53
N TYR B 240 -27.81 -45.37 -12.44
CA TYR B 240 -27.79 -44.88 -13.80
C TYR B 240 -27.73 -46.07 -14.75
N GLU B 241 -28.42 -45.95 -15.88
CA GLU B 241 -28.48 -47.02 -16.87
C GLU B 241 -27.65 -46.65 -18.08
N LEU B 242 -26.69 -47.49 -18.42
CA LEU B 242 -25.82 -47.29 -19.56
C LEU B 242 -26.58 -47.58 -20.86
N PRO B 243 -26.08 -47.08 -22.00
CA PRO B 243 -26.79 -47.34 -23.27
C PRO B 243 -26.96 -48.81 -23.60
N ASP B 244 -26.04 -49.68 -23.19
CA ASP B 244 -26.16 -51.10 -23.46
C ASP B 244 -27.18 -51.79 -22.58
N GLY B 245 -27.54 -51.20 -21.44
CA GLY B 245 -28.49 -51.78 -20.51
C GLY B 245 -27.93 -52.02 -19.12
N GLN B 246 -26.62 -52.01 -18.96
CA GLN B 246 -26.02 -52.21 -17.65
C GLN B 246 -26.29 -51.00 -16.75
N VAL B 247 -26.43 -51.27 -15.45
CA VAL B 247 -26.70 -50.24 -14.47
C VAL B 247 -25.53 -50.15 -13.49
N ILE B 248 -25.31 -48.95 -12.96
CA ILE B 248 -24.26 -48.69 -11.99
C ILE B 248 -24.87 -47.96 -10.79
N THR B 249 -24.18 -48.06 -9.66
CA THR B 249 -24.58 -47.38 -8.44
C THR B 249 -23.41 -46.57 -7.92
N ILE B 250 -23.66 -45.30 -7.57
CA ILE B 250 -22.63 -44.40 -7.09
C ILE B 250 -23.01 -43.91 -5.71
N GLY B 251 -22.08 -44.01 -4.76
CA GLY B 251 -22.29 -43.57 -3.40
C GLY B 251 -21.59 -42.27 -3.08
N ASN B 252 -20.43 -42.36 -2.44
CA ASN B 252 -19.65 -41.17 -2.11
C ASN B 252 -19.21 -40.40 -3.35
N GLU B 253 -19.17 -41.04 -4.51
CA GLU B 253 -18.76 -40.39 -5.74
C GLU B 253 -19.76 -39.34 -6.23
N ARG B 254 -20.97 -39.30 -5.65
CA ARG B 254 -21.97 -38.34 -6.09
C ARG B 254 -21.54 -36.91 -5.77
N PHE B 255 -21.00 -36.68 -4.58
CA PHE B 255 -20.63 -35.33 -4.17
C PHE B 255 -19.13 -35.11 -4.08
N ARG B 256 -18.31 -36.16 -4.19
CA ARG B 256 -16.86 -35.96 -4.18
C ARG B 256 -16.39 -35.29 -5.46
N CYS B 257 -17.02 -35.60 -6.59
CA CYS B 257 -16.63 -34.98 -7.85
C CYS B 257 -16.85 -33.47 -7.86
N PRO B 258 -18.02 -32.93 -7.49
CA PRO B 258 -18.16 -31.47 -7.48
C PRO B 258 -17.46 -30.81 -6.32
N GLU B 259 -17.09 -31.55 -5.27
CA GLU B 259 -16.35 -30.99 -4.15
C GLU B 259 -14.91 -30.65 -4.52
N THR B 260 -14.43 -31.09 -5.68
CA THR B 260 -13.11 -30.71 -6.15
C THR B 260 -13.01 -29.20 -6.39
N LEU B 261 -14.13 -28.57 -6.78
CA LEU B 261 -14.12 -27.13 -7.00
C LEU B 261 -13.75 -26.36 -5.76
N PHE B 262 -14.09 -26.89 -4.58
CA PHE B 262 -13.77 -26.22 -3.32
C PHE B 262 -12.47 -26.72 -2.71
N GLN B 263 -12.00 -27.90 -3.09
CA GLN B 263 -10.70 -28.43 -2.67
C GLN B 263 -9.96 -28.92 -3.90
N PRO B 264 -9.28 -28.01 -4.61
CA PRO B 264 -8.55 -28.43 -5.82
C PRO B 264 -7.41 -29.40 -5.55
N SER B 265 -6.99 -29.56 -4.29
CA SER B 265 -5.92 -30.49 -3.95
C SER B 265 -6.31 -31.95 -4.19
N PHE B 266 -7.60 -32.24 -4.40
CA PHE B 266 -8.02 -33.60 -4.70
C PHE B 266 -7.45 -34.09 -6.02
N ILE B 267 -7.35 -33.20 -7.00
CA ILE B 267 -6.79 -33.55 -8.30
C ILE B 267 -5.31 -33.13 -8.40
N GLY B 268 -4.66 -32.87 -7.26
CA GLY B 268 -3.25 -32.56 -7.24
C GLY B 268 -2.89 -31.10 -7.38
N MET B 269 -3.86 -30.23 -7.66
CA MET B 269 -3.56 -28.82 -7.82
C MET B 269 -3.26 -28.18 -6.46
N GLU B 270 -2.63 -27.01 -6.51
CA GLU B 270 -2.28 -26.27 -5.31
C GLU B 270 -3.17 -25.06 -5.06
N SER B 271 -3.84 -24.54 -6.08
CA SER B 271 -4.66 -23.35 -5.92
C SER B 271 -5.81 -23.60 -4.95
N ALA B 272 -6.37 -22.52 -4.45
CA ALA B 272 -7.48 -22.60 -3.50
C ALA B 272 -8.80 -22.78 -4.25
N GLY B 273 -9.85 -23.07 -3.49
CA GLY B 273 -11.15 -23.30 -4.08
C GLY B 273 -11.76 -22.04 -4.64
N ILE B 274 -12.91 -22.21 -5.30
CA ILE B 274 -13.58 -21.07 -5.92
C ILE B 274 -14.13 -20.10 -4.89
N HIS B 275 -14.33 -20.56 -3.64
CA HIS B 275 -14.82 -19.64 -2.62
C HIS B 275 -13.72 -18.70 -2.15
N GLU B 276 -12.50 -19.21 -1.97
CA GLU B 276 -11.39 -18.35 -1.57
C GLU B 276 -10.87 -17.51 -2.73
N THR B 277 -10.99 -18.01 -3.97
CA THR B 277 -10.59 -17.21 -5.12
C THR B 277 -11.46 -15.96 -5.24
N THR B 278 -12.77 -16.10 -5.06
CA THR B 278 -13.66 -14.94 -5.10
C THR B 278 -13.39 -13.99 -3.95
N TYR B 279 -13.18 -14.53 -2.75
CA TYR B 279 -12.90 -13.70 -1.59
C TYR B 279 -11.58 -12.96 -1.74
N ASN B 280 -10.55 -13.63 -2.26
CA ASN B 280 -9.27 -12.98 -2.48
C ASN B 280 -9.33 -11.98 -3.61
N SER B 281 -10.21 -12.20 -4.60
CA SER B 281 -10.40 -11.23 -5.67
C SER B 281 -11.09 -9.98 -5.15
N ILE B 282 -12.00 -10.12 -4.19
CA ILE B 282 -12.66 -8.95 -3.63
C ILE B 282 -11.69 -8.13 -2.77
N MET B 283 -10.87 -8.81 -1.98
CA MET B 283 -9.89 -8.09 -1.15
C MET B 283 -8.76 -7.47 -1.97
N LYS B 284 -8.65 -7.81 -3.25
CA LYS B 284 -7.70 -7.12 -4.12
C LYS B 284 -8.27 -5.85 -4.72
N CYS B 285 -9.56 -5.58 -4.52
CA CYS B 285 -10.19 -4.36 -4.98
C CYS B 285 -10.08 -3.29 -3.90
N ASP B 286 -10.56 -2.09 -4.22
CA ASP B 286 -10.51 -0.99 -3.28
C ASP B 286 -11.44 -1.24 -2.10
N ILE B 287 -11.04 -0.73 -0.93
CA ILE B 287 -11.81 -0.92 0.29
C ILE B 287 -13.18 -0.25 0.21
N ASP B 288 -13.33 0.75 -0.66
CA ASP B 288 -14.61 1.43 -0.78
C ASP B 288 -15.62 0.62 -1.57
N ILE B 289 -15.18 -0.12 -2.59
CA ILE B 289 -16.11 -0.86 -3.45
C ILE B 289 -16.40 -2.26 -2.94
N ARG B 290 -15.72 -2.71 -1.88
CA ARG B 290 -15.95 -4.06 -1.37
C ARG B 290 -17.38 -4.24 -0.86
N LYS B 291 -18.03 -3.14 -0.46
CA LYS B 291 -19.41 -3.23 0.00
C LYS B 291 -20.33 -3.71 -1.12
N ASP B 292 -20.18 -3.17 -2.32
CA ASP B 292 -21.04 -3.55 -3.43
C ASP B 292 -20.70 -4.94 -3.93
N LEU B 293 -19.41 -5.29 -3.95
CA LEU B 293 -18.99 -6.58 -4.50
C LEU B 293 -19.53 -7.74 -3.68
N TYR B 294 -19.52 -7.62 -2.35
CA TYR B 294 -20.03 -8.70 -1.50
C TYR B 294 -21.51 -8.94 -1.74
N ALA B 295 -22.29 -7.87 -1.92
CA ALA B 295 -23.73 -8.01 -2.07
C ALA B 295 -24.12 -8.65 -3.39
N ASN B 296 -23.39 -8.37 -4.46
CA ASN B 296 -23.73 -8.85 -5.80
C ASN B 296 -22.68 -9.88 -6.24
N ASN B 297 -23.02 -11.16 -6.08
CA ASN B 297 -22.18 -12.27 -6.54
C ASN B 297 -22.97 -13.01 -7.62
N VAL B 298 -22.64 -12.77 -8.87
CA VAL B 298 -23.37 -13.32 -10.01
C VAL B 298 -22.67 -14.58 -10.47
N MET B 299 -23.40 -15.69 -10.49
CA MET B 299 -22.90 -16.93 -11.04
C MET B 299 -23.27 -17.04 -12.52
N SER B 300 -22.49 -17.84 -13.25
CA SER B 300 -22.76 -18.09 -14.66
C SER B 300 -22.07 -19.39 -15.05
N GLY B 301 -22.25 -19.80 -16.30
CA GLY B 301 -21.64 -21.02 -16.79
C GLY B 301 -22.35 -22.27 -16.36
N GLY B 302 -22.25 -23.32 -17.17
CA GLY B 302 -22.95 -24.56 -16.87
C GLY B 302 -22.45 -25.27 -15.62
N THR B 303 -21.16 -25.15 -15.33
CA THR B 303 -20.59 -25.84 -14.17
C THR B 303 -21.24 -25.37 -12.86
N THR B 304 -21.75 -24.14 -12.84
CA THR B 304 -22.40 -23.58 -11.67
C THR B 304 -23.86 -24.03 -11.52
N MET B 305 -24.25 -25.12 -12.16
CA MET B 305 -25.61 -25.63 -12.09
C MET B 305 -25.76 -26.80 -11.11
N TYR B 306 -24.73 -27.09 -10.33
CA TYR B 306 -24.82 -28.16 -9.36
C TYR B 306 -25.85 -27.81 -8.30
N PRO B 307 -26.76 -28.72 -7.95
CA PRO B 307 -27.67 -28.46 -6.83
C PRO B 307 -26.92 -28.27 -5.52
N GLY B 308 -26.97 -27.06 -4.96
CA GLY B 308 -26.28 -26.74 -3.73
C GLY B 308 -24.99 -25.97 -3.89
N ILE B 309 -24.62 -25.59 -5.11
CA ILE B 309 -23.40 -24.82 -5.31
C ILE B 309 -23.56 -23.41 -4.76
N ALA B 310 -24.74 -22.81 -4.93
CA ALA B 310 -24.96 -21.46 -4.42
C ALA B 310 -25.04 -21.46 -2.90
N ASP B 311 -25.61 -22.51 -2.32
CA ASP B 311 -25.70 -22.60 -0.86
C ASP B 311 -24.31 -22.76 -0.24
N ARG B 312 -23.46 -23.58 -0.86
CA ARG B 312 -22.16 -23.86 -0.27
C ARG B 312 -21.24 -22.64 -0.33
N MET B 313 -21.25 -21.91 -1.44
CA MET B 313 -20.42 -20.71 -1.55
C MET B 313 -20.85 -19.66 -0.54
N GLN B 314 -22.15 -19.48 -0.35
CA GLN B 314 -22.66 -18.49 0.60
C GLN B 314 -22.23 -18.83 2.02
N LYS B 315 -22.21 -20.12 2.36
CA LYS B 315 -21.79 -20.54 3.68
C LYS B 315 -20.28 -20.38 3.85
N GLU B 316 -19.50 -20.72 2.81
CA GLU B 316 -18.05 -20.69 2.93
C GLU B 316 -17.51 -19.26 2.94
N ILE B 317 -18.06 -18.39 2.10
CA ILE B 317 -17.60 -17.01 2.02
C ILE B 317 -17.90 -16.27 3.32
N THR B 318 -19.04 -16.58 3.95
CA THR B 318 -19.42 -15.92 5.20
C THR B 318 -18.35 -16.11 6.27
N ALA B 319 -17.71 -17.28 6.31
CA ALA B 319 -16.65 -17.50 7.27
C ALA B 319 -15.46 -16.58 7.03
N LEU B 320 -15.13 -16.34 5.75
CA LEU B 320 -13.99 -15.49 5.44
C LEU B 320 -14.31 -14.02 5.67
N ALA B 321 -15.50 -13.57 5.28
CA ALA B 321 -15.86 -12.18 5.40
C ALA B 321 -16.13 -11.81 6.85
N PRO B 322 -16.04 -10.52 7.19
CA PRO B 322 -16.41 -10.08 8.54
C PRO B 322 -17.89 -10.29 8.80
N SER B 323 -18.23 -10.47 10.08
CA SER B 323 -19.59 -10.79 10.45
C SER B 323 -20.57 -9.67 10.08
N THR B 324 -20.08 -8.42 10.01
CA THR B 324 -20.95 -7.32 9.63
C THR B 324 -21.41 -7.46 8.18
N MET B 325 -20.52 -7.93 7.30
CA MET B 325 -20.81 -7.99 5.89
C MET B 325 -21.94 -8.98 5.61
N LYS B 326 -22.74 -8.67 4.58
CA LYS B 326 -23.81 -9.54 4.13
C LYS B 326 -23.47 -10.06 2.73
N ILE B 327 -23.75 -11.34 2.50
CA ILE B 327 -23.41 -12.01 1.25
C ILE B 327 -24.68 -12.45 0.57
N LYS B 328 -24.83 -12.10 -0.71
CA LYS B 328 -25.97 -12.51 -1.52
C LYS B 328 -25.46 -13.04 -2.84
N ILE B 329 -25.72 -14.32 -3.11
CA ILE B 329 -25.27 -14.98 -4.33
C ILE B 329 -26.45 -15.00 -5.30
N ILE B 330 -26.29 -14.35 -6.44
CA ILE B 330 -27.33 -14.29 -7.46
C ILE B 330 -27.11 -15.43 -8.44
N ALA B 331 -28.07 -16.34 -8.53
CA ALA B 331 -27.99 -17.52 -9.38
C ALA B 331 -29.24 -17.56 -10.25
N PRO B 332 -29.25 -16.83 -11.36
CA PRO B 332 -30.42 -16.86 -12.24
C PRO B 332 -30.62 -18.26 -12.81
N PRO B 333 -31.87 -18.66 -13.05
CA PRO B 333 -32.11 -20.00 -13.60
C PRO B 333 -31.57 -20.20 -15.01
N GLU B 334 -31.33 -19.11 -15.75
CA GLU B 334 -30.86 -19.17 -17.13
C GLU B 334 -29.34 -19.12 -17.22
N ARG B 335 -28.62 -19.49 -16.15
CA ARG B 335 -27.18 -19.28 -16.10
C ARG B 335 -26.44 -20.35 -16.90
N LYS B 336 -26.86 -20.57 -18.13
CA LYS B 336 -26.14 -21.40 -19.09
C LYS B 336 -25.99 -20.71 -20.44
N TYR B 337 -27.02 -19.98 -20.87
CA TYR B 337 -26.96 -19.15 -22.06
C TYR B 337 -26.80 -17.68 -21.72
N SER B 338 -26.50 -17.37 -20.46
CA SER B 338 -26.47 -15.97 -20.01
C SER B 338 -25.41 -15.17 -20.76
N VAL B 339 -24.26 -15.79 -21.04
CA VAL B 339 -23.22 -15.11 -21.80
C VAL B 339 -23.72 -14.80 -23.21
N TRP B 340 -24.52 -15.70 -23.79
CA TRP B 340 -25.08 -15.44 -25.11
C TRP B 340 -26.09 -14.30 -25.08
N ILE B 341 -26.97 -14.29 -24.07
CA ILE B 341 -28.01 -13.27 -24.02
C ILE B 341 -27.40 -11.88 -23.89
N GLY B 342 -26.30 -11.78 -23.14
CA GLY B 342 -25.59 -10.51 -23.07
C GLY B 342 -25.11 -10.04 -24.43
N GLY B 343 -24.66 -10.97 -25.27
CA GLY B 343 -24.27 -10.59 -26.61
C GLY B 343 -25.42 -10.12 -27.47
N SER B 344 -26.58 -10.79 -27.36
CA SER B 344 -27.75 -10.35 -28.10
C SER B 344 -28.25 -9.00 -27.61
N ILE B 345 -28.15 -8.74 -26.31
CA ILE B 345 -28.50 -7.43 -25.77
C ILE B 345 -27.54 -6.37 -26.29
N LEU B 346 -26.24 -6.65 -26.22
CA LEU B 346 -25.24 -5.65 -26.60
C LEU B 346 -25.32 -5.30 -28.08
N ALA B 347 -25.50 -6.30 -28.94
CA ALA B 347 -25.51 -6.06 -30.39
C ALA B 347 -26.72 -5.29 -30.86
N SER B 348 -27.75 -5.12 -30.01
CA SER B 348 -28.94 -4.37 -30.38
C SER B 348 -28.89 -2.91 -29.93
N LEU B 349 -28.01 -2.56 -28.99
CA LEU B 349 -27.92 -1.19 -28.52
C LEU B 349 -27.44 -0.27 -29.63
N SER B 350 -27.97 0.96 -29.65
CA SER B 350 -27.54 1.94 -30.64
C SER B 350 -26.21 2.57 -30.30
N THR B 351 -25.77 2.48 -29.04
CA THR B 351 -24.44 2.97 -28.69
C THR B 351 -23.35 2.04 -29.19
N PHE B 352 -23.63 0.74 -29.28
CA PHE B 352 -22.66 -0.23 -29.76
C PHE B 352 -22.47 -0.17 -31.27
N GLN B 353 -23.38 0.46 -32.00
CA GLN B 353 -23.31 0.47 -33.46
C GLN B 353 -22.05 1.14 -33.99
N GLN B 354 -21.39 1.96 -33.17
CA GLN B 354 -20.16 2.62 -33.58
C GLN B 354 -18.91 1.83 -33.24
N MET B 355 -19.04 0.69 -32.56
CA MET B 355 -17.90 -0.12 -32.15
C MET B 355 -17.62 -1.28 -33.09
N TRP B 356 -18.36 -1.40 -34.19
CA TRP B 356 -18.11 -2.46 -35.14
C TRP B 356 -16.76 -2.26 -35.82
N ILE B 357 -16.02 -3.36 -36.00
CA ILE B 357 -14.77 -3.34 -36.75
C ILE B 357 -15.12 -3.60 -38.21
N THR B 358 -15.21 -2.53 -39.00
CA THR B 358 -15.65 -2.65 -40.36
C THR B 358 -14.51 -3.12 -41.27
N LYS B 359 -14.83 -3.28 -42.56
CA LYS B 359 -13.83 -3.75 -43.52
C LYS B 359 -12.71 -2.75 -43.69
N GLN B 360 -13.04 -1.46 -43.78
CA GLN B 360 -12.04 -0.44 -44.08
C GLN B 360 -11.03 -0.29 -42.94
N GLU B 361 -11.35 -0.75 -41.74
CA GLU B 361 -10.42 -0.66 -40.64
C GLU B 361 -9.49 -1.87 -40.56
N TYR B 362 -9.99 -3.06 -40.91
CA TYR B 362 -9.19 -4.27 -40.77
C TYR B 362 -8.01 -4.28 -41.73
N ASP B 363 -8.25 -4.00 -43.01
CA ASP B 363 -7.19 -4.13 -44.00
C ASP B 363 -6.06 -3.15 -43.76
N GLU B 364 -6.39 -1.92 -43.37
CA GLU B 364 -5.36 -0.92 -43.11
C GLU B 364 -4.48 -1.33 -41.93
N ALA B 365 -5.09 -1.83 -40.86
CA ALA B 365 -4.36 -2.19 -39.65
C ALA B 365 -3.87 -3.63 -39.68
N GLY B 366 -4.78 -4.58 -39.87
CA GLY B 366 -4.44 -5.98 -39.86
C GLY B 366 -5.16 -6.75 -38.79
N PRO B 367 -4.81 -8.03 -38.63
CA PRO B 367 -5.46 -8.85 -37.59
C PRO B 367 -5.21 -8.38 -36.17
N SER B 368 -4.27 -7.46 -35.96
CA SER B 368 -3.95 -6.97 -34.63
C SER B 368 -4.77 -5.75 -34.22
N ILE B 369 -5.78 -5.38 -35.03
CA ILE B 369 -6.59 -4.21 -34.72
C ILE B 369 -7.52 -4.42 -33.53
N VAL B 370 -7.71 -5.67 -33.09
CA VAL B 370 -8.65 -5.94 -32.01
C VAL B 370 -8.20 -5.26 -30.72
N HIS B 371 -6.90 -5.28 -30.44
CA HIS B 371 -6.39 -4.66 -29.22
C HIS B 371 -6.63 -3.15 -29.24
N ARG B 372 -6.60 -2.53 -30.42
CA ARG B 372 -6.82 -1.09 -30.54
C ARG B 372 -8.29 -0.71 -30.70
N LYS B 373 -9.17 -1.69 -30.91
CA LYS B 373 -10.59 -1.42 -31.09
C LYS B 373 -11.48 -1.98 -29.98
N CYS B 374 -10.99 -2.94 -29.21
CA CYS B 374 -11.75 -3.51 -28.10
C CYS B 374 -10.77 -3.81 -26.96
N PHE B 375 -11.25 -4.51 -25.95
CA PHE B 375 -10.42 -4.84 -24.80
C PHE B 375 -10.37 -6.34 -24.56
N THR C 5 34.49 -12.14 23.33
CA THR C 5 33.51 -12.79 22.47
C THR C 5 33.12 -11.89 21.31
N THR C 6 33.24 -12.42 20.09
CA THR C 6 32.89 -11.66 18.90
C THR C 6 31.37 -11.50 18.80
N ALA C 7 30.96 -10.47 18.08
CA ALA C 7 29.54 -10.17 17.90
C ALA C 7 28.98 -10.89 16.68
N LEU C 8 27.67 -10.85 16.55
CA LEU C 8 26.96 -11.45 15.42
C LEU C 8 26.06 -10.42 14.76
N VAL C 9 25.86 -10.58 13.45
CA VAL C 9 24.96 -9.74 12.68
C VAL C 9 24.07 -10.66 11.85
N CYS C 10 22.76 -10.37 11.85
CA CYS C 10 21.80 -11.16 11.07
C CYS C 10 20.74 -10.21 10.53
N ASP C 11 20.83 -9.90 9.25
CA ASP C 11 19.88 -9.00 8.57
C ASP C 11 18.70 -9.84 8.10
N ASN C 12 17.64 -9.87 8.91
CA ASN C 12 16.44 -10.64 8.58
C ASN C 12 15.67 -9.92 7.49
N GLY C 13 15.85 -10.37 6.25
CA GLY C 13 15.11 -9.79 5.13
C GLY C 13 13.80 -10.50 4.85
N SER C 14 13.04 -9.93 3.93
CA SER C 14 11.76 -10.53 3.56
C SER C 14 11.95 -11.76 2.70
N GLY C 15 12.95 -11.76 1.82
CA GLY C 15 13.17 -12.87 0.91
C GLY C 15 14.44 -13.65 1.18
N LEU C 16 15.46 -13.00 1.70
CA LEU C 16 16.75 -13.63 1.97
C LEU C 16 17.21 -13.27 3.37
N VAL C 17 17.86 -14.22 4.03
CA VAL C 17 18.43 -14.01 5.35
C VAL C 17 19.95 -13.98 5.21
N LYS C 18 20.55 -12.84 5.54
CA LYS C 18 21.99 -12.65 5.43
C LYS C 18 22.55 -12.48 6.84
N ALA C 19 23.33 -13.46 7.29
CA ALA C 19 23.90 -13.46 8.63
C ALA C 19 25.35 -13.88 8.56
N GLY C 20 26.13 -13.42 9.55
CA GLY C 20 27.55 -13.72 9.59
C GLY C 20 28.21 -13.30 10.88
N PHE C 21 29.38 -12.68 10.77
CA PHE C 21 30.15 -12.25 11.93
C PHE C 21 30.56 -10.80 11.77
N ALA C 22 30.73 -10.12 12.90
CA ALA C 22 31.10 -8.72 12.89
C ALA C 22 32.54 -8.56 12.39
N GLY C 23 32.75 -7.61 11.48
CA GLY C 23 34.04 -7.35 10.91
C GLY C 23 34.32 -8.05 9.60
N ASP C 24 33.55 -9.08 9.26
CA ASP C 24 33.74 -9.79 8.01
C ASP C 24 33.35 -8.90 6.83
N ASP C 25 34.00 -9.14 5.69
CA ASP C 25 33.69 -8.37 4.49
C ASP C 25 32.37 -8.83 3.86
N ALA C 26 32.07 -10.12 3.95
CA ALA C 26 30.89 -10.69 3.33
C ALA C 26 30.16 -11.59 4.31
N PRO C 27 28.84 -11.76 4.15
CA PRO C 27 28.10 -12.67 5.02
C PRO C 27 28.57 -14.10 4.86
N ARG C 28 28.58 -14.85 5.97
CA ARG C 28 28.98 -16.24 5.94
C ARG C 28 27.87 -17.17 5.47
N ALA C 29 26.61 -16.77 5.61
CA ALA C 29 25.49 -17.64 5.27
C ALA C 29 24.32 -16.79 4.79
N VAL C 30 24.05 -16.85 3.48
CA VAL C 30 22.88 -16.21 2.89
C VAL C 30 22.03 -17.30 2.25
N PHE C 31 20.77 -17.39 2.68
CA PHE C 31 19.84 -18.39 2.16
C PHE C 31 18.45 -17.79 2.14
N PRO C 32 17.59 -18.22 1.21
CA PRO C 32 16.24 -17.67 1.14
C PRO C 32 15.46 -17.93 2.42
N SER C 33 14.60 -16.98 2.77
CA SER C 33 13.76 -17.08 3.97
C SER C 33 12.42 -17.71 3.60
N ILE C 34 12.48 -19.01 3.32
CA ILE C 34 11.30 -19.79 2.97
C ILE C 34 11.29 -21.06 3.82
N VAL C 35 10.11 -21.42 4.30
CA VAL C 35 9.90 -22.66 5.04
C VAL C 35 8.86 -23.47 4.28
N GLY C 36 9.24 -24.67 3.85
CA GLY C 36 8.37 -25.51 3.07
C GLY C 36 8.01 -26.79 3.81
N ARG C 37 6.82 -27.29 3.53
CA ARG C 37 6.33 -28.54 4.11
C ARG C 37 5.78 -29.43 3.01
N PRO C 38 5.92 -30.75 3.14
CA PRO C 38 5.40 -31.64 2.10
C PRO C 38 3.89 -31.59 2.00
N ARG C 39 3.39 -31.77 0.77
CA ARG C 39 1.96 -31.81 0.52
C ARG C 39 1.48 -33.15 -0.03
N HIS C 40 2.38 -33.99 -0.50
CA HIS C 40 2.01 -35.30 -1.03
C HIS C 40 2.06 -36.34 0.08
N GLN C 41 1.96 -37.62 -0.30
CA GLN C 41 1.89 -38.72 0.66
C GLN C 41 3.22 -39.44 0.71
N GLY C 42 3.71 -39.69 1.93
CA GLY C 42 4.98 -40.37 2.12
C GLY C 42 4.87 -41.87 2.02
N VAL C 43 4.76 -42.38 0.79
CA VAL C 43 4.58 -43.81 0.58
C VAL C 43 5.80 -44.58 1.06
N MET C 44 7.00 -44.10 0.72
CA MET C 44 8.22 -44.78 1.13
C MET C 44 8.43 -44.67 2.63
N VAL C 45 8.96 -45.73 3.23
CA VAL C 45 9.22 -45.78 4.67
C VAL C 45 10.64 -46.30 4.88
N GLY C 46 11.08 -46.26 6.14
CA GLY C 46 12.43 -46.66 6.47
C GLY C 46 13.49 -45.69 6.00
N MET C 47 13.13 -44.43 5.80
CA MET C 47 14.04 -43.42 5.29
C MET C 47 13.92 -42.15 6.11
N GLY C 48 15.01 -41.40 6.20
CA GLY C 48 15.02 -40.15 6.94
C GLY C 48 14.14 -39.09 6.30
N GLN C 49 13.01 -38.78 6.95
CA GLN C 49 12.05 -37.83 6.44
C GLN C 49 11.89 -36.68 7.42
N LYS C 50 11.82 -35.46 6.88
CA LYS C 50 11.61 -34.26 7.68
C LYS C 50 10.38 -33.52 7.18
N ASP C 51 9.77 -32.74 8.07
CA ASP C 51 8.60 -31.94 7.75
C ASP C 51 8.84 -30.45 7.91
N SER C 52 10.10 -30.03 8.08
CA SER C 52 10.44 -28.65 8.37
C SER C 52 11.59 -28.18 7.48
N TYR C 53 11.48 -28.44 6.18
CA TYR C 53 12.50 -27.98 5.24
C TYR C 53 12.50 -26.46 5.20
N VAL C 54 13.62 -25.86 5.60
CA VAL C 54 13.73 -24.42 5.76
C VAL C 54 14.96 -23.92 5.02
N GLY C 55 14.78 -22.86 4.23
CA GLY C 55 15.89 -22.21 3.58
C GLY C 55 16.40 -22.89 2.33
N ASP C 56 17.68 -23.27 2.34
CA ASP C 56 18.29 -23.89 1.16
C ASP C 56 17.74 -25.29 0.92
N GLU C 57 17.43 -26.03 1.98
CA GLU C 57 16.88 -27.37 1.80
C GLU C 57 15.54 -27.34 1.08
N ALA C 58 14.67 -26.40 1.44
CA ALA C 58 13.36 -26.31 0.81
C ALA C 58 13.44 -25.89 -0.65
N GLN C 59 14.47 -25.11 -1.00
CA GLN C 59 14.61 -24.64 -2.38
C GLN C 59 14.92 -25.80 -3.33
N SER C 60 15.73 -26.76 -2.88
CA SER C 60 16.13 -27.86 -3.75
C SER C 60 14.96 -28.80 -4.00
N LYS C 61 14.17 -29.10 -2.97
CA LYS C 61 13.05 -30.03 -3.06
C LYS C 61 11.72 -29.33 -3.30
N ARG C 62 11.73 -28.18 -3.99
CA ARG C 62 10.53 -27.38 -4.12
C ARG C 62 9.45 -28.04 -4.99
N GLY C 63 9.78 -29.11 -5.71
CA GLY C 63 8.78 -29.81 -6.49
C GLY C 63 7.73 -30.50 -5.65
N ILE C 64 8.11 -30.96 -4.45
CA ILE C 64 7.22 -31.71 -3.58
C ILE C 64 6.88 -30.91 -2.32
N LEU C 65 7.04 -29.58 -2.36
CA LEU C 65 6.82 -28.75 -1.19
C LEU C 65 6.00 -27.53 -1.58
N THR C 66 5.31 -26.97 -0.60
CA THR C 66 4.63 -25.69 -0.75
C THR C 66 5.46 -24.64 -0.03
N LEU C 67 5.94 -23.65 -0.79
CA LEU C 67 6.87 -22.66 -0.26
C LEU C 67 6.10 -21.45 0.25
N LYS C 68 6.33 -21.10 1.52
CA LYS C 68 5.67 -19.97 2.16
C LYS C 68 6.71 -19.05 2.76
N TYR C 69 6.50 -17.75 2.60
CA TYR C 69 7.41 -16.74 3.15
C TYR C 69 6.90 -16.31 4.51
N PRO C 70 7.67 -16.52 5.58
CA PRO C 70 7.22 -16.08 6.91
C PRO C 70 7.10 -14.57 7.04
N ILE C 71 7.73 -13.80 6.16
CA ILE C 71 7.70 -12.34 6.22
C ILE C 71 7.01 -11.83 4.96
N GLU C 72 5.94 -11.06 5.14
CA GLU C 72 5.26 -10.41 4.03
C GLU C 72 5.21 -8.90 4.24
N HIC C 73 5.64 -8.16 3.22
CA HIC C 73 5.68 -6.70 3.26
C HIC C 73 6.51 -6.17 4.43
O HIC C 73 6.23 -5.10 4.97
CB HIC C 73 4.25 -6.13 3.34
CG HIC C 73 3.44 -6.44 2.13
ND1 HIC C 73 3.87 -6.11 0.87
CD2 HIC C 73 2.23 -7.06 2.05
CE1 HIC C 73 2.92 -6.52 0.06
NE2 HIC C 73 1.90 -7.10 0.73
CZ HIC C 73 0.71 -7.67 0.15
N GLY C 74 7.54 -6.92 4.81
CA GLY C 74 8.46 -6.50 5.84
C GLY C 74 7.98 -6.72 7.26
N ILE C 75 6.76 -7.23 7.41
CA ILE C 75 6.16 -7.47 8.72
C ILE C 75 6.09 -8.98 8.95
N ILE C 76 6.69 -9.44 10.05
CA ILE C 76 6.69 -10.85 10.39
C ILE C 76 5.32 -11.23 10.93
N THR C 77 4.75 -12.30 10.38
CA THR C 77 3.46 -12.81 10.83
C THR C 77 3.53 -14.22 11.38
N ASN C 78 4.17 -15.14 10.65
CA ASN C 78 4.32 -16.52 11.11
C ASN C 78 5.50 -16.55 12.06
N TRP C 79 5.21 -16.34 13.35
CA TRP C 79 6.27 -16.25 14.35
C TRP C 79 6.86 -17.59 14.70
N ASP C 80 6.15 -18.69 14.45
CA ASP C 80 6.74 -20.01 14.64
C ASP C 80 7.66 -20.38 13.48
N ASP C 81 7.42 -19.82 12.29
CA ASP C 81 8.34 -20.03 11.17
C ASP C 81 9.61 -19.23 11.35
N MET C 82 9.51 -18.00 11.90
CA MET C 82 10.69 -17.19 12.13
C MET C 82 11.61 -17.80 13.18
N GLU C 83 11.03 -18.49 14.18
CA GLU C 83 11.85 -19.17 15.16
C GLU C 83 12.67 -20.29 14.50
N LYS C 84 12.07 -20.99 13.54
CA LYS C 84 12.80 -22.03 12.82
C LYS C 84 13.95 -21.43 12.02
N ILE C 85 13.71 -20.31 11.34
CA ILE C 85 14.77 -19.68 10.55
C ILE C 85 15.90 -19.18 11.45
N TRP C 86 15.55 -18.54 12.56
CA TRP C 86 16.58 -18.08 13.49
C TRP C 86 17.35 -19.25 14.08
N HIS C 87 16.66 -20.34 14.42
CA HIS C 87 17.35 -21.52 14.91
C HIS C 87 18.19 -22.16 13.81
N HIS C 88 17.72 -22.09 12.56
CA HIS C 88 18.50 -22.61 11.44
C HIS C 88 19.78 -21.82 11.26
N THR C 89 19.70 -20.49 11.38
CA THR C 89 20.88 -19.65 11.20
C THR C 89 21.88 -19.84 12.35
N PHE C 90 21.39 -19.86 13.59
CA PHE C 90 22.28 -19.89 14.74
C PHE C 90 23.00 -21.23 14.88
N TYR C 91 22.35 -22.33 14.54
CA TYR C 91 22.88 -23.66 14.82
C TYR C 91 23.33 -24.43 13.59
N ASN C 92 22.72 -24.21 12.43
CA ASN C 92 23.03 -24.98 11.24
C ASN C 92 23.91 -24.23 10.26
N GLU C 93 23.52 -23.01 9.87
CA GLU C 93 24.31 -22.28 8.87
C GLU C 93 25.60 -21.74 9.46
N LEU C 94 25.55 -21.24 10.70
CA LEU C 94 26.72 -20.65 11.33
C LEU C 94 27.39 -21.57 12.34
N ARG C 95 26.63 -22.46 12.98
CA ARG C 95 27.14 -23.37 14.00
C ARG C 95 27.79 -22.59 15.15
N VAL C 96 26.98 -21.77 15.81
CA VAL C 96 27.43 -20.94 16.92
C VAL C 96 26.48 -21.13 18.10
N ALA C 97 26.95 -20.72 19.28
CA ALA C 97 26.14 -20.79 20.49
C ALA C 97 25.57 -19.41 20.79
N PRO C 98 24.24 -19.24 20.76
CA PRO C 98 23.68 -17.89 20.96
C PRO C 98 24.00 -17.30 22.32
N GLU C 99 24.14 -18.13 23.36
CA GLU C 99 24.31 -17.61 24.72
C GLU C 99 25.69 -17.02 24.97
N GLU C 100 26.63 -17.16 24.04
CA GLU C 100 27.98 -16.64 24.21
C GLU C 100 28.33 -15.53 23.23
N HIS C 101 27.42 -15.16 22.33
CA HIS C 101 27.72 -14.19 21.29
C HIS C 101 26.66 -13.10 21.27
N PRO C 102 27.04 -11.83 21.41
CA PRO C 102 26.08 -10.75 21.22
C PRO C 102 25.59 -10.69 19.78
N THR C 103 24.35 -10.23 19.62
CA THR C 103 23.68 -10.23 18.32
C THR C 103 23.23 -8.83 17.96
N LEU C 104 23.23 -8.53 16.66
CA LEU C 104 22.69 -7.31 16.10
C LEU C 104 21.69 -7.67 15.02
N LEU C 105 20.55 -6.98 15.00
CA LEU C 105 19.48 -7.24 14.06
C LEU C 105 19.06 -5.94 13.38
N THR C 106 18.48 -6.08 12.19
CA THR C 106 18.09 -4.93 11.40
C THR C 106 16.61 -4.96 11.11
N GLU C 107 15.94 -3.81 11.26
CA GLU C 107 14.49 -3.74 11.12
C GLU C 107 14.09 -2.47 10.38
N ALA C 108 13.15 -2.61 9.45
CA ALA C 108 12.77 -1.49 8.59
C ALA C 108 12.04 -0.42 9.39
N PRO C 109 12.13 0.84 8.96
CA PRO C 109 11.38 1.91 9.62
C PRO C 109 9.91 1.87 9.25
N LEU C 110 9.12 2.66 9.98
CA LEU C 110 7.67 2.71 9.81
C LEU C 110 7.06 1.32 9.93
N ASN C 111 7.52 0.58 10.93
CA ASN C 111 7.10 -0.79 11.21
C ASN C 111 6.23 -0.78 12.46
N PRO C 112 5.25 -1.69 12.57
CA PRO C 112 4.40 -1.70 13.76
C PRO C 112 5.22 -1.88 15.03
N LYS C 113 4.78 -1.20 16.09
CA LYS C 113 5.49 -1.24 17.37
C LYS C 113 5.48 -2.65 17.96
N ALA C 114 4.46 -3.45 17.63
CA ALA C 114 4.36 -4.80 18.16
C ALA C 114 5.45 -5.71 17.60
N ASN C 115 5.93 -5.42 16.39
CA ASN C 115 6.97 -6.26 15.78
C ASN C 115 8.26 -6.21 16.60
N ARG C 116 8.62 -5.03 17.11
CA ARG C 116 9.88 -4.88 17.82
C ARG C 116 9.90 -5.67 19.13
N GLU C 117 8.82 -5.63 19.90
CA GLU C 117 8.81 -6.31 21.20
C GLU C 117 8.92 -7.83 21.02
N LYS C 118 8.18 -8.38 20.06
CA LYS C 118 8.21 -9.84 19.86
C LYS C 118 9.59 -10.31 19.45
N MET C 119 10.26 -9.57 18.57
CA MET C 119 11.59 -9.97 18.12
C MET C 119 12.59 -9.97 19.27
N THR C 120 12.51 -8.96 20.15
CA THR C 120 13.39 -8.94 21.32
C THR C 120 13.05 -10.07 22.29
N GLN C 121 11.76 -10.35 22.47
CA GLN C 121 11.36 -11.37 23.45
C GLN C 121 11.90 -12.75 23.08
N ILE C 122 11.83 -13.11 21.79
CA ILE C 122 12.27 -14.43 21.37
C ILE C 122 13.76 -14.62 21.65
N MET C 123 14.57 -13.61 21.30
CA MET C 123 16.01 -13.78 21.34
C MET C 123 16.54 -13.80 22.78
N PHE C 124 15.93 -13.02 23.67
CA PHE C 124 16.38 -12.95 25.06
C PHE C 124 15.89 -14.11 25.91
N GLU C 125 14.91 -14.87 25.44
CA GLU C 125 14.36 -15.99 26.20
C GLU C 125 14.60 -17.33 25.52
N THR C 126 14.18 -17.48 24.26
CA THR C 126 14.36 -18.76 23.57
C THR C 126 15.83 -19.05 23.34
N PHE C 127 16.61 -18.05 22.91
CA PHE C 127 18.02 -18.24 22.63
C PHE C 127 18.93 -17.74 23.74
N ASN C 128 18.44 -16.86 24.61
CA ASN C 128 19.18 -16.38 25.78
C ASN C 128 20.51 -15.73 25.38
N VAL C 129 20.44 -14.79 24.44
CA VAL C 129 21.62 -14.03 24.02
C VAL C 129 22.00 -13.08 25.14
N PRO C 130 23.29 -12.74 25.29
CA PRO C 130 23.69 -11.82 26.37
C PRO C 130 23.44 -10.37 26.05
N ALA C 131 23.48 -10.01 24.76
CA ALA C 131 23.29 -8.63 24.36
C ALA C 131 22.66 -8.61 22.97
N MET C 132 21.87 -7.57 22.72
CA MET C 132 21.11 -7.47 21.48
C MET C 132 20.83 -6.00 21.15
N TYR C 133 20.86 -5.68 19.87
CA TYR C 133 20.54 -4.33 19.41
C TYR C 133 19.78 -4.41 18.09
N VAL C 134 18.91 -3.42 17.85
CA VAL C 134 18.12 -3.33 16.63
C VAL C 134 18.41 -1.99 15.99
N ALA C 135 18.76 -2.02 14.70
CA ALA C 135 19.13 -0.82 13.96
C ALA C 135 18.31 -0.74 12.68
N ILE C 136 18.16 0.49 12.17
CA ILE C 136 17.37 0.73 10.99
C ILE C 136 18.11 0.24 9.75
N GLN C 137 17.35 -0.21 8.75
CA GLN C 137 17.95 -0.72 7.51
C GLN C 137 18.66 0.40 6.74
N ALA C 138 18.01 1.56 6.61
CA ALA C 138 18.57 2.61 5.78
C ALA C 138 19.75 3.30 6.46
N VAL C 139 19.80 3.30 7.79
CA VAL C 139 20.94 3.88 8.49
C VAL C 139 22.18 3.04 8.25
N LEU C 140 22.05 1.72 8.34
CA LEU C 140 23.18 0.83 8.08
C LEU C 140 23.58 0.85 6.60
N SER C 141 22.65 1.17 5.70
CA SER C 141 22.98 1.22 4.29
C SER C 141 23.95 2.36 3.98
N LEU C 142 23.77 3.50 4.64
CA LEU C 142 24.66 4.63 4.40
C LEU C 142 26.01 4.45 5.06
N TYR C 143 26.08 3.68 6.15
CA TYR C 143 27.37 3.40 6.78
C TYR C 143 28.27 2.58 5.88
N ALA C 144 27.67 1.78 4.99
CA ALA C 144 28.46 1.00 4.04
C ALA C 144 29.21 1.90 3.08
N SER C 145 28.56 2.96 2.60
CA SER C 145 29.20 3.92 1.71
C SER C 145 30.24 4.78 2.42
N GLY C 146 30.32 4.72 3.75
CA GLY C 146 31.21 5.55 4.51
C GLY C 146 30.67 6.92 4.85
N ARG C 147 29.51 7.28 4.33
CA ARG C 147 28.90 8.58 4.56
C ARG C 147 28.14 8.60 5.89
N THR C 148 27.66 9.79 6.25
CA THR C 148 26.78 9.96 7.39
C THR C 148 25.63 10.91 7.10
N THR C 149 25.48 11.35 5.85
CA THR C 149 24.41 12.26 5.47
C THR C 149 24.02 11.99 4.02
N GLY C 150 22.78 11.62 3.81
CA GLY C 150 22.29 11.32 2.48
C GLY C 150 20.88 10.80 2.53
N ILE C 151 20.37 10.43 1.35
CA ILE C 151 19.02 9.93 1.19
C ILE C 151 19.10 8.56 0.53
N VAL C 152 18.52 7.55 1.18
CA VAL C 152 18.68 6.16 0.78
C VAL C 152 17.37 5.65 0.20
N LEU C 153 17.44 5.10 -1.01
CA LEU C 153 16.30 4.41 -1.63
C LEU C 153 16.56 2.92 -1.46
N ASP C 154 15.86 2.30 -0.52
CA ASP C 154 16.08 0.90 -0.16
C ASP C 154 14.88 0.09 -0.65
N SER C 155 15.00 -0.44 -1.87
CA SER C 155 13.97 -1.29 -2.46
C SER C 155 14.35 -2.73 -2.21
N GLY C 156 13.84 -3.29 -1.12
CA GLY C 156 14.12 -4.67 -0.80
C GLY C 156 13.22 -5.64 -1.54
N ASP C 157 12.72 -6.66 -0.85
CA ASP C 157 11.83 -7.64 -1.44
C ASP C 157 10.36 -7.37 -1.13
N GLY C 158 10.05 -6.95 0.09
CA GLY C 158 8.66 -6.76 0.49
C GLY C 158 8.18 -5.33 0.47
N VAL C 159 9.07 -4.37 0.72
CA VAL C 159 8.67 -2.98 0.85
C VAL C 159 9.77 -2.08 0.31
N THR C 160 9.38 -0.98 -0.33
CA THR C 160 10.28 0.05 -0.81
C THR C 160 10.11 1.29 0.06
N HIS C 161 11.16 1.66 0.80
CA HIS C 161 11.11 2.80 1.69
C HIS C 161 12.26 3.73 1.39
N ASN C 162 12.02 5.03 1.62
CA ASN C 162 13.00 6.08 1.37
C ASN C 162 13.22 6.85 2.67
N VAL C 163 14.46 6.90 3.14
CA VAL C 163 14.80 7.48 4.43
C VAL C 163 15.91 8.49 4.23
N PRO C 164 15.58 9.79 4.23
CA PRO C 164 16.65 10.81 4.23
C PRO C 164 17.32 10.88 5.59
N ILE C 165 18.66 10.87 5.57
CA ILE C 165 19.47 10.85 6.79
C ILE C 165 20.38 12.07 6.77
N TYR C 166 20.55 12.68 7.95
CA TYR C 166 21.39 13.87 8.11
C TYR C 166 22.25 13.69 9.35
N GLU C 167 23.58 13.72 9.15
CA GLU C 167 24.56 13.69 10.24
C GLU C 167 24.36 12.47 11.13
N GLY C 168 24.11 11.32 10.52
CA GLY C 168 24.02 10.07 11.25
C GLY C 168 22.68 9.80 11.91
N TYR C 169 21.70 10.68 11.76
CA TYR C 169 20.38 10.50 12.34
C TYR C 169 19.33 10.63 11.26
N ALA C 170 18.31 9.77 11.33
CA ALA C 170 17.26 9.78 10.34
C ALA C 170 16.35 10.99 10.55
N LEU C 171 15.50 11.25 9.55
CA LEU C 171 14.52 12.34 9.60
C LEU C 171 13.13 11.72 9.59
N PRO C 172 12.53 11.49 10.76
CA PRO C 172 11.28 10.73 10.82
C PRO C 172 10.10 11.40 10.11
N HIS C 173 10.13 12.71 9.93
CA HIS C 173 9.01 13.42 9.32
C HIS C 173 9.10 13.49 7.80
N ALA C 174 10.17 12.96 7.20
CA ALA C 174 10.36 13.03 5.77
C ALA C 174 10.50 11.65 5.12
N ILE C 175 10.26 10.58 5.87
CA ILE C 175 10.40 9.23 5.35
C ILE C 175 9.16 8.88 4.53
N MET C 176 9.36 8.47 3.29
CA MET C 176 8.29 8.00 2.43
C MET C 176 8.39 6.49 2.27
N ARG C 177 7.24 5.84 2.09
CA ARG C 177 7.17 4.39 2.00
C ARG C 177 6.26 3.99 0.87
N LEU C 178 6.68 3.00 0.09
CA LEU C 178 5.91 2.48 -1.03
C LEU C 178 5.83 0.97 -0.90
N ASP C 179 4.62 0.42 -0.98
CA ASP C 179 4.43 -1.01 -0.80
C ASP C 179 4.88 -1.81 -2.01
N LEU C 180 5.03 -1.17 -3.17
CA LEU C 180 5.50 -1.87 -4.35
C LEU C 180 6.98 -2.16 -4.23
N ALA C 181 7.36 -3.43 -4.38
CA ALA C 181 8.74 -3.85 -4.16
C ALA C 181 9.03 -5.01 -5.11
N GLY C 182 10.12 -5.74 -4.82
CA GLY C 182 10.56 -6.79 -5.74
C GLY C 182 9.57 -7.93 -5.88
N ARG C 183 8.99 -8.38 -4.77
CA ARG C 183 8.07 -9.51 -4.82
C ARG C 183 6.84 -9.17 -5.65
N ASP C 184 6.31 -7.95 -5.50
CA ASP C 184 5.16 -7.54 -6.28
C ASP C 184 5.46 -7.42 -7.76
N LEU C 185 6.73 -7.23 -8.13
CA LEU C 185 7.11 -7.22 -9.54
C LEU C 185 7.17 -8.63 -10.11
N THR C 186 7.51 -9.62 -9.28
CA THR C 186 7.50 -11.01 -9.74
C THR C 186 6.09 -11.46 -10.09
N ASP C 187 5.12 -11.14 -9.24
CA ASP C 187 3.74 -11.56 -9.49
C ASP C 187 3.18 -10.88 -10.73
N TYR C 188 3.57 -9.64 -10.99
CA TYR C 188 3.14 -8.97 -12.21
C TYR C 188 3.77 -9.59 -13.44
N LEU C 189 4.91 -10.26 -13.31
CA LEU C 189 5.53 -10.93 -14.45
C LEU C 189 4.71 -12.13 -14.90
N MET C 190 4.22 -12.94 -13.96
CA MET C 190 3.39 -14.08 -14.32
C MET C 190 2.07 -13.64 -14.92
N LYS C 191 1.57 -12.45 -14.54
CA LYS C 191 0.31 -11.97 -15.09
C LYS C 191 0.43 -11.69 -16.58
N ILE C 192 1.55 -11.10 -17.01
CA ILE C 192 1.75 -10.79 -18.43
C ILE C 192 2.40 -11.92 -19.19
N LEU C 193 2.94 -12.94 -18.51
CA LEU C 193 3.49 -14.08 -19.21
C LEU C 193 2.41 -14.93 -19.85
N THR C 194 1.19 -14.88 -19.32
CA THR C 194 0.06 -15.58 -19.91
C THR C 194 -0.36 -14.99 -21.25
N GLU C 195 0.13 -13.80 -21.59
CA GLU C 195 -0.19 -13.20 -22.88
C GLU C 195 0.36 -14.03 -24.03
N ARG C 196 1.58 -14.56 -23.87
CA ARG C 196 2.21 -15.33 -24.93
C ARG C 196 1.85 -16.81 -24.89
N GLY C 197 1.37 -17.31 -23.76
CA GLY C 197 0.94 -18.70 -23.66
C GLY C 197 1.59 -19.50 -22.54
N TYR C 198 2.41 -18.89 -21.68
CA TYR C 198 3.08 -19.62 -20.61
C TYR C 198 2.36 -19.36 -19.30
N SER C 199 1.97 -20.43 -18.62
CA SER C 199 1.19 -20.34 -17.39
C SER C 199 2.02 -20.85 -16.22
N PHE C 200 2.20 -20.00 -15.21
CA PHE C 200 2.91 -20.35 -13.99
C PHE C 200 1.99 -20.05 -12.81
N VAL C 201 1.55 -21.09 -12.11
CA VAL C 201 0.59 -20.94 -11.02
C VAL C 201 1.16 -21.43 -9.70
N THR C 202 1.90 -22.54 -9.71
CA THR C 202 2.38 -23.13 -8.47
C THR C 202 3.40 -22.22 -7.78
N THR C 203 3.46 -22.33 -6.46
CA THR C 203 4.50 -21.63 -5.71
C THR C 203 5.90 -22.17 -6.03
N ALA C 204 5.98 -23.41 -6.52
CA ALA C 204 7.24 -23.91 -7.04
C ALA C 204 7.62 -23.21 -8.34
N GLU C 205 6.64 -22.93 -9.18
CA GLU C 205 6.86 -22.16 -10.39
C GLU C 205 6.97 -20.67 -10.14
N ARG C 206 6.69 -20.22 -8.92
CA ARG C 206 6.91 -18.83 -8.57
C ARG C 206 8.40 -18.49 -8.55
N GLU C 207 9.23 -19.42 -8.06
CA GLU C 207 10.67 -19.21 -8.06
C GLU C 207 11.24 -19.18 -9.47
N ILE C 208 10.66 -19.95 -10.39
CA ILE C 208 11.13 -19.94 -11.77
C ILE C 208 10.92 -18.58 -12.41
N VAL C 209 9.74 -17.99 -12.18
CA VAL C 209 9.47 -16.65 -12.73
C VAL C 209 10.38 -15.61 -12.08
N ARG C 210 10.76 -15.83 -10.82
CA ARG C 210 11.69 -14.92 -10.18
C ARG C 210 13.05 -14.93 -10.87
N ASP C 211 13.53 -16.11 -11.25
CA ASP C 211 14.84 -16.21 -11.89
C ASP C 211 14.80 -15.71 -13.33
N ILE C 212 13.64 -15.78 -13.98
CA ILE C 212 13.49 -15.19 -15.30
C ILE C 212 13.64 -13.68 -15.21
N LYS C 213 13.08 -13.08 -14.16
CA LYS C 213 13.17 -11.63 -13.97
C LYS C 213 14.59 -11.21 -13.63
N GLU C 214 15.29 -12.00 -12.81
CA GLU C 214 16.63 -11.65 -12.38
C GLU C 214 17.66 -11.67 -13.51
N LYS C 215 17.30 -12.22 -14.67
CA LYS C 215 18.24 -12.37 -15.78
C LYS C 215 17.86 -11.55 -17.01
N LEU C 216 16.59 -11.56 -17.40
CA LEU C 216 16.16 -11.02 -18.67
C LEU C 216 15.42 -9.70 -18.56
N CYS C 217 15.41 -9.07 -17.40
CA CYS C 217 14.66 -7.84 -17.17
C CYS C 217 15.62 -6.65 -17.04
N TYR C 218 15.27 -5.56 -17.72
CA TYR C 218 16.05 -4.33 -17.67
C TYR C 218 15.09 -3.15 -17.75
N VAL C 219 15.55 -1.99 -17.28
CA VAL C 219 14.73 -0.79 -17.25
C VAL C 219 14.97 0.01 -18.53
N ALA C 220 13.91 0.24 -19.28
CA ALA C 220 14.01 1.02 -20.51
C ALA C 220 14.16 2.51 -20.18
N LEU C 221 14.98 3.20 -20.96
CA LEU C 221 15.16 4.64 -20.76
C LEU C 221 13.92 5.42 -21.21
N ASP C 222 13.39 5.08 -22.38
CA ASP C 222 12.20 5.75 -22.92
C ASP C 222 11.16 4.68 -23.22
N PHE C 223 10.11 4.63 -22.40
CA PHE C 223 9.13 3.56 -22.52
C PHE C 223 8.39 3.61 -23.85
N GLU C 224 8.01 4.81 -24.30
CA GLU C 224 7.27 4.93 -25.55
C GLU C 224 8.10 4.46 -26.73
N ASN C 225 9.38 4.81 -26.76
CA ASN C 225 10.24 4.40 -27.87
C ASN C 225 10.59 2.91 -27.77
N GLU C 226 10.87 2.42 -26.57
CA GLU C 226 11.23 1.02 -26.41
C GLU C 226 10.04 0.09 -26.67
N MET C 227 8.82 0.57 -26.44
CA MET C 227 7.65 -0.23 -26.82
C MET C 227 7.43 -0.19 -28.32
N ALA C 228 7.66 0.96 -28.95
CA ALA C 228 7.57 1.04 -30.41
C ALA C 228 8.67 0.22 -31.07
N THR C 229 9.88 0.26 -30.50
CA THR C 229 10.99 -0.51 -31.05
C THR C 229 10.72 -2.01 -30.94
N ALA C 230 10.21 -2.45 -29.79
CA ALA C 230 9.98 -3.88 -29.58
C ALA C 230 8.95 -4.42 -30.56
N ALA C 231 7.90 -3.66 -30.84
CA ALA C 231 6.91 -4.10 -31.81
C ALA C 231 7.45 -4.00 -33.24
N SER C 232 8.42 -3.12 -33.47
CA SER C 232 8.95 -2.93 -34.82
C SER C 232 9.83 -4.09 -35.25
N SER C 233 10.70 -4.56 -34.35
CA SER C 233 11.66 -5.61 -34.69
C SER C 233 11.76 -6.60 -33.54
N SER C 234 12.19 -7.81 -33.88
CA SER C 234 12.39 -8.88 -32.91
C SER C 234 13.80 -8.87 -32.32
N SER C 235 14.49 -7.72 -32.37
CA SER C 235 15.87 -7.65 -31.89
C SER C 235 15.97 -7.66 -30.37
N LEU C 236 14.86 -7.41 -29.66
CA LEU C 236 14.88 -7.33 -28.21
C LEU C 236 14.57 -8.67 -27.54
N GLU C 237 14.17 -9.68 -28.29
CA GLU C 237 13.73 -10.94 -27.70
C GLU C 237 14.91 -11.79 -27.28
N LYS C 238 14.78 -12.42 -26.11
CA LYS C 238 15.74 -13.37 -25.57
C LYS C 238 15.05 -14.72 -25.39
N SER C 239 15.78 -15.66 -24.79
CA SER C 239 15.24 -16.99 -24.53
C SER C 239 15.73 -17.50 -23.19
N TYR C 240 14.88 -18.27 -22.52
CA TYR C 240 15.18 -18.85 -21.23
C TYR C 240 14.76 -20.32 -21.23
N GLU C 241 15.56 -21.16 -20.59
CA GLU C 241 15.31 -22.60 -20.55
C GLU C 241 14.77 -22.98 -19.18
N LEU C 242 13.57 -23.57 -19.17
CA LEU C 242 12.95 -24.02 -17.94
C LEU C 242 13.67 -25.25 -17.40
N PRO C 243 13.48 -25.58 -16.13
CA PRO C 243 14.17 -26.75 -15.55
C PRO C 243 13.83 -28.06 -16.24
N ASP C 244 12.74 -28.13 -16.99
CA ASP C 244 12.36 -29.35 -17.71
C ASP C 244 12.83 -29.33 -19.17
N GLY C 245 13.68 -28.37 -19.54
CA GLY C 245 14.18 -28.29 -20.90
C GLY C 245 13.35 -27.49 -21.86
N GLN C 246 12.20 -26.97 -21.42
CA GLN C 246 11.37 -26.13 -22.28
C GLN C 246 11.94 -24.73 -22.38
N VAL C 247 11.77 -24.11 -23.55
CA VAL C 247 12.30 -22.78 -23.83
C VAL C 247 11.14 -21.82 -24.04
N ILE C 248 11.28 -20.62 -23.49
CA ILE C 248 10.28 -19.56 -23.65
C ILE C 248 10.95 -18.33 -24.23
N THR C 249 10.14 -17.48 -24.84
CA THR C 249 10.61 -16.26 -25.49
C THR C 249 9.77 -15.09 -25.01
N ILE C 250 10.44 -14.01 -24.60
CA ILE C 250 9.77 -12.80 -24.14
C ILE C 250 10.34 -11.61 -24.91
N GLY C 251 9.45 -10.75 -25.39
CA GLY C 251 9.85 -9.57 -26.14
C GLY C 251 9.80 -8.32 -25.29
N ASN C 252 8.73 -7.54 -25.44
CA ASN C 252 8.58 -6.32 -24.64
C ASN C 252 8.19 -6.58 -23.20
N GLU C 253 8.05 -7.85 -22.80
CA GLU C 253 7.84 -8.17 -21.39
C GLU C 253 9.10 -8.02 -20.56
N ARG C 254 10.25 -7.80 -21.19
CA ARG C 254 11.50 -7.68 -20.46
C ARG C 254 11.54 -6.39 -19.64
N PHE C 255 11.18 -5.27 -20.26
CA PHE C 255 11.23 -3.97 -19.58
C PHE C 255 9.89 -3.53 -19.03
N ARG C 256 8.79 -4.17 -19.42
CA ARG C 256 7.48 -3.80 -18.87
C ARG C 256 7.33 -4.23 -17.43
N CYS C 257 8.13 -5.18 -16.95
CA CYS C 257 8.03 -5.64 -15.57
C CYS C 257 8.65 -4.64 -14.60
N PRO C 258 9.89 -4.16 -14.81
CA PRO C 258 10.43 -3.16 -13.88
C PRO C 258 9.94 -1.75 -14.12
N GLU C 259 9.23 -1.50 -15.23
CA GLU C 259 8.63 -0.19 -15.46
C GLU C 259 7.55 0.13 -14.42
N THR C 260 6.94 -0.88 -13.81
CA THR C 260 5.94 -0.64 -12.79
C THR C 260 6.51 0.16 -11.62
N LEU C 261 7.81 0.05 -11.38
CA LEU C 261 8.43 0.85 -10.32
C LEU C 261 8.28 2.35 -10.56
N PHE C 262 8.18 2.75 -11.83
CA PHE C 262 8.04 4.16 -12.19
C PHE C 262 6.65 4.53 -12.67
N GLN C 263 5.81 3.56 -13.02
CA GLN C 263 4.40 3.78 -13.32
C GLN C 263 3.60 2.76 -12.51
N PRO C 264 3.42 2.98 -11.22
CA PRO C 264 2.73 1.99 -10.38
C PRO C 264 1.28 1.75 -10.75
N SER C 265 0.71 2.51 -11.69
CA SER C 265 -0.66 2.28 -12.12
C SER C 265 -0.82 1.00 -12.92
N PHE C 266 0.29 0.37 -13.33
CA PHE C 266 0.20 -0.85 -14.11
C PHE C 266 -0.38 -2.00 -13.30
N ILE C 267 -0.02 -2.11 -12.03
CA ILE C 267 -0.54 -3.14 -11.15
C ILE C 267 -1.70 -2.64 -10.30
N GLY C 268 -2.29 -1.50 -10.66
CA GLY C 268 -3.47 -0.99 -9.99
C GLY C 268 -3.21 -0.06 -8.82
N MET C 269 -1.96 0.12 -8.41
CA MET C 269 -1.68 1.05 -7.33
C MET C 269 -1.84 2.48 -7.81
N GLU C 270 -2.03 3.39 -6.86
CA GLU C 270 -2.28 4.80 -7.17
C GLU C 270 -1.09 5.71 -6.89
N SER C 271 -0.21 5.32 -5.97
CA SER C 271 0.92 6.18 -5.62
C SER C 271 1.87 6.34 -6.81
N ALA C 272 2.63 7.43 -6.78
CA ALA C 272 3.55 7.73 -7.86
C ALA C 272 4.77 6.82 -7.79
N GLY C 273 5.61 6.90 -8.82
CA GLY C 273 6.78 6.05 -8.91
C GLY C 273 7.83 6.43 -7.90
N ILE C 274 8.94 5.67 -7.94
CA ILE C 274 10.03 5.92 -7.00
C ILE C 274 10.71 7.25 -7.29
N HIS C 275 10.76 7.66 -8.56
CA HIS C 275 11.38 8.93 -8.89
C HIS C 275 10.61 10.10 -8.29
N GLU C 276 9.28 10.06 -8.34
CA GLU C 276 8.48 11.10 -7.71
C GLU C 276 8.42 10.95 -6.19
N THR C 277 8.48 9.71 -5.70
CA THR C 277 8.49 9.49 -4.26
C THR C 277 9.75 10.06 -3.64
N THR C 278 10.90 9.84 -4.27
CA THR C 278 12.16 10.38 -3.75
C THR C 278 12.15 11.90 -3.78
N TYR C 279 11.62 12.49 -4.86
CA TYR C 279 11.54 13.95 -4.96
C TYR C 279 10.65 14.51 -3.86
N ASN C 280 9.52 13.86 -3.57
CA ASN C 280 8.63 14.34 -2.53
C ASN C 280 9.26 14.25 -1.15
N SER C 281 10.14 13.29 -0.92
CA SER C 281 10.78 13.17 0.38
C SER C 281 11.82 14.26 0.61
N ILE C 282 12.37 14.81 -0.46
CA ILE C 282 13.36 15.89 -0.32
C ILE C 282 12.68 17.17 0.15
N MET C 283 11.54 17.52 -0.45
CA MET C 283 10.86 18.76 -0.10
C MET C 283 10.29 18.76 1.32
N LYS C 284 10.19 17.58 1.95
CA LYS C 284 9.78 17.54 3.35
C LYS C 284 10.90 17.96 4.29
N CYS C 285 12.11 18.12 3.78
CA CYS C 285 13.26 18.52 4.59
C CYS C 285 13.50 20.02 4.49
N ASP C 286 14.38 20.53 5.34
CA ASP C 286 14.71 21.94 5.35
C ASP C 286 15.39 22.35 4.04
N ILE C 287 15.14 23.59 3.62
CA ILE C 287 15.69 24.07 2.36
C ILE C 287 17.19 24.28 2.44
N ASP C 288 17.76 24.40 3.64
CA ASP C 288 19.20 24.60 3.78
C ASP C 288 19.99 23.29 3.71
N ILE C 289 19.33 22.14 3.79
CA ILE C 289 19.99 20.85 3.73
C ILE C 289 19.69 20.09 2.45
N ARG C 290 18.79 20.62 1.59
CA ARG C 290 18.48 19.95 0.34
C ARG C 290 19.67 19.93 -0.61
N LYS C 291 20.67 20.78 -0.39
CA LYS C 291 21.89 20.70 -1.17
C LYS C 291 22.67 19.43 -0.86
N ASP C 292 22.62 18.97 0.40
CA ASP C 292 23.33 17.77 0.82
C ASP C 292 22.58 16.49 0.50
N LEU C 293 21.29 16.57 0.17
CA LEU C 293 20.50 15.38 -0.13
C LEU C 293 20.32 15.16 -1.63
N TYR C 294 20.24 16.22 -2.42
CA TYR C 294 20.03 16.09 -3.86
C TYR C 294 21.21 15.46 -4.58
N ALA C 295 22.37 15.35 -3.93
CA ALA C 295 23.57 14.81 -4.56
C ALA C 295 24.10 13.59 -3.81
N ASN C 296 23.28 12.95 -3.00
CA ASN C 296 23.72 11.77 -2.24
C ASN C 296 22.63 10.71 -2.24
N ASN C 297 22.02 10.46 -3.39
CA ASN C 297 21.03 9.39 -3.52
C ASN C 297 21.76 8.07 -3.60
N VAL C 298 21.77 7.31 -2.51
CA VAL C 298 22.52 6.07 -2.40
C VAL C 298 21.51 4.92 -2.41
N MET C 299 21.39 4.25 -3.55
CA MET C 299 20.50 3.10 -3.65
C MET C 299 21.06 1.90 -2.88
N SER C 300 20.16 1.02 -2.50
CA SER C 300 20.53 -0.25 -1.85
C SER C 300 19.46 -1.28 -2.18
N GLY C 301 19.55 -2.43 -1.53
CA GLY C 301 18.58 -3.49 -1.74
C GLY C 301 18.75 -4.18 -3.08
N GLY C 302 18.21 -5.40 -3.15
CA GLY C 302 18.36 -6.19 -4.37
C GLY C 302 17.62 -5.62 -5.56
N THR C 303 16.42 -5.08 -5.33
CA THR C 303 15.53 -4.68 -6.42
C THR C 303 16.08 -3.50 -7.22
N THR C 304 17.12 -2.82 -6.74
CA THR C 304 17.66 -1.67 -7.43
C THR C 304 18.71 -2.04 -8.47
N MET C 305 18.76 -3.29 -8.92
CA MET C 305 19.81 -3.76 -9.81
C MET C 305 19.33 -4.02 -11.24
N TYR C 306 18.18 -3.50 -11.62
CA TYR C 306 17.79 -3.60 -13.02
C TYR C 306 18.70 -2.71 -13.86
N PRO C 307 19.37 -3.23 -14.88
CA PRO C 307 20.25 -2.38 -15.70
C PRO C 307 19.48 -1.21 -16.30
N GLY C 308 20.08 -0.03 -16.21
CA GLY C 308 19.45 1.19 -16.69
C GLY C 308 18.65 1.95 -15.65
N ILE C 309 18.46 1.39 -14.46
CA ILE C 309 17.67 2.09 -13.45
C ILE C 309 18.41 3.32 -12.93
N ALA C 310 19.74 3.24 -12.80
CA ALA C 310 20.50 4.39 -12.35
C ALA C 310 20.43 5.53 -13.35
N ASP C 311 20.52 5.22 -14.64
CA ASP C 311 20.37 6.25 -15.67
C ASP C 311 18.94 6.78 -15.67
N ARG C 312 17.96 5.89 -15.55
CA ARG C 312 16.55 6.31 -15.61
C ARG C 312 16.19 7.24 -14.47
N MET C 313 16.64 6.94 -13.26
CA MET C 313 16.29 7.78 -12.12
C MET C 313 16.94 9.16 -12.23
N GLN C 314 18.18 9.21 -12.74
CA GLN C 314 18.84 10.51 -12.93
C GLN C 314 18.07 11.37 -13.93
N LYS C 315 17.58 10.76 -15.01
CA LYS C 315 16.81 11.50 -16.00
C LYS C 315 15.50 11.99 -15.43
N GLU C 316 14.83 11.17 -14.62
CA GLU C 316 13.52 11.54 -14.09
C GLU C 316 13.65 12.59 -12.98
N ILE C 317 14.65 12.43 -12.10
CA ILE C 317 14.85 13.41 -11.04
C ILE C 317 15.26 14.76 -11.62
N THR C 318 16.03 14.75 -12.71
CA THR C 318 16.47 16.00 -13.34
C THR C 318 15.28 16.83 -13.80
N ALA C 319 14.28 16.19 -14.41
CA ALA C 319 13.11 16.91 -14.89
C ALA C 319 12.25 17.48 -13.77
N LEU C 320 12.44 17.02 -12.53
CA LEU C 320 11.69 17.52 -11.38
C LEU C 320 12.45 18.59 -10.61
N ALA C 321 13.73 18.36 -10.33
CA ALA C 321 14.55 19.33 -9.62
C ALA C 321 14.84 20.53 -10.49
N PRO C 322 15.19 21.67 -9.89
CA PRO C 322 15.57 22.84 -10.69
C PRO C 322 16.80 22.54 -11.54
N SER C 323 16.87 23.23 -12.69
CA SER C 323 17.93 22.94 -13.65
C SER C 323 19.32 23.19 -13.07
N THR C 324 19.46 24.23 -12.25
CA THR C 324 20.75 24.54 -11.66
C THR C 324 21.15 23.57 -10.56
N MET C 325 20.23 22.72 -10.10
CA MET C 325 20.54 21.78 -9.03
C MET C 325 21.45 20.66 -9.54
N LYS C 326 22.31 20.18 -8.65
CA LYS C 326 23.22 19.07 -8.96
C LYS C 326 22.63 17.78 -8.41
N ILE C 327 22.44 16.79 -9.28
CA ILE C 327 21.88 15.50 -8.91
C ILE C 327 22.93 14.43 -9.19
N LYS C 328 23.28 13.67 -8.16
CA LYS C 328 24.26 12.60 -8.28
C LYS C 328 23.74 11.40 -7.51
N ILE C 329 23.60 10.27 -8.20
CA ILE C 329 23.07 9.04 -7.62
C ILE C 329 24.23 8.05 -7.50
N ILE C 330 24.48 7.60 -6.28
CA ILE C 330 25.52 6.61 -6.03
C ILE C 330 24.88 5.22 -6.06
N ALA C 331 25.45 4.34 -6.89
CA ALA C 331 24.95 2.97 -7.06
C ALA C 331 26.11 2.01 -6.84
N PRO C 332 26.43 1.72 -5.59
CA PRO C 332 27.54 0.81 -5.29
C PRO C 332 27.28 -0.58 -5.87
N PRO C 333 28.33 -1.26 -6.36
CA PRO C 333 28.13 -2.60 -6.92
C PRO C 333 27.62 -3.62 -5.91
N GLU C 334 27.95 -3.45 -4.63
CA GLU C 334 27.60 -4.40 -3.59
C GLU C 334 26.34 -3.98 -2.82
N ARG C 335 25.39 -3.34 -3.50
CA ARG C 335 24.20 -2.84 -2.81
C ARG C 335 23.27 -3.94 -2.33
N LYS C 336 23.45 -5.18 -2.81
CA LYS C 336 22.63 -6.28 -2.30
C LYS C 336 22.90 -6.52 -0.82
N TYR C 337 24.16 -6.45 -0.40
CA TYR C 337 24.56 -6.71 0.97
C TYR C 337 24.91 -5.43 1.73
N SER C 338 24.44 -4.27 1.24
CA SER C 338 24.78 -3.01 1.88
C SER C 338 24.27 -2.94 3.32
N VAL C 339 23.05 -3.43 3.54
CA VAL C 339 22.46 -3.37 4.88
C VAL C 339 23.27 -4.21 5.86
N TRP C 340 23.78 -5.35 5.40
CA TRP C 340 24.62 -6.18 6.27
C TRP C 340 25.99 -5.56 6.45
N ILE C 341 26.54 -4.95 5.39
CA ILE C 341 27.89 -4.41 5.46
C ILE C 341 27.98 -3.31 6.52
N GLY C 342 26.98 -2.43 6.55
CA GLY C 342 26.97 -1.39 7.58
C GLY C 342 26.87 -1.97 8.98
N GLY C 343 26.10 -3.05 9.14
CA GLY C 343 26.01 -3.68 10.45
C GLY C 343 27.32 -4.30 10.89
N SER C 344 28.04 -4.94 9.95
CA SER C 344 29.34 -5.51 10.28
C SER C 344 30.34 -4.43 10.67
N ILE C 345 30.30 -3.29 9.97
CA ILE C 345 31.18 -2.17 10.30
C ILE C 345 30.86 -1.64 11.68
N LEU C 346 29.57 -1.44 11.97
CA LEU C 346 29.18 -0.77 13.21
C LEU C 346 29.51 -1.61 14.43
N ALA C 347 29.29 -2.93 14.36
CA ALA C 347 29.48 -3.78 15.53
C ALA C 347 30.93 -3.87 15.94
N SER C 348 31.87 -3.72 15.00
CA SER C 348 33.29 -3.83 15.33
C SER C 348 33.78 -2.60 16.07
N LEU C 349 33.17 -1.43 15.83
CA LEU C 349 33.63 -0.20 16.46
C LEU C 349 33.43 -0.26 17.97
N SER C 350 34.42 0.26 18.70
CA SER C 350 34.34 0.28 20.15
C SER C 350 33.29 1.27 20.66
N THR C 351 32.92 2.25 19.85
CA THR C 351 31.88 3.19 20.26
C THR C 351 30.53 2.52 20.40
N PHE C 352 30.27 1.49 19.60
CA PHE C 352 29.01 0.76 19.71
C PHE C 352 28.89 0.00 21.02
N GLN C 353 30.01 -0.33 21.66
CA GLN C 353 29.97 -0.88 23.00
C GLN C 353 29.49 0.20 23.98
N GLN C 354 29.18 -0.23 25.21
CA GLN C 354 28.42 0.55 26.18
C GLN C 354 27.07 1.00 25.64
N MET C 355 26.60 0.40 24.55
CA MET C 355 25.29 0.70 23.99
C MET C 355 24.46 -0.57 23.83
N TRP C 356 25.00 -1.72 24.23
CA TRP C 356 24.29 -2.98 24.16
C TRP C 356 23.07 -2.98 25.10
N ILE C 357 22.12 -3.84 24.78
CA ILE C 357 21.00 -4.10 25.69
C ILE C 357 21.27 -5.43 26.39
N THR C 358 21.84 -5.37 27.59
CA THR C 358 22.23 -6.57 28.30
C THR C 358 21.02 -7.20 29.00
N LYS C 359 21.24 -8.41 29.55
CA LYS C 359 20.15 -9.15 30.18
C LYS C 359 19.64 -8.43 31.43
N GLN C 360 20.54 -7.80 32.19
CA GLN C 360 20.13 -7.12 33.41
C GLN C 360 19.23 -5.92 33.14
N GLU C 361 19.16 -5.45 31.90
CA GLU C 361 18.30 -4.33 31.53
C GLU C 361 17.01 -4.76 30.84
N TYR C 362 17.01 -5.88 30.13
CA TYR C 362 15.81 -6.32 29.43
C TYR C 362 14.67 -6.61 30.41
N ASP C 363 14.97 -7.28 31.52
CA ASP C 363 13.93 -7.60 32.49
C ASP C 363 13.40 -6.38 33.23
N GLU C 364 14.13 -5.26 33.19
CA GLU C 364 13.64 -4.03 33.83
C GLU C 364 12.38 -3.52 33.14
N ALA C 365 12.35 -3.57 31.80
CA ALA C 365 11.22 -3.05 31.05
C ALA C 365 10.58 -4.10 30.14
N GLY C 366 10.98 -5.36 30.26
CA GLY C 366 10.44 -6.41 29.42
C GLY C 366 10.81 -6.21 27.96
N PRO C 367 9.93 -6.66 27.06
CA PRO C 367 10.17 -6.46 25.62
C PRO C 367 10.00 -5.02 25.17
N SER C 368 9.63 -4.10 26.07
CA SER C 368 9.42 -2.70 25.69
C SER C 368 10.70 -1.88 25.79
N ILE C 369 11.80 -2.46 26.27
CA ILE C 369 13.06 -1.73 26.34
C ILE C 369 13.69 -1.56 24.97
N VAL C 370 13.25 -2.36 23.98
CA VAL C 370 13.80 -2.23 22.63
C VAL C 370 13.49 -0.87 22.05
N HIS C 371 12.36 -0.28 22.47
CA HIS C 371 12.03 1.06 22.00
C HIS C 371 12.84 2.13 22.74
N ARG C 372 13.34 1.80 23.93
CA ARG C 372 14.16 2.74 24.69
C ARG C 372 15.49 2.99 24.01
N LYS C 373 16.10 1.95 23.45
CA LYS C 373 17.40 2.03 22.79
C LYS C 373 17.29 1.42 21.40
N CYS C 374 16.93 2.25 20.42
CA CYS C 374 16.81 1.79 19.04
C CYS C 374 17.16 2.91 18.06
N THR D 5 -36.03 39.31 -5.77
CA THR D 5 -34.88 38.92 -6.56
C THR D 5 -33.99 37.94 -5.79
N THR D 6 -33.69 38.29 -4.54
CA THR D 6 -32.88 37.50 -3.62
C THR D 6 -31.43 37.44 -4.08
N ALA D 7 -30.50 37.34 -3.13
CA ALA D 7 -29.08 37.34 -3.43
C ALA D 7 -28.44 36.07 -2.88
N LEU D 8 -27.69 35.38 -3.74
CA LEU D 8 -27.02 34.15 -3.36
C LEU D 8 -25.71 34.45 -2.63
N VAL D 9 -25.38 33.60 -1.68
CA VAL D 9 -24.10 33.65 -0.98
C VAL D 9 -23.41 32.32 -1.19
N CYS D 10 -22.19 32.35 -1.72
CA CYS D 10 -21.43 31.15 -2.03
C CYS D 10 -20.07 31.23 -1.37
N ASP D 11 -19.81 30.30 -0.45
CA ASP D 11 -18.52 30.22 0.23
C ASP D 11 -17.72 29.08 -0.39
N ASN D 12 -16.52 29.39 -0.86
CA ASN D 12 -15.64 28.42 -1.50
C ASN D 12 -14.51 28.09 -0.54
N GLY D 13 -14.50 26.86 -0.03
CA GLY D 13 -13.51 26.43 0.92
C GLY D 13 -12.61 25.34 0.34
N SER D 14 -11.54 25.05 1.08
CA SER D 14 -10.59 24.02 0.64
C SER D 14 -11.21 22.64 0.75
N GLY D 15 -12.04 22.41 1.76
CA GLY D 15 -12.63 21.09 1.97
C GLY D 15 -14.09 20.98 1.57
N LEU D 16 -14.87 22.02 1.86
CA LEU D 16 -16.31 22.01 1.59
C LEU D 16 -16.73 23.30 0.91
N VAL D 17 -17.82 23.22 0.15
CA VAL D 17 -18.41 24.37 -0.50
C VAL D 17 -19.79 24.59 0.11
N LYS D 18 -19.99 25.75 0.73
CA LYS D 18 -21.25 26.09 1.39
C LYS D 18 -21.89 27.24 0.64
N ALA D 19 -23.09 27.02 0.13
CA ALA D 19 -23.80 28.04 -0.64
C ALA D 19 -25.25 28.11 -0.16
N GLY D 20 -26.07 28.84 -0.89
CA GLY D 20 -27.47 28.99 -0.54
C GLY D 20 -28.05 30.35 -0.85
N PHE D 21 -28.92 30.85 0.02
CA PHE D 21 -29.58 32.14 -0.17
C PHE D 21 -29.37 33.00 1.06
N ALA D 22 -29.33 34.31 0.84
CA ALA D 22 -29.13 35.25 1.94
C ALA D 22 -30.37 35.34 2.81
N GLY D 23 -30.15 35.57 4.10
CA GLY D 23 -31.22 35.75 5.06
C GLY D 23 -31.54 34.53 5.90
N ASP D 24 -31.12 33.34 5.48
CA ASP D 24 -31.40 32.12 6.22
C ASP D 24 -30.37 31.97 7.35
N ASP D 25 -30.36 30.80 7.99
CA ASP D 25 -29.45 30.53 9.09
C ASP D 25 -28.41 29.47 8.79
N ALA D 26 -28.72 28.50 7.93
CA ALA D 26 -27.81 27.41 7.61
C ALA D 26 -27.63 27.30 6.12
N PRO D 27 -26.48 26.80 5.66
CA PRO D 27 -26.26 26.66 4.22
C PRO D 27 -27.20 25.64 3.62
N ARG D 28 -27.75 25.98 2.45
CA ARG D 28 -28.67 25.07 1.77
C ARG D 28 -27.95 23.85 1.23
N ALA D 29 -26.76 24.03 0.65
CA ALA D 29 -26.04 22.95 0.00
C ALA D 29 -24.57 23.03 0.42
N VAL D 30 -24.15 22.10 1.28
CA VAL D 30 -22.75 21.96 1.67
C VAL D 30 -22.26 20.60 1.20
N PHE D 31 -21.24 20.59 0.36
CA PHE D 31 -20.68 19.37 -0.18
C PHE D 31 -19.16 19.52 -0.32
N PRO D 32 -18.42 18.41 -0.28
CA PRO D 32 -16.97 18.50 -0.45
C PRO D 32 -16.58 19.09 -1.79
N SER D 33 -15.46 19.81 -1.80
CA SER D 33 -14.99 20.52 -2.99
C SER D 33 -13.96 19.65 -3.71
N ILE D 34 -14.46 18.63 -4.41
CA ILE D 34 -13.61 17.72 -5.17
C ILE D 34 -14.20 17.55 -6.56
N VAL D 35 -13.33 17.23 -7.52
CA VAL D 35 -13.72 16.92 -8.89
C VAL D 35 -12.96 15.66 -9.29
N GLY D 36 -13.60 14.50 -9.17
CA GLY D 36 -12.94 13.25 -9.49
C GLY D 36 -13.13 12.82 -10.93
N ARG D 37 -12.23 11.97 -11.38
CA ARG D 37 -12.26 11.41 -12.72
C ARG D 37 -11.90 9.93 -12.67
N PRO D 38 -12.43 9.14 -13.59
CA PRO D 38 -12.15 7.69 -13.56
C PRO D 38 -10.69 7.39 -13.85
N ARG D 39 -10.21 6.31 -13.25
CA ARG D 39 -8.86 5.80 -13.51
C ARG D 39 -8.89 4.38 -14.05
N HIS D 40 -10.04 3.92 -14.52
CA HIS D 40 -10.17 2.57 -15.03
C HIS D 40 -10.75 2.57 -16.45
N GLN D 41 -11.09 1.40 -16.96
CA GLN D 41 -11.62 1.24 -18.31
C GLN D 41 -13.10 0.94 -18.24
N GLY D 42 -13.89 1.63 -19.05
CA GLY D 42 -15.33 1.44 -19.03
C GLY D 42 -15.78 0.31 -19.94
N VAL D 43 -15.98 -0.87 -19.34
CA VAL D 43 -16.34 -2.04 -20.13
C VAL D 43 -17.76 -1.93 -20.68
N MET D 44 -18.69 -1.51 -19.85
CA MET D 44 -20.09 -1.40 -20.27
C MET D 44 -20.30 -0.16 -21.12
N VAL D 45 -21.27 -0.24 -22.03
CA VAL D 45 -21.61 0.88 -22.89
C VAL D 45 -23.04 1.36 -22.71
N GLY D 46 -23.94 0.55 -22.14
CA GLY D 46 -25.32 0.97 -22.02
C GLY D 46 -25.51 2.13 -21.07
N MET D 47 -24.86 2.08 -19.92
CA MET D 47 -25.03 3.13 -18.91
C MET D 47 -24.46 4.46 -19.40
N GLY D 48 -25.02 5.54 -18.89
CA GLY D 48 -24.45 6.86 -19.17
C GLY D 48 -23.14 7.04 -18.42
N GLN D 49 -22.12 7.51 -19.13
CA GLN D 49 -20.82 7.78 -18.56
C GLN D 49 -20.50 9.26 -18.70
N LYS D 50 -19.74 9.78 -17.73
CA LYS D 50 -19.35 11.18 -17.72
C LYS D 50 -17.84 11.28 -17.52
N ASP D 51 -17.25 12.33 -18.11
CA ASP D 51 -15.82 12.52 -18.00
C ASP D 51 -15.39 12.79 -16.56
N SER D 52 -16.16 13.63 -15.85
CA SER D 52 -15.81 14.01 -14.49
C SER D 52 -17.07 14.07 -13.64
N TYR D 53 -16.89 13.79 -12.35
CA TYR D 53 -17.97 13.86 -11.37
C TYR D 53 -17.60 14.89 -10.31
N VAL D 54 -18.53 15.81 -10.04
CA VAL D 54 -18.26 16.97 -9.20
C VAL D 54 -19.11 16.89 -7.93
N GLY D 55 -18.48 17.17 -6.80
CA GLY D 55 -19.21 17.27 -5.54
C GLY D 55 -19.39 15.95 -4.82
N ASP D 56 -20.54 15.77 -4.17
CA ASP D 56 -20.81 14.54 -3.46
C ASP D 56 -21.08 13.36 -4.40
N GLU D 57 -21.32 13.63 -5.68
CA GLU D 57 -21.39 12.54 -6.66
C GLU D 57 -20.06 11.82 -6.77
N ALA D 58 -18.96 12.57 -6.78
CA ALA D 58 -17.63 11.96 -6.81
C ALA D 58 -17.31 11.25 -5.51
N GLN D 59 -17.78 11.78 -4.38
CA GLN D 59 -17.52 11.15 -3.09
C GLN D 59 -18.20 9.79 -2.98
N SER D 60 -19.41 9.68 -3.52
CA SER D 60 -20.12 8.41 -3.49
C SER D 60 -19.40 7.34 -4.30
N LYS D 61 -18.91 7.71 -5.49
CA LYS D 61 -18.21 6.80 -6.37
C LYS D 61 -16.69 6.90 -6.22
N ARG D 62 -16.21 7.25 -5.02
CA ARG D 62 -14.79 7.50 -4.84
C ARG D 62 -13.94 6.24 -4.92
N GLY D 63 -14.55 5.05 -4.96
CA GLY D 63 -13.77 3.83 -5.03
C GLY D 63 -13.07 3.63 -6.35
N ILE D 64 -13.59 4.23 -7.43
CA ILE D 64 -13.03 4.08 -8.75
C ILE D 64 -12.57 5.41 -9.34
N LEU D 65 -12.36 6.42 -8.49
CA LEU D 65 -11.95 7.74 -8.93
C LEU D 65 -10.76 8.20 -8.12
N THR D 66 -10.00 9.12 -8.69
CA THR D 66 -8.97 9.87 -7.97
C THR D 66 -9.52 11.26 -7.70
N LEU D 67 -9.38 11.72 -6.46
CA LEU D 67 -10.03 12.96 -6.03
C LEU D 67 -9.01 14.10 -6.02
N LYS D 68 -9.32 15.16 -6.76
CA LYS D 68 -8.44 16.31 -6.88
C LYS D 68 -9.14 17.55 -6.36
N TYR D 69 -8.44 18.31 -5.53
CA TYR D 69 -9.00 19.51 -4.93
C TYR D 69 -8.67 20.73 -5.79
N PRO D 70 -9.66 21.44 -6.31
CA PRO D 70 -9.35 22.65 -7.10
C PRO D 70 -8.72 23.77 -6.30
N ILE D 71 -8.84 23.75 -4.97
CA ILE D 71 -8.30 24.80 -4.10
C ILE D 71 -7.28 24.18 -3.17
N GLU D 72 -6.08 24.78 -3.14
CA GLU D 72 -5.04 24.36 -2.22
C GLU D 72 -4.56 25.54 -1.39
N HIC D 73 -4.65 25.39 -0.07
CA HIC D 73 -4.22 26.42 0.88
C HIC D 73 -4.93 27.75 0.66
O HIC D 73 -4.34 28.81 0.89
CB HIC D 73 -2.70 26.61 0.80
CG HIC D 73 -1.93 25.46 1.33
ND1 HIC D 73 -2.43 24.67 2.33
CD2 HIC D 73 -0.71 25.00 0.95
CE1 HIC D 73 -1.50 23.76 2.56
NE2 HIC D 73 -0.44 23.92 1.75
CZ HIC D 73 0.75 23.11 1.71
N GLY D 74 -6.18 27.69 0.23
CA GLY D 74 -6.98 28.89 0.07
C GLY D 74 -6.97 29.49 -1.33
N ILE D 75 -5.87 29.35 -2.05
CA ILE D 75 -5.76 29.91 -3.38
C ILE D 75 -6.35 28.95 -4.40
N ILE D 76 -6.90 29.50 -5.47
CA ILE D 76 -7.53 28.71 -6.52
C ILE D 76 -6.44 28.33 -7.53
N THR D 77 -6.08 27.04 -7.56
CA THR D 77 -5.02 26.57 -8.45
C THR D 77 -5.58 26.12 -9.80
N ASN D 78 -6.50 25.16 -9.80
CA ASN D 78 -7.12 24.68 -11.03
C ASN D 78 -8.31 25.57 -11.34
N TRP D 79 -8.11 26.55 -12.22
CA TRP D 79 -9.17 27.51 -12.51
C TRP D 79 -10.24 26.90 -13.41
N ASP D 80 -9.89 25.92 -14.22
CA ASP D 80 -10.90 25.25 -15.03
C ASP D 80 -11.74 24.27 -14.22
N ASP D 81 -11.16 23.70 -13.16
CA ASP D 81 -11.93 22.81 -12.29
C ASP D 81 -12.88 23.58 -11.40
N MET D 82 -12.47 24.78 -10.96
CA MET D 82 -13.35 25.59 -10.12
C MET D 82 -14.49 26.21 -10.90
N GLU D 83 -14.38 26.29 -12.22
CA GLU D 83 -15.52 26.72 -13.02
C GLU D 83 -16.58 25.63 -13.12
N LYS D 84 -16.17 24.36 -12.95
CA LYS D 84 -17.14 23.27 -12.91
C LYS D 84 -17.89 23.26 -11.58
N ILE D 85 -17.18 23.53 -10.48
CA ILE D 85 -17.81 23.51 -9.16
C ILE D 85 -18.86 24.61 -9.04
N TRP D 86 -18.54 25.82 -9.51
CA TRP D 86 -19.52 26.90 -9.47
C TRP D 86 -20.73 26.57 -10.33
N HIS D 87 -20.50 25.99 -11.51
CA HIS D 87 -21.62 25.57 -12.35
C HIS D 87 -22.45 24.50 -11.66
N HIS D 88 -21.78 23.54 -10.99
CA HIS D 88 -22.51 22.51 -10.27
C HIS D 88 -23.34 23.09 -9.13
N THR D 89 -22.78 24.03 -8.38
CA THR D 89 -23.50 24.62 -7.27
C THR D 89 -24.69 25.43 -7.73
N PHE D 90 -24.53 26.20 -8.80
CA PHE D 90 -25.59 27.10 -9.24
C PHE D 90 -26.72 26.36 -9.96
N TYR D 91 -26.39 25.34 -10.76
CA TYR D 91 -27.37 24.70 -11.61
C TYR D 91 -27.86 23.35 -11.11
N ASN D 92 -27.10 22.68 -10.25
CA ASN D 92 -27.48 21.36 -9.77
C ASN D 92 -27.93 21.34 -8.32
N GLU D 93 -27.13 21.91 -7.41
CA GLU D 93 -27.50 21.89 -6.00
C GLU D 93 -28.64 22.87 -5.72
N LEU D 94 -28.40 24.17 -5.96
CA LEU D 94 -29.43 25.16 -5.71
C LEU D 94 -30.49 25.18 -6.81
N ARG D 95 -30.11 24.80 -8.04
CA ARG D 95 -31.03 24.74 -9.17
C ARG D 95 -31.68 26.09 -9.43
N VAL D 96 -30.89 27.16 -9.37
CA VAL D 96 -31.36 28.52 -9.62
C VAL D 96 -30.47 29.13 -10.71
N ALA D 97 -31.11 29.76 -11.69
CA ALA D 97 -30.36 30.38 -12.78
C ALA D 97 -29.57 31.56 -12.24
N PRO D 98 -28.25 31.60 -12.45
CA PRO D 98 -27.46 32.74 -11.95
C PRO D 98 -27.84 34.06 -12.60
N GLU D 99 -28.46 34.04 -13.77
CA GLU D 99 -28.96 35.27 -14.38
C GLU D 99 -30.05 35.87 -13.50
N GLU D 100 -30.19 37.20 -13.59
CA GLU D 100 -31.07 38.00 -12.74
C GLU D 100 -31.03 37.54 -11.29
N HIS D 101 -29.82 37.29 -10.79
CA HIS D 101 -29.63 36.75 -9.44
C HIS D 101 -28.26 37.16 -8.94
N PRO D 102 -28.15 38.34 -8.31
CA PRO D 102 -26.86 38.79 -7.79
C PRO D 102 -26.31 37.82 -6.74
N THR D 103 -24.99 37.64 -6.75
CA THR D 103 -24.32 36.71 -5.85
C THR D 103 -23.27 37.42 -5.02
N LEU D 104 -22.85 36.75 -3.95
CA LEU D 104 -21.79 37.23 -3.07
C LEU D 104 -20.76 36.13 -2.90
N LEU D 105 -19.50 36.53 -2.75
CA LEU D 105 -18.39 35.59 -2.65
C LEU D 105 -17.50 35.97 -1.48
N THR D 106 -16.85 34.97 -0.89
CA THR D 106 -15.93 35.17 0.23
C THR D 106 -14.52 34.77 -0.20
N GLU D 107 -13.56 35.64 0.07
CA GLU D 107 -12.17 35.46 -0.34
C GLU D 107 -11.27 35.39 0.88
N ALA D 108 -10.24 34.56 0.79
CA ALA D 108 -9.33 34.36 1.90
C ALA D 108 -8.52 35.64 2.16
N PRO D 109 -8.08 35.85 3.41
CA PRO D 109 -7.23 37.01 3.69
C PRO D 109 -5.90 36.91 2.97
N LEU D 110 -5.35 38.07 2.63
CA LEU D 110 -4.12 38.17 1.85
C LEU D 110 -4.26 37.45 0.51
N ASN D 111 -5.43 37.57 -0.10
CA ASN D 111 -5.67 36.94 -1.39
C ASN D 111 -4.81 37.58 -2.45
N PRO D 112 -4.17 36.81 -3.33
CA PRO D 112 -3.36 37.41 -4.39
C PRO D 112 -4.17 38.34 -5.28
N LYS D 113 -3.51 39.38 -5.76
CA LYS D 113 -4.20 40.43 -6.53
C LYS D 113 -4.80 39.88 -7.82
N ALA D 114 -4.14 38.89 -8.44
CA ALA D 114 -4.60 38.37 -9.72
C ALA D 114 -5.88 37.57 -9.58
N ASN D 115 -6.05 36.85 -8.46
CA ASN D 115 -7.22 36.00 -8.30
C ASN D 115 -8.50 36.82 -8.25
N ARG D 116 -8.45 38.01 -7.64
CA ARG D 116 -9.65 38.83 -7.50
C ARG D 116 -10.20 39.27 -8.86
N GLU D 117 -9.32 39.62 -9.79
CA GLU D 117 -9.78 39.99 -11.12
C GLU D 117 -10.32 38.79 -11.88
N LYS D 118 -9.71 37.62 -11.67
CA LYS D 118 -10.08 36.43 -12.43
C LYS D 118 -11.52 36.02 -12.15
N MET D 119 -11.93 36.06 -10.88
CA MET D 119 -13.29 35.67 -10.52
C MET D 119 -14.33 36.63 -11.10
N THR D 120 -14.01 37.93 -11.12
CA THR D 120 -14.96 38.92 -11.61
C THR D 120 -15.31 38.67 -13.07
N GLN D 121 -14.31 38.34 -13.89
CA GLN D 121 -14.59 38.08 -15.30
C GLN D 121 -15.36 36.77 -15.48
N ILE D 122 -15.14 35.79 -14.60
CA ILE D 122 -15.80 34.50 -14.76
C ILE D 122 -17.31 34.64 -14.55
N MET D 123 -17.72 35.30 -13.47
CA MET D 123 -19.14 35.39 -13.17
C MET D 123 -19.85 36.38 -14.08
N PHE D 124 -19.22 37.52 -14.37
CA PHE D 124 -19.89 38.56 -15.14
C PHE D 124 -20.07 38.16 -16.60
N GLU D 125 -19.15 37.37 -17.15
CA GLU D 125 -19.23 37.00 -18.57
C GLU D 125 -19.94 35.66 -18.77
N THR D 126 -19.43 34.60 -18.15
CA THR D 126 -20.00 33.27 -18.37
C THR D 126 -21.40 33.16 -17.78
N PHE D 127 -21.57 33.57 -16.53
CA PHE D 127 -22.85 33.42 -15.84
C PHE D 127 -23.78 34.61 -16.04
N ASN D 128 -23.28 35.74 -16.53
CA ASN D 128 -24.08 36.93 -16.79
C ASN D 128 -24.82 37.39 -15.53
N VAL D 129 -24.09 37.45 -14.42
CA VAL D 129 -24.66 37.89 -13.14
C VAL D 129 -24.81 39.40 -13.15
N PRO D 130 -26.02 39.93 -12.92
CA PRO D 130 -26.18 41.39 -12.93
C PRO D 130 -25.37 42.12 -11.87
N ALA D 131 -25.15 41.53 -10.70
CA ALA D 131 -24.42 42.20 -9.64
C ALA D 131 -23.64 41.18 -8.84
N MET D 132 -22.57 41.63 -8.19
CA MET D 132 -21.69 40.74 -7.47
C MET D 132 -20.88 41.54 -6.46
N TYR D 133 -20.59 40.91 -5.33
CA TYR D 133 -19.72 41.50 -4.31
C TYR D 133 -18.75 40.44 -3.81
N VAL D 134 -17.59 40.91 -3.33
CA VAL D 134 -16.54 40.05 -2.82
C VAL D 134 -16.20 40.49 -1.41
N ALA D 135 -16.17 39.55 -0.48
CA ALA D 135 -15.91 39.82 0.93
C ALA D 135 -14.71 39.01 1.40
N ILE D 136 -14.46 39.06 2.71
CA ILE D 136 -13.33 38.38 3.34
C ILE D 136 -13.87 37.37 4.35
N GLN D 137 -13.21 36.21 4.42
CA GLN D 137 -13.67 35.16 5.32
C GLN D 137 -13.64 35.61 6.78
N ALA D 138 -12.58 36.31 7.18
CA ALA D 138 -12.44 36.70 8.57
C ALA D 138 -13.40 37.84 8.94
N VAL D 139 -13.66 38.77 8.02
CA VAL D 139 -14.58 39.86 8.30
C VAL D 139 -15.99 39.33 8.53
N LEU D 140 -16.44 38.41 7.66
CA LEU D 140 -17.78 37.85 7.83
C LEU D 140 -17.86 36.93 9.03
N SER D 141 -16.75 36.35 9.46
CA SER D 141 -16.76 35.45 10.60
C SER D 141 -17.10 36.20 11.89
N LEU D 142 -16.58 37.42 12.05
CA LEU D 142 -16.87 38.19 13.25
C LEU D 142 -18.28 38.75 13.24
N TYR D 143 -18.84 39.00 12.05
CA TYR D 143 -20.22 39.48 11.97
C TYR D 143 -21.20 38.45 12.50
N ALA D 144 -20.98 37.17 12.18
CA ALA D 144 -21.88 36.11 12.60
C ALA D 144 -21.83 35.84 14.11
N SER D 145 -20.82 36.35 14.81
CA SER D 145 -20.72 36.19 16.25
C SER D 145 -21.29 37.37 17.01
N GLY D 146 -21.96 38.29 16.33
CA GLY D 146 -22.54 39.46 16.98
C GLY D 146 -21.51 40.41 17.56
N ARG D 147 -20.45 40.69 16.83
CA ARG D 147 -19.41 41.62 17.26
C ARG D 147 -18.97 42.46 16.08
N THR D 148 -18.10 43.43 16.37
CA THR D 148 -17.46 44.23 15.34
C THR D 148 -15.97 44.43 15.56
N THR D 149 -15.44 44.13 16.74
CA THR D 149 -14.02 44.27 17.03
C THR D 149 -13.55 43.02 17.76
N GLY D 150 -12.56 42.34 17.20
CA GLY D 150 -12.05 41.14 17.80
C GLY D 150 -10.99 40.50 16.92
N ILE D 151 -10.48 39.37 17.40
CA ILE D 151 -9.47 38.59 16.69
C ILE D 151 -10.07 37.23 16.35
N VAL D 152 -9.98 36.84 15.09
CA VAL D 152 -10.62 35.63 14.58
C VAL D 152 -9.55 34.58 14.35
N LEU D 153 -9.77 33.38 14.90
CA LEU D 153 -8.91 32.23 14.65
C LEU D 153 -9.57 31.37 13.58
N ASP D 154 -9.49 31.84 12.33
CA ASP D 154 -10.12 31.16 11.20
C ASP D 154 -9.22 30.01 10.77
N SER D 155 -9.48 28.83 11.33
CA SER D 155 -8.71 27.63 11.05
C SER D 155 -9.58 26.66 10.27
N GLY D 156 -9.45 26.67 8.95
CA GLY D 156 -10.22 25.84 8.06
C GLY D 156 -9.49 24.56 7.68
N ASP D 157 -9.72 24.12 6.45
CA ASP D 157 -9.08 22.91 5.93
C ASP D 157 -7.74 23.19 5.26
N GLY D 158 -7.59 24.33 4.63
CA GLY D 158 -6.36 24.67 3.92
C GLY D 158 -5.31 25.34 4.76
N VAL D 159 -5.69 26.44 5.43
CA VAL D 159 -4.72 27.28 6.14
C VAL D 159 -5.37 27.86 7.39
N THR D 160 -4.60 27.91 8.48
CA THR D 160 -5.01 28.54 9.72
C THR D 160 -4.62 30.01 9.71
N HIS D 161 -5.53 30.85 10.20
CA HIS D 161 -5.33 32.30 10.17
C HIS D 161 -5.67 32.91 11.52
N ASN D 162 -5.05 34.06 11.79
CA ASN D 162 -5.36 34.90 12.95
C ASN D 162 -5.46 36.33 12.44
N VAL D 163 -6.68 36.82 12.28
CA VAL D 163 -6.95 38.11 11.66
C VAL D 163 -7.57 39.03 12.69
N PRO D 164 -6.78 39.90 13.32
CA PRO D 164 -7.37 40.89 14.23
C PRO D 164 -8.13 41.95 13.43
N ILE D 165 -9.35 42.23 13.88
CA ILE D 165 -10.25 43.15 13.19
C ILE D 165 -10.57 44.31 14.12
N TYR D 166 -10.63 45.52 13.56
CA TYR D 166 -10.95 46.72 14.32
C TYR D 166 -11.98 47.52 13.55
N GLU D 167 -13.21 47.55 14.05
CA GLU D 167 -14.30 48.35 13.48
C GLU D 167 -14.55 48.01 12.01
N GLY D 168 -14.56 46.71 11.71
CA GLY D 168 -14.93 46.23 10.40
C GLY D 168 -13.83 46.19 9.37
N TYR D 169 -12.61 46.55 9.73
CA TYR D 169 -11.46 46.49 8.83
C TYR D 169 -10.34 45.69 9.49
N ALA D 170 -9.77 44.75 8.73
CA ALA D 170 -8.68 43.94 9.24
C ALA D 170 -7.40 44.77 9.36
N LEU D 171 -6.47 44.29 10.19
CA LEU D 171 -5.18 44.92 10.37
C LEU D 171 -4.14 44.16 9.57
N PRO D 172 -3.79 44.61 8.35
CA PRO D 172 -2.87 43.81 7.53
C PRO D 172 -1.50 43.60 8.15
N HIS D 173 -1.04 44.52 8.99
CA HIS D 173 0.28 44.37 9.59
C HIS D 173 0.31 43.31 10.69
N ALA D 174 -0.85 42.95 11.26
CA ALA D 174 -0.93 42.00 12.34
C ALA D 174 -1.58 40.68 11.93
N ILE D 175 -1.83 40.48 10.64
CA ILE D 175 -2.43 39.24 10.16
C ILE D 175 -1.35 38.17 10.09
N MET D 176 -1.56 37.06 10.79
CA MET D 176 -0.64 35.94 10.79
C MET D 176 -1.16 34.84 9.87
N ARG D 177 -0.40 33.74 9.79
CA ARG D 177 -0.77 32.61 8.95
C ARG D 177 0.05 31.40 9.38
N LEU D 178 -0.61 30.27 9.57
CA LEU D 178 0.04 29.02 9.93
C LEU D 178 -0.49 27.91 9.02
N ASP D 179 0.43 27.13 8.45
CA ASP D 179 0.05 26.03 7.56
C ASP D 179 -0.10 24.73 8.35
N LEU D 180 -0.96 24.79 9.37
CA LEU D 180 -1.32 23.64 10.19
C LEU D 180 -2.84 23.59 10.24
N ALA D 181 -3.44 22.94 9.25
CA ALA D 181 -4.89 22.92 9.07
C ALA D 181 -5.37 21.46 9.11
N GLY D 182 -6.65 21.28 8.77
CA GLY D 182 -7.24 19.95 8.83
C GLY D 182 -6.59 18.96 7.88
N ARG D 183 -6.27 19.41 6.67
CA ARG D 183 -5.66 18.50 5.70
C ARG D 183 -4.30 18.00 6.17
N ASP D 184 -3.50 18.88 6.77
CA ASP D 184 -2.23 18.45 7.34
C ASP D 184 -2.41 17.60 8.58
N LEU D 185 -3.54 17.76 9.28
CA LEU D 185 -3.77 16.99 10.50
C LEU D 185 -4.16 15.55 10.19
N THR D 186 -4.95 15.33 9.14
CA THR D 186 -5.34 13.97 8.77
C THR D 186 -4.21 13.21 8.10
N ASP D 187 -3.27 13.92 7.46
CA ASP D 187 -2.12 13.24 6.88
C ASP D 187 -1.12 12.80 7.93
N TYR D 188 -1.11 13.49 9.08
CA TYR D 188 -0.28 13.03 10.19
C TYR D 188 -0.88 11.82 10.89
N LEU D 189 -2.21 11.73 10.91
CA LEU D 189 -2.87 10.59 11.54
C LEU D 189 -2.58 9.29 10.78
N MET D 190 -2.51 9.37 9.45
CA MET D 190 -2.20 8.18 8.65
C MET D 190 -0.81 7.67 8.97
N LYS D 191 0.16 8.57 9.17
CA LYS D 191 1.52 8.15 9.47
C LYS D 191 1.60 7.41 10.81
N ILE D 192 0.90 7.91 11.83
CA ILE D 192 0.95 7.27 13.14
C ILE D 192 -0.04 6.13 13.28
N LEU D 193 -0.96 5.98 12.33
CA LEU D 193 -1.89 4.86 12.37
C LEU D 193 -1.21 3.55 11.97
N THR D 194 -0.11 3.62 11.22
CA THR D 194 0.63 2.43 10.87
C THR D 194 1.45 1.88 12.04
N GLU D 195 1.57 2.64 13.13
CA GLU D 195 2.27 2.12 14.31
C GLU D 195 1.54 0.92 14.90
N ARG D 196 0.23 0.83 14.67
CA ARG D 196 -0.56 -0.32 15.10
C ARG D 196 -0.76 -1.36 14.00
N GLY D 197 -0.49 -1.00 12.75
CA GLY D 197 -0.58 -1.96 11.66
C GLY D 197 -1.41 -1.49 10.48
N TYR D 198 -2.47 -0.73 10.75
CA TYR D 198 -3.38 -0.31 9.69
C TYR D 198 -2.71 0.66 8.73
N SER D 199 -2.95 0.46 7.43
CA SER D 199 -2.29 1.24 6.38
C SER D 199 -3.33 1.86 5.46
N PHE D 200 -3.18 3.16 5.19
CA PHE D 200 -4.05 3.89 4.27
C PHE D 200 -3.16 4.71 3.36
N VAL D 201 -3.08 4.31 2.08
CA VAL D 201 -2.14 4.93 1.15
C VAL D 201 -2.85 5.38 -0.13
N THR D 202 -4.13 5.72 -0.02
CA THR D 202 -4.92 6.12 -1.17
C THR D 202 -5.69 7.38 -0.85
N THR D 203 -5.91 8.21 -1.87
CA THR D 203 -6.71 9.42 -1.69
C THR D 203 -8.14 9.07 -1.30
N ALA D 204 -8.71 8.03 -1.91
CA ALA D 204 -10.03 7.57 -1.48
C ALA D 204 -10.01 7.04 -0.06
N GLU D 205 -8.86 6.51 0.38
CA GLU D 205 -8.71 6.04 1.75
C GLU D 205 -8.36 7.18 2.71
N ARG D 206 -8.16 8.40 2.21
CA ARG D 206 -7.99 9.55 3.07
C ARG D 206 -9.32 10.00 3.67
N GLU D 207 -10.41 9.89 2.91
CA GLU D 207 -11.71 10.23 3.45
C GLU D 207 -12.10 9.30 4.60
N ILE D 208 -11.70 8.03 4.51
CA ILE D 208 -11.97 7.09 5.59
C ILE D 208 -11.22 7.49 6.86
N VAL D 209 -9.96 7.88 6.71
CA VAL D 209 -9.19 8.30 7.88
C VAL D 209 -9.58 9.70 8.34
N ARG D 210 -10.25 10.48 7.48
CA ARG D 210 -10.77 11.77 7.92
C ARG D 210 -11.87 11.58 8.96
N ASP D 211 -12.76 10.61 8.75
CA ASP D 211 -13.88 10.41 9.66
C ASP D 211 -13.44 9.82 10.98
N ILE D 212 -12.32 9.10 11.00
CA ILE D 212 -11.80 8.58 12.27
C ILE D 212 -11.34 9.73 13.15
N LYS D 213 -10.65 10.71 12.56
CA LYS D 213 -10.19 11.87 13.33
C LYS D 213 -11.36 12.74 13.76
N GLU D 214 -12.36 12.90 12.90
CA GLU D 214 -13.50 13.76 13.23
C GLU D 214 -14.30 13.23 14.40
N LYS D 215 -14.41 11.91 14.53
CA LYS D 215 -15.27 11.31 15.55
C LYS D 215 -14.53 10.98 16.84
N LEU D 216 -13.30 10.47 16.73
CA LEU D 216 -12.62 9.89 17.88
C LEU D 216 -11.52 10.76 18.46
N CYS D 217 -10.92 11.65 17.67
CA CYS D 217 -9.78 12.44 18.14
C CYS D 217 -10.25 13.62 18.97
N TYR D 218 -9.53 13.87 20.07
CA TYR D 218 -9.82 14.99 20.96
C TYR D 218 -8.50 15.59 21.44
N VAL D 219 -8.60 16.59 22.32
CA VAL D 219 -7.44 17.33 22.81
C VAL D 219 -7.33 17.12 24.31
N ALA D 220 -6.13 16.81 24.78
CA ALA D 220 -5.87 16.59 26.20
C ALA D 220 -5.32 17.85 26.85
N LEU D 221 -5.83 18.17 28.04
CA LEU D 221 -5.37 19.36 28.74
C LEU D 221 -3.89 19.26 29.11
N ASP D 222 -3.47 18.09 29.60
CA ASP D 222 -2.07 17.84 29.96
C ASP D 222 -1.58 16.68 29.12
N PHE D 223 -0.62 16.95 28.24
CA PHE D 223 -0.12 15.91 27.34
C PHE D 223 0.55 14.78 28.11
N GLU D 224 1.35 15.12 29.12
CA GLU D 224 2.02 14.08 29.91
C GLU D 224 1.02 13.22 30.67
N ASN D 225 -0.02 13.84 31.24
CA ASN D 225 -1.01 13.08 31.99
C ASN D 225 -1.74 12.09 31.10
N GLU D 226 -2.12 12.51 29.89
CA GLU D 226 -2.76 11.59 28.96
C GLU D 226 -1.79 10.55 28.43
N MET D 227 -0.51 10.92 28.29
CA MET D 227 0.50 9.95 27.88
C MET D 227 0.64 8.83 28.90
N ALA D 228 0.66 9.18 30.19
CA ALA D 228 0.74 8.16 31.23
C ALA D 228 -0.58 7.44 31.42
N THR D 229 -1.70 8.10 31.11
CA THR D 229 -3.00 7.47 31.26
C THR D 229 -3.17 6.31 30.29
N ALA D 230 -2.77 6.50 29.03
CA ALA D 230 -2.90 5.44 28.03
C ALA D 230 -1.99 4.26 28.37
N ALA D 231 -0.77 4.54 28.84
CA ALA D 231 0.15 3.47 29.18
C ALA D 231 -0.31 2.71 30.42
N SER D 232 -0.88 3.41 31.39
CA SER D 232 -1.31 2.75 32.63
C SER D 232 -2.48 1.80 32.39
N SER D 233 -3.48 2.25 31.62
CA SER D 233 -4.66 1.45 31.37
C SER D 233 -5.15 1.69 29.94
N SER D 234 -5.91 0.71 29.43
CA SER D 234 -6.46 0.77 28.08
C SER D 234 -7.85 1.40 28.05
N SER D 235 -8.16 2.27 29.02
CA SER D 235 -9.48 2.89 29.05
C SER D 235 -9.68 3.86 27.89
N LEU D 236 -8.59 4.37 27.32
CA LEU D 236 -8.69 5.34 26.22
C LEU D 236 -9.03 4.69 24.89
N GLU D 237 -9.00 3.36 24.79
CA GLU D 237 -9.19 2.70 23.51
C GLU D 237 -10.60 2.88 22.98
N LYS D 238 -10.71 3.04 21.67
CA LYS D 238 -11.98 3.15 20.98
C LYS D 238 -11.94 2.30 19.72
N SER D 239 -13.12 1.86 19.28
CA SER D 239 -13.25 0.99 18.13
C SER D 239 -14.02 1.70 17.02
N TYR D 240 -13.51 1.61 15.79
CA TYR D 240 -14.15 2.19 14.62
C TYR D 240 -14.22 1.14 13.53
N GLU D 241 -15.34 1.11 12.80
CA GLU D 241 -15.58 0.10 11.78
C GLU D 241 -15.38 0.73 10.40
N LEU D 242 -14.48 0.13 9.61
CA LEU D 242 -14.21 0.61 8.27
C LEU D 242 -15.39 0.32 7.34
N PRO D 243 -15.45 0.99 6.19
CA PRO D 243 -16.57 0.72 5.26
C PRO D 243 -16.67 -0.73 4.83
N ASP D 244 -15.56 -1.46 4.75
CA ASP D 244 -15.60 -2.85 4.32
C ASP D 244 -15.93 -3.82 5.45
N GLY D 245 -16.12 -3.33 6.68
CA GLY D 245 -16.53 -4.16 7.78
C GLY D 245 -15.44 -4.51 8.78
N GLN D 246 -14.19 -4.15 8.50
CA GLN D 246 -13.13 -4.40 9.46
C GLN D 246 -13.24 -3.43 10.64
N VAL D 247 -12.69 -3.84 11.77
CA VAL D 247 -12.71 -3.05 13.00
C VAL D 247 -11.28 -2.69 13.38
N ILE D 248 -11.07 -1.42 13.72
CA ILE D 248 -9.76 -0.92 14.10
C ILE D 248 -9.85 -0.28 15.48
N THR D 249 -8.78 -0.37 16.24
CA THR D 249 -8.72 0.13 17.60
C THR D 249 -7.53 1.08 17.74
N ILE D 250 -7.78 2.26 18.28
CA ILE D 250 -6.75 3.27 18.49
C ILE D 250 -6.76 3.70 19.95
N GLY D 251 -5.57 3.79 20.54
CA GLY D 251 -5.44 4.17 21.93
C GLY D 251 -4.94 5.59 22.12
N ASN D 252 -3.65 5.74 22.42
CA ASN D 252 -3.08 7.07 22.64
C ASN D 252 -3.01 7.90 21.36
N GLU D 253 -3.24 7.30 20.20
CA GLU D 253 -3.26 8.07 18.95
C GLU D 253 -4.47 8.98 18.85
N ARG D 254 -5.43 8.85 19.76
CA ARG D 254 -6.64 9.68 19.70
C ARG D 254 -6.31 11.15 19.92
N PHE D 255 -5.54 11.45 20.97
CA PHE D 255 -5.25 12.82 21.35
C PHE D 255 -3.93 13.34 20.81
N ARG D 256 -3.16 12.52 20.10
CA ARG D 256 -1.91 12.96 19.51
C ARG D 256 -2.09 13.58 18.12
N CYS D 257 -3.26 13.41 17.51
CA CYS D 257 -3.50 14.00 16.20
C CYS D 257 -3.83 15.49 16.30
N PRO D 258 -4.75 15.92 17.17
CA PRO D 258 -5.02 17.36 17.28
C PRO D 258 -4.03 18.11 18.16
N GLU D 259 -3.14 17.40 18.86
CA GLU D 259 -2.10 18.04 19.66
C GLU D 259 -1.04 18.72 18.81
N THR D 260 -0.91 18.32 17.55
CA THR D 260 0.09 18.93 16.67
C THR D 260 -0.16 20.43 16.50
N LEU D 261 -1.40 20.89 16.71
CA LEU D 261 -1.69 22.31 16.65
C LEU D 261 -0.98 23.09 17.75
N PHE D 262 -0.64 22.44 18.86
CA PHE D 262 0.05 23.10 19.96
C PHE D 262 1.52 22.72 20.08
N GLN D 263 1.94 21.60 19.49
CA GLN D 263 3.34 21.21 19.43
C GLN D 263 3.67 20.86 17.99
N PRO D 264 3.83 21.85 17.12
CA PRO D 264 4.02 21.58 15.69
C PRO D 264 5.31 20.86 15.37
N SER D 265 6.18 20.59 16.34
CA SER D 265 7.38 19.79 16.07
C SER D 265 7.04 18.34 15.78
N PHE D 266 5.83 17.89 16.13
CA PHE D 266 5.44 16.51 15.86
C PHE D 266 5.38 16.24 14.35
N ILE D 267 4.81 17.18 13.59
CA ILE D 267 4.68 16.99 12.14
C ILE D 267 5.91 17.47 11.39
N GLY D 268 6.92 18.00 12.07
CA GLY D 268 8.13 18.47 11.44
C GLY D 268 8.20 19.97 11.25
N MET D 269 7.09 20.68 11.39
CA MET D 269 7.11 22.13 11.28
C MET D 269 7.89 22.75 12.42
N GLU D 270 8.66 23.79 12.12
CA GLU D 270 9.48 24.49 13.11
C GLU D 270 8.81 25.74 13.66
N SER D 271 7.57 26.00 13.27
CA SER D 271 6.84 27.16 13.77
C SER D 271 6.33 26.91 15.18
N ALA D 272 5.60 27.87 15.72
CA ALA D 272 5.00 27.75 17.04
C ALA D 272 3.55 27.31 16.93
N GLY D 273 2.97 26.94 18.08
CA GLY D 273 1.61 26.47 18.11
C GLY D 273 0.61 27.57 17.87
N ILE D 274 -0.67 27.17 17.79
CA ILE D 274 -1.74 28.14 17.57
C ILE D 274 -1.88 29.06 18.78
N HIS D 275 -1.55 28.57 19.98
CA HIS D 275 -1.62 29.43 21.16
C HIS D 275 -0.63 30.58 21.08
N GLU D 276 0.59 30.30 20.60
CA GLU D 276 1.59 31.36 20.48
C GLU D 276 1.30 32.27 19.29
N THR D 277 0.64 31.76 18.25
CA THR D 277 0.37 32.59 17.08
C THR D 277 -0.57 33.74 17.42
N THR D 278 -1.60 33.49 18.23
CA THR D 278 -2.48 34.56 18.68
C THR D 278 -1.72 35.56 19.55
N TYR D 279 -0.86 35.06 20.44
CA TYR D 279 -0.08 35.94 21.29
C TYR D 279 0.87 36.81 20.47
N ASN D 280 1.52 36.22 19.46
CA ASN D 280 2.42 36.99 18.61
C ASN D 280 1.64 37.99 17.77
N SER D 281 0.47 37.59 17.25
CA SER D 281 -0.32 38.49 16.43
C SER D 281 -1.02 39.57 17.25
N ILE D 282 -1.00 39.48 18.57
CA ILE D 282 -1.62 40.49 19.41
C ILE D 282 -0.65 41.58 19.84
N MET D 283 0.66 41.31 19.80
CA MET D 283 1.65 42.32 20.16
C MET D 283 1.95 43.28 19.02
N LYS D 284 1.45 43.01 17.82
CA LYS D 284 1.61 43.93 16.70
C LYS D 284 0.60 45.06 16.71
N CYS D 285 -0.37 45.03 17.61
CA CYS D 285 -1.41 46.05 17.71
C CYS D 285 -1.05 47.05 18.81
N ASP D 286 -1.91 48.06 18.96
CA ASP D 286 -1.67 49.09 19.96
C ASP D 286 -1.84 48.52 21.37
N ILE D 287 -1.18 49.16 22.33
CA ILE D 287 -1.23 48.70 23.71
C ILE D 287 -2.65 48.80 24.27
N ASP D 288 -3.34 49.92 24.00
CA ASP D 288 -4.69 50.10 24.52
C ASP D 288 -5.65 49.08 23.93
N ILE D 289 -5.50 48.77 22.64
CA ILE D 289 -6.39 47.82 21.98
C ILE D 289 -6.20 46.41 22.53
N ARG D 290 -5.00 46.09 23.02
CA ARG D 290 -4.71 44.73 23.48
C ARG D 290 -5.65 44.29 24.60
N LYS D 291 -6.05 45.21 25.47
CA LYS D 291 -7.05 44.87 26.48
C LYS D 291 -8.38 44.49 25.84
N ASP D 292 -8.78 45.24 24.80
CA ASP D 292 -10.03 44.93 24.12
C ASP D 292 -9.89 43.66 23.28
N LEU D 293 -8.78 43.52 22.56
CA LEU D 293 -8.59 42.38 21.68
C LEU D 293 -8.37 41.07 22.43
N TYR D 294 -7.91 41.13 23.69
CA TYR D 294 -7.62 39.89 24.40
C TYR D 294 -8.88 39.14 24.82
N ALA D 295 -9.99 39.87 24.99
CA ALA D 295 -11.24 39.27 25.45
C ALA D 295 -12.20 38.98 24.31
N ASN D 296 -11.72 38.97 23.07
CA ASN D 296 -12.58 38.75 21.90
C ASN D 296 -11.94 37.74 20.96
N ASN D 297 -11.45 36.63 21.50
CA ASN D 297 -10.92 35.55 20.68
C ASN D 297 -12.09 34.72 20.15
N VAL D 298 -12.33 34.81 18.84
CA VAL D 298 -13.48 34.20 18.21
C VAL D 298 -13.02 33.04 17.33
N MET D 299 -13.55 31.85 17.59
CA MET D 299 -13.25 30.68 16.80
C MET D 299 -13.97 30.75 15.46
N SER D 300 -13.49 29.94 14.51
CA SER D 300 -14.13 29.81 13.21
C SER D 300 -13.56 28.57 12.53
N GLY D 301 -14.18 28.20 11.42
CA GLY D 301 -13.75 27.04 10.67
C GLY D 301 -14.04 25.72 11.34
N GLY D 302 -13.97 24.62 10.58
CA GLY D 302 -14.29 23.32 11.14
C GLY D 302 -13.18 22.67 11.93
N THR D 303 -11.92 23.06 11.69
CA THR D 303 -10.79 22.39 12.32
C THR D 303 -10.69 22.66 13.81
N THR D 304 -11.46 23.62 14.34
CA THR D 304 -11.43 23.94 15.76
C THR D 304 -12.52 23.22 16.55
N MET D 305 -13.27 22.32 15.91
CA MET D 305 -14.36 21.61 16.58
C MET D 305 -13.81 20.33 17.22
N TYR D 306 -12.99 20.54 18.24
CA TYR D 306 -12.42 19.44 19.00
C TYR D 306 -12.88 19.51 20.46
N PRO D 307 -13.03 18.37 21.13
CA PRO D 307 -13.38 18.39 22.55
C PRO D 307 -12.23 18.96 23.37
N GLY D 308 -12.55 19.94 24.21
CA GLY D 308 -11.56 20.55 25.08
C GLY D 308 -10.47 21.33 24.37
N ILE D 309 -10.82 22.07 23.31
CA ILE D 309 -9.88 22.94 22.63
C ILE D 309 -10.05 24.39 23.06
N ALA D 310 -11.30 24.82 23.30
CA ALA D 310 -11.56 26.17 23.80
C ALA D 310 -11.09 26.35 25.23
N ASP D 311 -10.76 25.26 25.93
CA ASP D 311 -10.23 25.32 27.28
C ASP D 311 -8.72 25.08 27.31
N ARG D 312 -8.20 24.23 26.44
CA ARG D 312 -6.76 23.97 26.42
C ARG D 312 -5.97 25.22 26.06
N MET D 313 -6.42 25.96 25.05
CA MET D 313 -5.69 27.15 24.64
C MET D 313 -5.84 28.27 25.66
N GLN D 314 -6.96 28.32 26.39
CA GLN D 314 -7.09 29.31 27.46
C GLN D 314 -6.06 29.06 28.55
N LYS D 315 -5.80 27.79 28.86
CA LYS D 315 -4.74 27.47 29.80
C LYS D 315 -3.37 27.88 29.25
N GLU D 316 -3.15 27.67 27.95
CA GLU D 316 -1.87 28.02 27.34
C GLU D 316 -1.69 29.52 27.27
N ILE D 317 -2.70 30.25 26.79
CA ILE D 317 -2.59 31.69 26.63
C ILE D 317 -2.40 32.37 27.99
N THR D 318 -2.92 31.76 29.06
CA THR D 318 -2.71 32.31 30.39
C THR D 318 -1.23 32.39 30.74
N ALA D 319 -0.46 31.35 30.37
CA ALA D 319 0.97 31.37 30.63
C ALA D 319 1.67 32.48 29.84
N LEU D 320 1.32 32.64 28.56
CA LEU D 320 1.97 33.67 27.74
C LEU D 320 1.51 35.07 28.14
N ALA D 321 0.21 35.24 28.38
CA ALA D 321 -0.31 36.55 28.74
C ALA D 321 0.07 36.89 30.18
N PRO D 322 0.14 38.18 30.51
CA PRO D 322 0.39 38.57 31.89
C PRO D 322 -0.75 38.17 32.81
N SER D 323 -0.45 38.13 34.11
CA SER D 323 -1.45 37.74 35.09
C SER D 323 -2.62 38.72 35.12
N THR D 324 -2.32 40.01 35.01
CA THR D 324 -3.39 41.02 35.02
C THR D 324 -4.29 40.89 33.80
N MET D 325 -3.73 40.50 32.66
CA MET D 325 -4.50 40.40 31.42
C MET D 325 -5.60 39.36 31.57
N LYS D 326 -6.75 39.65 30.97
CA LYS D 326 -7.90 38.75 30.97
C LYS D 326 -8.07 38.12 29.59
N ILE D 327 -8.58 36.89 29.58
CA ILE D 327 -8.77 36.13 28.35
C ILE D 327 -10.21 35.64 28.30
N LYS D 328 -10.84 35.81 27.15
CA LYS D 328 -12.22 35.35 26.93
C LYS D 328 -12.27 34.65 25.57
N ILE D 329 -12.26 33.33 25.59
CA ILE D 329 -12.33 32.53 24.37
C ILE D 329 -13.80 32.36 23.99
N ILE D 330 -14.14 32.78 22.77
CA ILE D 330 -15.52 32.70 22.27
C ILE D 330 -15.58 31.55 21.28
N ALA D 331 -16.39 30.55 21.59
CA ALA D 331 -16.54 29.36 20.76
C ALA D 331 -18.02 29.10 20.54
N PRO D 332 -18.64 29.79 19.57
CA PRO D 332 -20.06 29.58 19.31
C PRO D 332 -20.30 28.16 18.84
N PRO D 333 -21.46 27.59 19.18
CA PRO D 333 -21.73 26.20 18.77
C PRO D 333 -21.75 25.98 17.28
N GLU D 334 -22.18 26.98 16.50
CA GLU D 334 -22.29 26.87 15.05
C GLU D 334 -21.07 27.45 14.33
N ARG D 335 -19.89 27.33 14.93
CA ARG D 335 -18.69 27.92 14.35
C ARG D 335 -18.24 27.23 13.07
N LYS D 336 -18.81 26.06 12.74
CA LYS D 336 -18.41 25.39 11.51
C LYS D 336 -18.82 26.20 10.29
N TYR D 337 -20.01 26.82 10.33
CA TYR D 337 -20.52 27.58 9.20
C TYR D 337 -20.61 29.08 9.52
N SER D 338 -19.71 29.58 10.36
CA SER D 338 -19.77 30.98 10.77
C SER D 338 -19.53 31.92 9.60
N VAL D 339 -18.61 31.57 8.71
CA VAL D 339 -18.25 32.48 7.62
C VAL D 339 -19.45 32.73 6.72
N TRP D 340 -20.20 31.68 6.38
CA TRP D 340 -21.38 31.87 5.54
C TRP D 340 -22.45 32.68 6.26
N ILE D 341 -22.64 32.43 7.56
CA ILE D 341 -23.71 33.09 8.31
C ILE D 341 -23.52 34.61 8.29
N GLY D 342 -22.28 35.07 8.50
CA GLY D 342 -22.02 36.49 8.41
C GLY D 342 -22.30 37.05 7.03
N GLY D 343 -21.98 36.29 5.98
CA GLY D 343 -22.27 36.74 4.64
C GLY D 343 -23.75 36.86 4.37
N SER D 344 -24.55 35.94 4.93
CA SER D 344 -25.99 36.04 4.79
C SER D 344 -26.53 37.28 5.48
N ILE D 345 -25.99 37.61 6.66
CA ILE D 345 -26.41 38.81 7.38
C ILE D 345 -26.05 40.06 6.57
N LEU D 346 -24.83 40.10 6.04
CA LEU D 346 -24.37 41.30 5.32
C LEU D 346 -25.17 41.54 4.05
N ALA D 347 -25.52 40.48 3.33
CA ALA D 347 -26.23 40.64 2.06
C ALA D 347 -27.67 41.09 2.25
N SER D 348 -28.25 40.87 3.44
CA SER D 348 -29.64 41.22 3.69
C SER D 348 -29.82 42.65 4.17
N LEU D 349 -28.74 43.38 4.43
CA LEU D 349 -28.85 44.74 4.92
C LEU D 349 -29.45 45.65 3.85
N SER D 350 -30.32 46.58 4.28
CA SER D 350 -30.93 47.50 3.34
C SER D 350 -29.90 48.48 2.77
N THR D 351 -28.95 48.93 3.58
CA THR D 351 -27.94 49.87 3.15
C THR D 351 -26.79 49.21 2.39
N PHE D 352 -26.78 47.87 2.30
CA PHE D 352 -25.69 47.17 1.65
C PHE D 352 -25.78 47.21 0.13
N GLN D 353 -26.94 47.57 -0.42
CA GLN D 353 -27.13 47.58 -1.87
C GLN D 353 -26.29 48.64 -2.58
N GLN D 354 -25.68 49.57 -1.84
CA GLN D 354 -24.83 50.57 -2.46
C GLN D 354 -23.43 50.04 -2.77
N MET D 355 -23.07 48.87 -2.25
CA MET D 355 -21.75 48.28 -2.46
C MET D 355 -21.77 47.14 -3.47
N TRP D 356 -22.59 47.24 -4.52
CA TRP D 356 -22.76 46.19 -5.49
C TRP D 356 -22.33 46.69 -6.87
N ILE D 357 -21.54 45.88 -7.56
CA ILE D 357 -21.05 46.22 -8.89
C ILE D 357 -22.18 45.94 -9.88
N THR D 358 -22.80 47.00 -10.39
CA THR D 358 -23.88 46.86 -11.35
C THR D 358 -23.33 46.39 -12.70
N LYS D 359 -24.21 45.77 -13.49
CA LYS D 359 -23.80 45.30 -14.81
C LYS D 359 -23.35 46.46 -15.69
N GLN D 360 -24.08 47.58 -15.65
CA GLN D 360 -23.65 48.75 -16.41
C GLN D 360 -22.34 49.31 -15.88
N GLU D 361 -22.08 49.18 -14.59
CA GLU D 361 -20.80 49.60 -14.03
C GLU D 361 -19.65 48.76 -14.58
N TYR D 362 -19.90 47.45 -14.78
CA TYR D 362 -18.87 46.58 -15.32
C TYR D 362 -18.60 46.88 -16.79
N ASP D 363 -19.58 47.42 -17.51
CA ASP D 363 -19.39 47.72 -18.93
C ASP D 363 -18.43 48.88 -19.15
N GLU D 364 -18.08 49.63 -18.10
CA GLU D 364 -17.12 50.73 -18.20
C GLU D 364 -15.70 50.29 -17.80
N ALA D 365 -15.58 49.61 -16.66
CA ALA D 365 -14.30 49.09 -16.20
C ALA D 365 -14.39 47.58 -16.09
N GLY D 366 -13.35 46.89 -16.56
CA GLY D 366 -13.36 45.45 -16.62
C GLY D 366 -13.18 44.79 -15.26
N PRO D 367 -12.55 43.62 -15.24
CA PRO D 367 -12.35 42.91 -13.96
C PRO D 367 -11.51 43.68 -12.96
N SER D 368 -10.76 44.70 -13.40
CA SER D 368 -10.01 45.53 -12.46
C SER D 368 -10.91 46.36 -11.57
N ILE D 369 -12.21 46.45 -11.88
CA ILE D 369 -13.13 47.24 -11.08
C ILE D 369 -13.41 46.63 -9.71
N VAL D 370 -13.04 45.37 -9.49
CA VAL D 370 -13.34 44.72 -8.23
C VAL D 370 -12.57 45.37 -7.08
N HIS D 371 -11.37 45.90 -7.35
CA HIS D 371 -10.60 46.54 -6.29
C HIS D 371 -11.26 47.84 -5.84
N ARG D 372 -11.83 48.59 -6.78
CA ARG D 372 -12.73 49.68 -6.41
C ARG D 372 -14.09 49.10 -6.02
N LYS D 373 -14.95 49.96 -5.48
CA LYS D 373 -16.29 49.55 -5.04
C LYS D 373 -16.21 48.40 -4.05
N CYS D 374 -15.20 48.42 -3.20
CA CYS D 374 -14.98 47.35 -2.23
C CYS D 374 -14.11 47.84 -1.08
N PRO E 96 30.99 17.63 63.78
CA PRO E 96 31.91 18.25 62.81
C PRO E 96 32.11 17.39 61.57
N PRO E 97 32.27 18.05 60.41
CA PRO E 97 32.51 17.30 59.17
C PRO E 97 33.81 16.50 59.24
N THR E 98 33.81 15.34 58.59
CA THR E 98 34.99 14.46 58.62
C THR E 98 36.07 14.96 57.65
N LEU E 99 35.73 15.01 56.36
CA LEU E 99 36.67 15.47 55.34
C LEU E 99 36.15 16.68 54.58
N ARG E 100 34.97 16.60 54.00
CA ARG E 100 34.41 17.69 53.21
C ARG E 100 32.93 17.42 52.96
N MET E 101 32.11 18.44 53.14
CA MET E 101 30.68 18.37 52.89
C MET E 101 30.26 19.46 51.91
N LYS E 102 29.37 19.09 50.99
CA LYS E 102 28.81 20.08 50.06
C LYS E 102 28.05 21.15 50.84
N LYS E 103 28.27 22.40 50.46
CA LYS E 103 27.68 23.54 51.16
C LYS E 103 26.37 23.94 50.48
N LEU E 104 25.28 23.87 51.23
CA LEU E 104 23.99 24.35 50.75
C LEU E 104 23.81 25.82 51.13
N ASN E 105 23.23 26.59 50.22
CA ASN E 105 23.09 28.03 50.38
C ASN E 105 21.70 28.37 50.90
N TRP E 106 21.65 29.15 51.97
CA TRP E 106 20.40 29.68 52.50
C TRP E 106 20.58 31.15 52.84
N GLN E 107 19.47 31.89 52.81
CA GLN E 107 19.48 33.31 53.17
C GLN E 107 19.57 33.40 54.69
N LYS E 108 20.79 33.61 55.19
CA LYS E 108 21.01 33.66 56.63
C LYS E 108 20.30 34.85 57.26
N LEU E 109 19.59 34.60 58.36
CA LEU E 109 18.94 35.67 59.10
C LEU E 109 19.92 36.29 60.09
N PRO E 110 19.72 37.58 60.40
CA PRO E 110 20.59 38.22 61.41
C PRO E 110 20.50 37.52 62.75
N SER E 111 21.63 37.46 63.45
CA SER E 111 21.70 36.78 64.75
C SER E 111 20.93 37.52 65.83
N ASN E 112 20.53 38.77 65.61
CA ASN E 112 19.78 39.53 66.59
C ASN E 112 18.30 39.68 66.25
N VAL E 113 17.91 39.47 65.00
CA VAL E 113 16.51 39.60 64.59
C VAL E 113 15.78 38.26 64.67
N ALA E 114 16.46 37.18 64.31
CA ALA E 114 15.84 35.85 64.33
C ALA E 114 15.50 35.37 65.74
N ARG E 115 16.03 36.02 66.78
CA ARG E 115 15.75 35.64 68.16
C ARG E 115 14.59 36.43 68.75
N GLU E 116 13.86 37.19 67.93
CA GLU E 116 12.73 37.94 68.42
C GLU E 116 11.57 37.02 68.80
N HIS E 117 10.63 37.57 69.56
CA HIS E 117 9.50 36.78 70.04
C HIS E 117 8.61 36.29 68.90
N ASN E 118 8.47 37.09 67.84
CA ASN E 118 7.59 36.71 66.74
C ASN E 118 8.11 35.47 66.01
N SER E 119 9.42 35.38 65.81
CA SER E 119 10.01 34.26 65.09
C SER E 119 10.05 33.00 65.96
N MET E 120 9.94 31.85 65.30
CA MET E 120 9.97 30.59 66.02
C MET E 120 11.39 30.20 66.44
N TRP E 121 12.41 30.74 65.78
CA TRP E 121 13.78 30.36 66.10
C TRP E 121 14.14 30.69 67.54
N ALA E 122 13.55 31.74 68.10
CA ALA E 122 13.72 32.00 69.53
C ALA E 122 13.09 30.89 70.36
N SER E 123 11.90 30.44 69.96
CA SER E 123 11.25 29.33 70.67
C SER E 123 12.00 28.01 70.43
N LEU E 124 12.50 27.81 69.21
CA LEU E 124 13.23 26.58 68.92
C LEU E 124 14.57 26.53 69.66
N SER E 125 15.13 27.70 69.98
CA SER E 125 16.38 27.74 70.75
C SER E 125 16.19 27.30 72.20
N SER E 126 14.95 27.15 72.65
CA SER E 126 14.63 26.70 73.99
C SER E 126 13.84 25.40 73.93
N PRO E 127 13.88 24.58 74.99
CA PRO E 127 13.14 23.31 74.97
C PRO E 127 11.63 23.50 75.07
N ASP E 128 11.05 24.18 74.07
CA ASP E 128 9.61 24.41 74.03
C ASP E 128 8.89 23.53 73.00
N ALA E 129 9.62 22.79 72.19
CA ALA E 129 9.02 21.95 71.16
C ALA E 129 9.71 20.59 71.17
N GLU E 130 9.11 19.64 70.45
CA GLU E 130 9.65 18.28 70.37
C GLU E 130 10.95 18.29 69.59
N ALA E 131 12.08 18.13 70.30
CA ALA E 131 13.38 18.13 69.66
C ALA E 131 13.62 16.79 68.97
N VAL E 132 14.09 16.84 67.73
CA VAL E 132 14.40 15.66 66.94
C VAL E 132 15.86 15.70 66.54
N GLU E 133 16.57 14.61 66.79
CA GLU E 133 18.00 14.52 66.47
C GLU E 133 18.19 13.67 65.22
N PRO E 134 18.76 14.24 64.15
CA PRO E 134 18.95 13.45 62.93
C PRO E 134 20.07 12.44 63.10
N ASP E 135 20.10 11.48 62.16
CA ASP E 135 21.14 10.46 62.15
C ASP E 135 22.46 11.06 61.68
N PHE E 136 23.29 11.47 62.63
CA PHE E 136 24.56 12.11 62.28
C PHE E 136 25.54 11.12 61.66
N SER E 137 25.41 9.84 61.97
CA SER E 137 26.30 8.85 61.37
C SER E 137 26.07 8.71 59.87
N SER E 138 24.79 8.73 59.44
CA SER E 138 24.49 8.57 58.03
C SER E 138 24.73 9.85 57.24
N ILE E 139 24.61 11.02 57.87
CA ILE E 139 24.74 12.28 57.14
C ILE E 139 26.16 12.51 56.65
N GLU E 140 27.15 11.83 57.23
CA GLU E 140 28.54 12.02 56.83
C GLU E 140 29.08 10.89 55.97
N ARG E 141 28.56 9.66 56.13
CA ARG E 141 29.07 8.53 55.37
C ARG E 141 28.50 8.47 53.96
N LEU E 142 27.44 9.21 53.68
CA LEU E 142 26.79 9.19 52.37
C LEU E 142 26.90 10.51 51.62
N PHE E 143 27.06 11.63 52.31
CA PHE E 143 27.16 12.94 51.69
C PHE E 143 28.61 13.41 51.54
N SER E 144 29.57 12.56 51.84
CA SER E 144 30.98 12.93 51.73
C SER E 144 31.43 12.90 50.27
N THR E 168 40.13 6.29 24.14
CA THR E 168 40.00 7.38 23.18
C THR E 168 39.76 8.71 23.88
N PHE E 169 39.88 9.80 23.13
CA PHE E 169 39.68 11.14 23.67
C PHE E 169 38.51 11.89 23.06
N LEU E 170 38.02 11.47 21.89
CA LEU E 170 36.91 12.15 21.25
C LEU E 170 35.59 11.77 21.91
N ASP E 171 34.55 12.54 21.60
CA ASP E 171 33.22 12.28 22.14
C ASP E 171 32.55 11.15 21.36
N ALA E 172 31.34 10.78 21.80
CA ALA E 172 30.65 9.65 21.20
C ALA E 172 30.29 9.91 19.74
N LYS E 173 29.80 11.12 19.44
CA LYS E 173 29.34 11.41 18.08
C LYS E 173 30.52 11.60 17.13
N LYS E 174 31.58 12.26 17.59
CA LYS E 174 32.71 12.52 16.70
C LYS E 174 33.52 11.27 16.44
N SER E 175 33.75 10.46 17.48
CA SER E 175 34.52 9.23 17.30
C SER E 175 33.78 8.24 16.39
N LEU E 176 32.46 8.13 16.55
CA LEU E 176 31.69 7.25 15.69
C LEU E 176 31.71 7.74 14.24
N ASN E 177 31.55 9.05 14.04
CA ASN E 177 31.56 9.60 12.68
C ASN E 177 32.93 9.46 12.03
N LEU E 178 34.00 9.64 12.82
CA LEU E 178 35.35 9.53 12.26
C LEU E 178 35.64 8.10 11.79
N ASN E 179 35.23 7.11 12.58
CA ASN E 179 35.50 5.72 12.22
C ASN E 179 34.80 5.33 10.92
N ILE E 180 33.60 5.85 10.69
CA ILE E 180 32.89 5.54 9.45
C ILE E 180 33.61 6.12 8.24
N PHE E 181 34.19 7.32 8.39
CA PHE E 181 34.86 7.96 7.27
C PHE E 181 36.11 7.20 6.85
N LEU E 182 36.82 6.61 7.79
CA LEU E 182 38.10 5.96 7.52
C LEU E 182 37.95 4.52 7.03
N LYS E 183 36.72 4.00 6.92
CA LYS E 183 36.49 2.63 6.49
C LYS E 183 36.06 2.53 5.04
N GLN E 184 36.15 3.61 4.27
CA GLN E 184 35.72 3.63 2.88
C GLN E 184 36.89 3.60 1.91
N PHE E 185 38.12 3.51 2.42
CA PHE E 185 39.31 3.47 1.58
C PHE E 185 39.94 2.09 1.50
N LYS E 186 39.55 1.15 2.37
CA LYS E 186 40.12 -0.19 2.41
C LYS E 186 41.63 -0.13 2.58
N CYS E 187 42.11 0.80 3.41
CA CYS E 187 43.53 0.95 3.64
C CYS E 187 43.76 1.41 5.07
N SER E 188 44.98 1.18 5.55
CA SER E 188 45.32 1.52 6.92
C SER E 188 45.42 3.04 7.09
N ASN E 189 45.41 3.48 8.36
CA ASN E 189 45.50 4.90 8.66
C ASN E 189 46.86 5.48 8.26
N GLU E 190 47.90 4.65 8.19
CA GLU E 190 49.19 5.12 7.69
C GLU E 190 49.09 5.53 6.23
N GLU E 191 48.38 4.74 5.43
CA GLU E 191 48.24 5.05 4.01
C GLU E 191 47.35 6.27 3.80
N VAL E 192 46.27 6.38 4.58
CA VAL E 192 45.33 7.49 4.39
C VAL E 192 45.97 8.84 4.69
N ALA E 193 47.13 8.84 5.33
CA ALA E 193 47.89 10.08 5.53
C ALA E 193 48.81 10.39 4.36
N ALA E 194 48.87 9.53 3.34
CA ALA E 194 49.76 9.77 2.21
C ALA E 194 49.15 10.73 1.20
N MET E 195 48.00 10.36 0.61
CA MET E 195 47.41 11.21 -0.41
C MET E 195 46.92 12.53 0.15
N ILE E 196 46.64 12.61 1.45
CA ILE E 196 46.38 13.90 2.07
C ILE E 196 47.65 14.75 2.07
N ARG E 197 48.78 14.14 2.42
CA ARG E 197 50.05 14.86 2.38
C ARG E 197 50.55 15.05 0.95
N ALA E 198 50.38 14.04 0.09
CA ALA E 198 50.88 14.09 -1.27
C ALA E 198 49.92 14.74 -2.24
N GLY E 199 48.70 15.07 -1.81
CA GLY E 199 47.75 15.73 -2.68
C GLY E 199 47.26 14.89 -3.85
N ASP E 200 46.91 13.64 -3.59
CA ASP E 200 46.37 12.75 -4.62
C ASP E 200 44.85 12.70 -4.51
N THR E 201 44.18 12.77 -5.65
CA THR E 201 42.72 12.82 -5.73
C THR E 201 42.13 11.56 -6.33
N THR E 202 42.86 10.44 -6.32
CA THR E 202 42.33 9.21 -6.89
C THR E 202 41.11 8.71 -6.11
N LYS E 203 41.18 8.76 -4.77
CA LYS E 203 40.09 8.30 -3.91
C LYS E 203 39.45 9.44 -3.14
N PHE E 204 39.73 10.69 -3.49
CA PHE E 204 39.17 11.86 -2.84
C PHE E 204 38.28 12.60 -3.82
N ASP E 205 36.99 12.66 -3.52
CA ASP E 205 35.99 13.31 -4.36
C ASP E 205 35.45 14.55 -3.66
N VAL E 206 34.60 15.29 -4.37
CA VAL E 206 34.04 16.52 -3.83
C VAL E 206 33.20 16.23 -2.58
N GLU E 207 32.36 15.20 -2.66
CA GLU E 207 31.54 14.84 -1.51
C GLU E 207 32.38 14.29 -0.36
N VAL E 208 33.41 13.51 -0.69
CA VAL E 208 34.29 12.95 0.34
C VAL E 208 35.08 14.08 1.01
N LEU E 209 35.57 15.03 0.22
CA LEU E 209 36.34 16.14 0.78
C LEU E 209 35.50 16.98 1.73
N LYS E 210 34.24 17.22 1.38
CA LYS E 210 33.36 18.00 2.25
C LYS E 210 33.14 17.30 3.59
N GLN E 211 32.99 15.98 3.57
CA GLN E 211 32.81 15.23 4.81
C GLN E 211 34.05 15.35 5.69
N LEU E 212 35.24 15.31 5.08
CA LEU E 212 36.47 15.50 5.83
C LEU E 212 36.57 16.91 6.40
N LEU E 213 36.02 17.90 5.69
CA LEU E 213 36.05 19.28 6.18
C LEU E 213 35.28 19.41 7.48
N LYS E 214 34.13 18.74 7.59
CA LYS E 214 33.38 18.75 8.83
C LYS E 214 34.15 18.07 9.96
N LEU E 215 34.82 16.96 9.66
CA LEU E 215 35.56 16.19 10.66
C LEU E 215 36.97 16.76 10.75
N LEU E 216 37.15 17.74 11.61
CA LEU E 216 38.43 18.39 11.82
C LEU E 216 38.77 18.40 13.30
N PRO E 217 40.06 18.42 13.65
CA PRO E 217 40.44 18.40 15.07
C PRO E 217 39.91 19.62 15.81
N GLU E 218 39.51 19.39 17.07
CA GLU E 218 39.02 20.45 17.95
C GLU E 218 40.14 20.90 18.89
N LYS E 219 39.89 22.03 19.56
CA LYS E 219 40.88 22.58 20.47
C LYS E 219 41.17 21.64 21.62
N HIS E 220 40.12 21.08 22.23
CA HIS E 220 40.33 20.16 23.35
C HIS E 220 41.01 18.88 22.89
N GLU E 221 40.65 18.37 21.71
CA GLU E 221 41.28 17.16 21.19
C GLU E 221 42.77 17.39 20.93
N ILE E 222 43.12 18.55 20.38
CA ILE E 222 44.53 18.87 20.13
C ILE E 222 45.29 18.95 21.44
N GLU E 223 44.71 19.62 22.44
CA GLU E 223 45.39 19.76 23.74
C GLU E 223 45.59 18.40 24.40
N ASN E 224 44.58 17.54 24.35
CA ASN E 224 44.71 16.21 24.95
C ASN E 224 45.76 15.38 24.22
N LEU E 225 45.77 15.43 22.88
CA LEU E 225 46.76 14.68 22.12
C LEU E 225 48.18 15.21 22.38
N ARG E 226 48.33 16.53 22.51
CA ARG E 226 49.63 17.10 22.83
C ARG E 226 50.09 16.67 24.22
N ALA E 227 49.14 16.57 25.17
CA ALA E 227 49.51 16.19 26.53
C ALA E 227 50.01 14.75 26.60
N PHE E 228 49.56 13.89 25.69
CA PHE E 228 50.00 12.50 25.68
C PHE E 228 51.45 12.38 25.22
N ALA E 233 48.59 1.86 18.22
CA ALA E 233 49.29 1.83 19.50
C ALA E 233 48.31 1.85 20.66
N LYS E 234 48.72 2.47 21.78
CA LYS E 234 47.84 2.57 22.94
C LYS E 234 46.61 3.41 22.63
N LEU E 235 46.78 4.50 21.89
CA LEU E 235 45.67 5.34 21.52
C LEU E 235 44.76 4.63 20.52
N ALA E 236 43.50 5.06 20.47
CA ALA E 236 42.52 4.45 19.60
C ALA E 236 42.83 4.74 18.14
N SER E 237 42.25 3.92 17.26
CA SER E 237 42.48 4.08 15.83
C SER E 237 41.94 5.42 15.32
N ALA E 238 40.86 5.92 15.92
CA ALA E 238 40.34 7.23 15.54
C ALA E 238 41.36 8.32 15.86
N ASP E 239 41.97 8.25 17.05
CA ASP E 239 43.00 9.21 17.42
C ASP E 239 44.33 8.94 16.72
N HIS E 240 44.56 7.70 16.28
CA HIS E 240 45.82 7.37 15.62
C HIS E 240 45.96 8.15 14.31
N PHE E 241 44.87 8.25 13.55
CA PHE E 241 44.91 9.06 12.32
C PHE E 241 45.12 10.53 12.63
N TYR E 242 44.55 11.01 13.73
CA TYR E 242 44.67 12.43 14.07
C TYR E 242 46.11 12.82 14.35
N LEU E 243 46.87 11.95 15.01
CA LEU E 243 48.29 12.23 15.24
C LEU E 243 49.04 12.30 13.90
N LEU E 244 48.74 11.39 12.98
CA LEU E 244 49.34 11.47 11.66
C LEU E 244 48.90 12.72 10.91
N LEU E 245 47.63 13.09 11.04
CA LEU E 245 47.13 14.29 10.39
C LEU E 245 47.80 15.54 10.94
N LEU E 246 48.01 15.58 12.26
CA LEU E 246 48.64 16.75 12.87
C LEU E 246 50.07 16.93 12.40
N ALA E 247 50.73 15.85 12.00
CA ALA E 247 52.09 15.96 11.46
C ALA E 247 52.10 16.57 10.07
N ILE E 248 50.99 16.54 9.36
CA ILE E 248 50.92 17.15 8.03
C ILE E 248 50.88 18.67 8.16
N PRO E 249 51.80 19.40 7.54
CA PRO E 249 51.81 20.86 7.68
C PRO E 249 50.60 21.49 6.99
N CYS E 250 50.05 22.51 7.65
CA CYS E 250 48.91 23.29 7.18
C CYS E 250 47.85 22.40 6.52
N TYR E 251 47.36 21.44 7.31
CA TYR E 251 46.38 20.49 6.79
C TYR E 251 45.06 21.16 6.43
N GLN E 252 44.73 22.27 7.08
CA GLN E 252 43.48 22.97 6.77
C GLN E 252 43.52 23.57 5.37
N LEU E 253 44.64 24.21 5.02
CA LEU E 253 44.79 24.76 3.68
C LEU E 253 44.92 23.64 2.64
N ARG E 254 45.58 22.54 3.01
CA ARG E 254 45.83 21.46 2.06
C ARG E 254 44.53 20.89 1.51
N ILE E 255 43.58 20.57 2.40
CA ILE E 255 42.35 19.93 1.96
C ILE E 255 41.50 20.88 1.12
N GLU E 256 41.50 22.17 1.45
CA GLU E 256 40.67 23.13 0.72
C GLU E 256 41.14 23.33 -0.72
N CYS E 257 42.37 22.94 -1.04
CA CYS E 257 42.87 23.14 -2.40
C CYS E 257 42.12 22.27 -3.40
N MET E 258 41.98 20.97 -3.11
CA MET E 258 41.25 20.11 -4.03
C MET E 258 39.75 20.36 -3.96
N LEU E 259 39.24 20.82 -2.81
CA LEU E 259 37.82 21.11 -2.69
C LEU E 259 37.39 22.21 -3.64
N LEU E 260 38.23 23.24 -3.80
CA LEU E 260 37.92 24.34 -4.69
C LEU E 260 38.34 24.09 -6.13
N CYS E 261 39.43 23.34 -6.34
CA CYS E 261 39.90 23.08 -7.70
C CYS E 261 38.94 22.17 -8.45
N GLU E 262 38.54 21.05 -7.82
CA GLU E 262 37.64 20.11 -8.48
C GLU E 262 36.25 20.71 -8.66
N GLY E 263 35.77 21.47 -7.66
CA GLY E 263 34.46 22.08 -7.77
C GLY E 263 34.38 23.09 -8.90
N ALA E 264 35.46 23.86 -9.10
CA ALA E 264 35.46 24.87 -10.17
C ALA E 264 35.41 24.22 -11.55
N ALA E 265 35.92 23.01 -11.68
CA ALA E 265 35.86 22.31 -12.97
C ALA E 265 34.42 21.99 -13.36
N ALA E 266 33.60 21.57 -12.39
CA ALA E 266 32.24 21.15 -12.67
C ALA E 266 31.24 22.30 -12.67
N VAL E 267 31.68 23.51 -12.35
CA VAL E 267 30.78 24.66 -12.30
C VAL E 267 30.71 25.39 -13.63
N LEU E 268 31.86 25.67 -14.24
CA LEU E 268 31.89 26.46 -15.46
C LEU E 268 31.16 25.76 -16.60
N ASP E 269 31.38 24.44 -16.76
CA ASP E 269 30.75 23.71 -17.84
C ASP E 269 29.25 23.53 -17.64
N MET E 270 28.73 23.84 -16.45
CA MET E 270 27.29 23.76 -16.19
C MET E 270 26.61 25.12 -16.21
N VAL E 271 27.36 26.21 -16.10
CA VAL E 271 26.81 27.56 -16.09
C VAL E 271 26.98 28.18 -17.46
N ARG E 272 28.05 27.80 -18.16
CA ARG E 272 28.29 28.35 -19.51
C ARG E 272 27.15 28.04 -20.47
N PRO E 273 26.61 26.82 -20.57
CA PRO E 273 25.44 26.63 -21.44
C PRO E 273 24.25 27.48 -21.06
N LYS E 274 24.02 27.69 -19.75
CA LYS E 274 22.95 28.57 -19.33
C LYS E 274 23.22 30.01 -19.74
N ALA E 275 24.48 30.46 -19.62
CA ALA E 275 24.83 31.83 -19.99
C ALA E 275 24.63 32.07 -21.48
N GLN E 276 25.01 31.09 -22.31
CA GLN E 276 24.80 31.24 -23.75
C GLN E 276 23.32 31.12 -24.11
N LEU E 277 22.57 30.28 -23.38
CA LEU E 277 21.16 30.07 -23.70
C LEU E 277 20.35 31.33 -23.48
N VAL E 278 20.57 32.03 -22.36
CA VAL E 278 19.77 33.22 -22.06
C VAL E 278 20.09 34.34 -23.04
N LEU E 279 21.36 34.46 -23.46
CA LEU E 279 21.71 35.48 -24.44
C LEU E 279 21.07 35.18 -25.80
N ALA E 280 21.05 33.92 -26.20
CA ALA E 280 20.42 33.55 -27.47
C ALA E 280 18.92 33.81 -27.43
N ALA E 281 18.28 33.53 -26.30
CA ALA E 281 16.84 33.74 -26.18
C ALA E 281 16.48 35.22 -26.33
N CYS E 282 17.28 36.10 -25.73
CA CYS E 282 17.01 37.53 -25.84
C CYS E 282 17.12 38.01 -27.29
N GLU E 283 18.13 37.52 -28.01
CA GLU E 283 18.29 37.91 -29.41
C GLU E 283 17.15 37.40 -30.28
N SER E 284 16.61 36.22 -29.97
CA SER E 284 15.53 35.66 -30.77
C SER E 284 14.28 36.55 -30.71
N LEU E 285 13.96 37.08 -29.52
CA LEU E 285 12.80 37.94 -29.39
C LEU E 285 12.97 39.24 -30.17
N LEU E 286 14.17 39.81 -30.15
CA LEU E 286 14.41 41.07 -30.85
C LEU E 286 14.22 40.92 -32.35
N THR E 287 14.72 39.83 -32.93
CA THR E 287 14.60 39.60 -34.36
C THR E 287 13.38 38.78 -34.74
N SER E 288 12.52 38.43 -33.77
CA SER E 288 11.29 37.72 -34.08
C SER E 288 10.40 38.59 -34.95
N ARG E 289 9.85 38.00 -36.01
CA ARG E 289 9.05 38.74 -36.97
C ARG E 289 7.55 38.52 -36.82
N GLN E 290 7.13 37.38 -36.27
CA GLN E 290 5.71 37.13 -36.08
C GLN E 290 5.16 37.86 -34.86
N LEU E 291 6.01 38.15 -33.88
CA LEU E 291 5.56 38.89 -32.71
C LEU E 291 5.01 40.27 -33.05
N PRO E 292 5.66 41.11 -33.87
CA PRO E 292 5.04 42.38 -34.23
C PRO E 292 3.70 42.21 -34.96
N ILE E 293 3.57 41.18 -35.78
CA ILE E 293 2.31 40.95 -36.49
C ILE E 293 1.23 40.50 -35.52
N PHE E 294 1.57 39.59 -34.60
CA PHE E 294 0.58 39.06 -33.67
C PHE E 294 0.10 40.13 -32.69
N CYS E 295 1.04 40.87 -32.10
CA CYS E 295 0.66 41.89 -31.12
C CYS E 295 -0.16 43.01 -31.76
N GLN E 296 0.03 43.26 -33.05
CA GLN E 296 -0.77 44.27 -33.73
C GLN E 296 -2.20 43.78 -33.96
N LEU E 297 -2.36 42.49 -34.27
CA LEU E 297 -3.69 41.96 -34.55
C LEU E 297 -4.57 41.97 -33.31
N ILE E 298 -4.03 41.54 -32.17
CA ILE E 298 -4.82 41.53 -30.93
C ILE E 298 -5.14 42.96 -30.51
N LEU E 299 -4.20 43.89 -30.73
CA LEU E 299 -4.47 45.29 -30.43
C LEU E 299 -5.61 45.82 -31.30
N ARG E 300 -5.63 45.45 -32.58
CA ARG E 300 -6.74 45.86 -33.44
C ARG E 300 -8.05 45.21 -33.01
N ILE E 301 -8.01 43.91 -32.68
CA ILE E 301 -9.22 43.23 -32.24
C ILE E 301 -9.64 43.71 -30.86
N GLY E 302 -8.67 43.87 -29.94
CA GLY E 302 -9.01 44.29 -28.60
C GLY E 302 -9.67 45.65 -28.52
N ASN E 303 -9.27 46.57 -29.39
CA ASN E 303 -9.92 47.88 -29.44
C ASN E 303 -11.38 47.75 -29.84
N PHE E 304 -11.69 46.82 -30.76
CA PHE E 304 -13.06 46.60 -31.17
C PHE E 304 -13.91 46.09 -30.00
N LEU E 305 -13.36 45.18 -29.19
CA LEU E 305 -14.14 44.57 -28.12
C LEU E 305 -14.35 45.54 -26.96
N ASN E 306 -13.41 46.47 -26.74
CA ASN E 306 -13.46 47.38 -25.61
C ASN E 306 -13.84 48.80 -26.02
N TYR E 307 -14.48 48.96 -27.17
CA TYR E 307 -14.89 50.28 -27.63
C TYR E 307 -15.98 50.82 -26.69
N GLY E 308 -15.82 52.06 -26.24
CA GLY E 308 -16.80 52.68 -25.38
C GLY E 308 -16.62 52.40 -23.90
N SER E 309 -15.43 52.01 -23.48
CA SER E 309 -15.15 51.74 -22.07
C SER E 309 -13.84 52.40 -21.70
N HIS E 310 -13.47 52.28 -20.41
CA HIS E 310 -12.19 52.81 -19.96
C HIS E 310 -11.03 52.10 -20.66
N THR E 311 -11.11 50.78 -20.78
CA THR E 311 -10.14 50.04 -21.58
C THR E 311 -10.44 50.24 -23.07
N GLY E 312 -9.41 50.06 -23.88
CA GLY E 312 -9.54 50.24 -25.30
C GLY E 312 -8.88 51.52 -25.78
N ASP E 313 -8.63 51.57 -27.09
CA ASP E 313 -7.95 52.68 -27.76
C ASP E 313 -6.55 52.90 -27.18
N ALA E 314 -5.93 51.86 -26.64
CA ALA E 314 -4.60 51.95 -26.07
C ALA E 314 -3.54 51.66 -27.12
N ASP E 315 -2.41 52.36 -27.00
CA ASP E 315 -1.32 52.19 -27.95
C ASP E 315 -0.55 50.89 -27.74
N GLY E 316 -0.70 50.24 -26.59
CA GLY E 316 0.00 49.01 -26.33
C GLY E 316 -0.44 48.39 -25.03
N PHE E 317 0.16 47.24 -24.73
CA PHE E 317 -0.16 46.51 -23.51
C PHE E 317 1.07 45.72 -23.06
N LYS E 318 1.04 45.29 -21.81
CA LYS E 318 2.15 44.51 -21.26
C LYS E 318 2.21 43.14 -21.91
N ILE E 319 3.37 42.49 -21.77
CA ILE E 319 3.57 41.17 -22.36
C ILE E 319 2.72 40.11 -21.68
N SER E 320 2.24 40.37 -20.46
CA SER E 320 1.43 39.39 -19.74
C SER E 320 0.00 39.29 -20.28
N THR E 321 -0.39 40.19 -21.19
CA THR E 321 -1.75 40.14 -21.72
C THR E 321 -2.00 38.86 -22.50
N LEU E 322 -1.02 38.42 -23.29
CA LEU E 322 -1.19 37.19 -24.07
C LEU E 322 -1.44 35.97 -23.19
N LEU E 323 -0.98 36.00 -21.94
CA LEU E 323 -1.29 34.91 -21.01
C LEU E 323 -2.76 34.89 -20.62
N LYS E 324 -3.49 35.99 -20.80
CA LYS E 324 -4.92 36.04 -20.52
C LYS E 324 -5.75 36.10 -21.78
N LEU E 325 -5.16 35.86 -22.95
CA LEU E 325 -5.90 35.89 -24.21
C LEU E 325 -6.88 34.75 -24.35
N THR E 326 -6.58 33.59 -23.75
CA THR E 326 -7.44 32.41 -23.87
C THR E 326 -8.57 32.39 -22.86
N GLU E 327 -8.58 33.35 -21.92
CA GLU E 327 -9.64 33.41 -20.93
C GLU E 327 -10.98 33.87 -21.50
N THR E 328 -10.95 34.74 -22.50
CA THR E 328 -12.18 35.16 -23.16
C THR E 328 -12.79 33.98 -23.93
N LYS E 329 -14.09 33.77 -23.74
CA LYS E 329 -14.78 32.65 -24.36
C LYS E 329 -15.89 33.17 -25.28
N SER E 330 -16.15 32.41 -26.33
CA SER E 330 -17.18 32.75 -27.31
C SER E 330 -18.48 32.04 -26.96
N GLN E 331 -19.44 32.09 -27.89
CA GLN E 331 -20.74 31.48 -27.67
C GLN E 331 -20.62 29.97 -27.46
N GLN E 332 -19.76 29.32 -28.23
CA GLN E 332 -19.58 27.87 -28.11
C GLN E 332 -18.99 27.47 -26.76
N ASN E 333 -18.35 28.40 -26.06
CA ASN E 333 -17.72 28.22 -24.75
C ASN E 333 -16.47 27.34 -24.83
N ARG E 334 -16.15 26.78 -26.00
CA ARG E 334 -14.92 26.02 -26.20
C ARG E 334 -13.99 26.68 -27.20
N VAL E 335 -14.42 27.74 -27.87
CA VAL E 335 -13.59 28.50 -28.80
C VAL E 335 -13.28 29.83 -28.14
N THR E 336 -12.00 30.04 -27.82
CA THR E 336 -11.57 31.27 -27.18
C THR E 336 -11.13 32.28 -28.22
N LEU E 337 -10.74 33.47 -27.76
CA LEU E 337 -10.22 34.48 -28.67
C LEU E 337 -8.94 34.01 -29.34
N LEU E 338 -8.11 33.25 -28.62
CA LEU E 338 -6.91 32.66 -29.22
C LEU E 338 -7.28 31.67 -30.31
N HIS E 339 -8.33 30.87 -30.08
CA HIS E 339 -8.76 29.93 -31.11
C HIS E 339 -9.29 30.64 -32.34
N HIS E 340 -10.05 31.72 -32.15
CA HIS E 340 -10.63 32.42 -33.29
C HIS E 340 -9.56 33.09 -34.14
N VAL E 341 -8.61 33.77 -33.50
CA VAL E 341 -7.56 34.45 -34.27
C VAL E 341 -6.66 33.42 -34.97
N LEU E 342 -6.53 32.22 -34.40
CA LEU E 342 -5.78 31.18 -35.08
C LEU E 342 -6.52 30.64 -36.29
N GLU E 343 -7.86 30.62 -36.23
CA GLU E 343 -8.64 30.13 -37.37
C GLU E 343 -8.43 31.01 -38.59
N GLU E 344 -8.44 32.34 -38.40
CA GLU E 344 -8.15 33.23 -39.52
C GLU E 344 -6.65 33.24 -39.85
N ALA E 345 -5.80 32.96 -38.86
CA ALA E 345 -4.37 32.85 -39.12
C ALA E 345 -4.02 31.56 -39.82
N GLU E 346 -4.86 30.53 -39.71
CA GLU E 346 -4.62 29.29 -40.43
C GLU E 346 -4.70 29.48 -41.94
N LYS E 347 -5.45 30.50 -42.39
CA LYS E 347 -5.48 30.83 -43.81
C LYS E 347 -4.12 31.28 -44.30
N SER E 348 -3.42 32.09 -43.52
CA SER E 348 -2.09 32.59 -43.86
C SER E 348 -1.09 31.86 -42.96
N HIS E 349 -0.62 30.69 -43.43
CA HIS E 349 0.30 29.89 -42.64
C HIS E 349 1.58 30.61 -42.26
N PRO E 350 2.27 31.34 -43.14
CA PRO E 350 3.51 32.03 -42.72
C PRO E 350 3.28 33.07 -41.64
N ASP E 351 2.07 33.58 -41.48
CA ASP E 351 1.78 34.61 -40.49
C ASP E 351 1.14 33.98 -39.26
N LEU E 352 1.71 34.28 -38.10
CA LEU E 352 1.15 33.94 -36.78
C LEU E 352 1.26 32.46 -36.46
N LEU E 353 1.72 31.65 -37.43
CA LEU E 353 1.96 30.24 -37.17
C LEU E 353 3.44 29.88 -37.17
N GLN E 354 4.29 30.75 -37.69
CA GLN E 354 5.74 30.57 -37.57
C GLN E 354 6.28 31.07 -36.23
N LEU E 355 5.43 31.69 -35.41
CA LEU E 355 5.88 32.20 -34.11
C LEU E 355 6.40 31.11 -33.19
N PRO E 356 5.71 29.99 -32.97
CA PRO E 356 6.23 29.00 -32.01
C PRO E 356 7.61 28.46 -32.37
N ARG E 357 7.98 28.49 -33.65
CA ARG E 357 9.33 28.12 -34.04
C ARG E 357 10.34 29.09 -33.44
N ASP E 358 10.01 30.37 -33.38
CA ASP E 358 10.90 31.38 -32.81
C ASP E 358 10.87 31.42 -31.29
N LEU E 359 9.90 30.75 -30.66
CA LEU E 359 9.75 30.82 -29.20
C LEU E 359 10.39 29.65 -28.48
N GLU E 360 11.04 28.72 -29.20
CA GLU E 360 11.62 27.56 -28.54
C GLU E 360 12.77 27.97 -27.60
N GLN E 361 13.64 28.86 -28.05
CA GLN E 361 14.74 29.31 -27.20
C GLN E 361 14.27 30.04 -25.95
N PRO E 362 13.36 31.03 -26.04
CA PRO E 362 12.83 31.61 -24.79
C PRO E 362 12.10 30.62 -23.91
N SER E 363 11.41 29.63 -24.50
CA SER E 363 10.72 28.64 -23.71
C SER E 363 11.70 27.79 -22.92
N GLN E 364 12.81 27.39 -23.53
CA GLN E 364 13.82 26.61 -22.82
C GLN E 364 14.52 27.44 -21.75
N ALA E 365 14.59 28.76 -21.95
CA ALA E 365 15.25 29.64 -20.98
C ALA E 365 14.47 29.79 -19.68
N ALA E 366 13.21 29.40 -19.65
CA ALA E 366 12.42 29.54 -18.44
C ALA E 366 12.87 28.56 -17.37
N GLY E 367 12.73 28.98 -16.11
CA GLY E 367 13.13 28.17 -14.99
C GLY E 367 14.59 28.30 -14.60
N ILE E 368 15.38 29.05 -15.37
CA ILE E 368 16.79 29.27 -15.05
C ILE E 368 16.97 30.70 -14.60
N ASN E 369 16.90 30.94 -13.29
CA ASN E 369 17.06 32.29 -12.77
C ASN E 369 18.53 32.69 -12.84
N LEU E 370 18.79 33.97 -13.07
CA LEU E 370 20.15 34.48 -13.16
C LEU E 370 20.70 34.95 -11.82
N GLU E 371 19.88 34.90 -10.76
CA GLU E 371 20.34 35.36 -9.46
C GLU E 371 21.15 34.31 -8.72
N ILE E 372 21.11 33.05 -9.15
CA ILE E 372 21.88 31.99 -8.50
C ILE E 372 23.08 31.64 -9.35
N ILE E 373 22.97 31.82 -10.67
CA ILE E 373 24.11 31.54 -11.54
C ILE E 373 25.16 32.65 -11.41
N ARG E 374 24.72 33.89 -11.21
CA ARG E 374 25.68 34.98 -11.03
C ARG E 374 26.32 34.92 -9.65
N SER E 375 25.52 34.63 -8.62
CA SER E 375 26.06 34.52 -7.27
C SER E 375 27.04 33.36 -7.14
N GLU E 376 26.72 32.23 -7.76
CA GLU E 376 27.59 31.05 -7.66
C GLU E 376 28.96 31.32 -8.27
N ALA E 377 28.99 31.97 -9.43
CA ALA E 377 30.27 32.30 -10.05
C ALA E 377 31.08 33.25 -9.19
N SER E 378 30.44 34.27 -8.63
CA SER E 378 31.14 35.22 -7.78
C SER E 378 31.57 34.58 -6.46
N SER E 379 30.73 33.73 -5.89
CA SER E 379 31.04 33.11 -4.60
C SER E 379 32.27 32.21 -4.71
N ASN E 380 32.35 31.41 -5.77
CA ASN E 380 33.52 30.55 -5.95
C ASN E 380 34.77 31.37 -6.23
N LEU E 381 34.63 32.45 -6.99
CA LEU E 381 35.78 33.30 -7.28
C LEU E 381 36.34 33.94 -6.01
N LYS E 382 35.45 34.39 -5.11
CA LYS E 382 35.90 35.02 -3.88
C LYS E 382 36.68 34.03 -3.02
N LYS E 383 36.20 32.78 -2.91
CA LYS E 383 36.91 31.79 -2.13
C LYS E 383 38.27 31.45 -2.76
N LEU E 384 38.33 31.39 -4.09
CA LEU E 384 39.58 31.06 -4.75
C LEU E 384 40.65 32.13 -4.49
N LEU E 385 40.26 33.40 -4.57
CA LEU E 385 41.22 34.47 -4.33
C LEU E 385 41.68 34.50 -2.88
N GLU E 386 40.76 34.26 -1.94
CA GLU E 386 41.14 34.25 -0.54
C GLU E 386 42.14 33.14 -0.24
N THR E 387 41.92 31.95 -0.80
CA THR E 387 42.86 30.85 -0.63
C THR E 387 44.12 31.03 -1.47
N GLU E 388 44.07 31.88 -2.50
CA GLU E 388 45.26 32.11 -3.31
C GLU E 388 46.37 32.76 -2.50
N ARG E 389 46.02 33.67 -1.59
CA ARG E 389 47.02 34.26 -0.71
C ARG E 389 47.59 33.21 0.24
N LYS E 390 46.75 32.32 0.76
CA LYS E 390 47.21 31.32 1.72
C LYS E 390 48.21 30.36 1.09
N VAL E 391 47.92 29.87 -0.11
CA VAL E 391 48.83 28.93 -0.77
C VAL E 391 50.12 29.63 -1.15
N SER E 392 50.05 30.92 -1.53
CA SER E 392 51.26 31.65 -1.89
C SER E 392 52.20 31.77 -0.69
N ALA E 393 51.65 32.02 0.50
CA ALA E 393 52.46 32.09 1.71
C ALA E 393 52.99 30.73 2.14
N SER E 394 52.44 29.64 1.61
CA SER E 394 52.87 28.31 1.99
C SER E 394 54.20 27.95 1.33
N VAL E 395 54.66 26.74 1.60
CA VAL E 395 55.93 26.27 1.03
C VAL E 395 55.78 26.10 -0.48
N ALA E 396 56.89 26.27 -1.19
CA ALA E 396 56.88 26.17 -2.66
C ALA E 396 56.49 24.78 -3.15
N GLU E 397 56.59 23.76 -2.29
CA GLU E 397 56.16 22.42 -2.69
C GLU E 397 54.68 22.38 -3.02
N VAL E 398 53.87 23.20 -2.36
CA VAL E 398 52.46 23.28 -2.70
C VAL E 398 52.23 24.23 -3.87
N GLN E 399 53.03 25.29 -3.97
CA GLN E 399 52.84 26.29 -5.03
C GLN E 399 53.11 25.71 -6.41
N GLU E 400 54.13 24.84 -6.52
CA GLU E 400 54.48 24.28 -7.83
C GLU E 400 53.38 23.37 -8.37
N GLN E 401 52.48 22.89 -7.51
CA GLN E 401 51.43 21.97 -7.92
C GLN E 401 50.03 22.54 -7.81
N TYR E 402 49.79 23.45 -6.86
CA TYR E 402 48.46 23.95 -6.58
C TYR E 402 48.25 25.42 -6.92
N THR E 403 49.28 26.25 -6.81
CA THR E 403 49.12 27.67 -7.13
C THR E 403 48.75 27.87 -8.59
N GLU E 404 49.48 27.21 -9.50
CA GLU E 404 49.17 27.32 -10.92
C GLU E 404 47.83 26.69 -11.27
N ARG E 405 47.38 25.71 -10.49
CA ARG E 405 46.05 25.14 -10.72
C ARG E 405 44.96 26.16 -10.43
N LEU E 406 45.11 26.93 -9.34
CA LEU E 406 44.10 27.92 -8.99
C LEU E 406 44.07 29.05 -10.00
N GLN E 407 45.24 29.47 -10.51
CA GLN E 407 45.27 30.55 -11.50
C GLN E 407 44.58 30.14 -12.79
N ALA E 408 44.68 28.86 -13.17
CA ALA E 408 43.98 28.39 -14.37
C ALA E 408 42.48 28.51 -14.21
N SER E 409 41.95 28.16 -13.04
CA SER E 409 40.52 28.27 -12.80
C SER E 409 40.09 29.73 -12.69
N ILE E 410 40.93 30.57 -12.08
CA ILE E 410 40.59 31.98 -11.93
C ILE E 410 40.47 32.66 -13.30
N SER E 411 41.41 32.37 -14.20
CA SER E 411 41.35 32.96 -15.54
C SER E 411 40.16 32.43 -16.33
N ALA E 412 39.75 31.19 -16.07
CA ALA E 412 38.62 30.61 -16.80
C ALA E 412 37.33 31.36 -16.50
N PHE E 413 37.11 31.74 -15.24
CA PHE E 413 35.87 32.41 -14.86
C PHE E 413 35.78 33.82 -15.42
N ARG E 414 36.90 34.40 -15.87
CA ARG E 414 36.87 35.77 -16.38
C ARG E 414 36.00 35.87 -17.63
N ALA E 415 36.12 34.90 -18.54
CA ALA E 415 35.25 34.89 -19.71
C ALA E 415 33.80 34.61 -19.33
N LEU E 416 33.58 33.90 -18.21
CA LEU E 416 32.23 33.61 -17.78
C LEU E 416 31.50 34.87 -17.32
N ASP E 417 32.15 35.67 -16.47
CA ASP E 417 31.50 36.88 -15.98
C ASP E 417 31.41 37.96 -17.05
N GLU E 418 32.34 37.94 -18.01
CA GLU E 418 32.27 38.90 -19.11
C GLU E 418 31.02 38.67 -19.96
N LEU E 419 30.68 37.41 -20.21
CA LEU E 419 29.45 37.10 -20.94
C LEU E 419 28.22 37.55 -20.16
N PHE E 420 28.30 37.53 -18.83
CA PHE E 420 27.19 38.01 -18.02
C PHE E 420 26.90 39.48 -18.28
N GLU E 421 27.94 40.30 -18.41
CA GLU E 421 27.75 41.70 -18.75
C GLU E 421 27.14 41.86 -20.13
N ALA E 422 27.51 40.98 -21.07
CA ALA E 422 26.89 41.00 -22.39
C ALA E 422 25.40 40.68 -22.31
N ILE E 423 25.03 39.74 -21.45
CA ILE E 423 23.61 39.43 -21.26
C ILE E 423 22.87 40.63 -20.68
N GLU E 424 23.49 41.30 -19.71
CA GLU E 424 22.85 42.46 -19.07
C GLU E 424 22.60 43.57 -20.09
N GLN E 425 23.57 43.83 -20.97
CA GLN E 425 23.35 44.80 -22.02
C GLN E 425 22.28 44.34 -23.00
N LYS E 426 22.28 43.05 -23.35
CA LYS E 426 21.29 42.52 -24.29
C LYS E 426 19.88 42.62 -23.72
N GLN E 427 19.70 42.26 -22.44
CA GLN E 427 18.38 42.31 -21.85
C GLN E 427 17.90 43.73 -21.60
N ARG E 428 18.82 44.69 -21.50
CA ARG E 428 18.42 46.08 -21.35
C ARG E 428 17.66 46.57 -22.58
N GLU E 429 18.13 46.20 -23.78
CA GLU E 429 17.40 46.53 -24.99
C GLU E 429 16.06 45.82 -25.04
N LEU E 430 16.01 44.56 -24.61
CA LEU E 430 14.75 43.82 -24.60
C LEU E 430 13.75 44.45 -23.63
N ALA E 431 14.23 44.91 -22.48
CA ALA E 431 13.35 45.56 -21.51
C ALA E 431 12.70 46.81 -22.11
N ASP E 432 13.49 47.62 -22.83
CA ASP E 432 12.93 48.77 -23.52
C ASP E 432 12.19 48.37 -24.79
N TYR E 433 12.49 47.18 -25.34
CA TYR E 433 11.78 46.71 -26.51
C TYR E 433 10.30 46.48 -26.20
N LEU E 434 10.01 45.91 -25.02
CA LEU E 434 8.64 45.69 -24.57
C LEU E 434 8.04 46.91 -23.90
N CYS E 435 8.81 47.99 -23.73
CA CYS E 435 8.34 49.22 -23.09
C CYS E 435 7.79 48.95 -21.69
N GLU E 436 8.50 48.12 -20.93
CA GLU E 436 8.14 47.82 -19.56
C GLU E 436 9.13 48.46 -18.60
N ASP E 437 8.65 48.78 -17.41
CA ASP E 437 9.46 49.47 -16.41
C ASP E 437 10.62 48.58 -15.95
N ALA E 438 11.74 49.22 -15.65
CA ALA E 438 12.90 48.50 -15.14
C ALA E 438 12.60 47.88 -13.78
N GLN E 439 13.29 46.77 -13.49
CA GLN E 439 13.18 46.02 -12.25
C GLN E 439 11.85 45.26 -12.20
N GLN E 440 10.97 45.54 -13.16
CA GLN E 440 9.72 44.82 -13.30
C GLN E 440 9.79 43.71 -14.33
N LEU E 441 10.61 43.88 -15.37
CA LEU E 441 10.86 42.84 -16.36
C LEU E 441 12.17 42.16 -15.98
N SER E 442 12.11 41.33 -14.95
CA SER E 442 13.31 40.75 -14.34
C SER E 442 13.69 39.42 -14.97
N LEU E 443 13.78 39.38 -16.30
CA LEU E 443 14.37 38.25 -17.03
C LEU E 443 13.62 36.95 -16.79
N GLU E 444 13.66 36.45 -15.55
CA GLU E 444 13.00 35.19 -15.23
C GLU E 444 11.50 35.27 -15.46
N ASP E 445 10.88 36.37 -15.04
CA ASP E 445 9.45 36.56 -15.28
C ASP E 445 9.15 36.67 -16.76
N THR E 446 10.07 37.26 -17.53
CA THR E 446 9.90 37.33 -18.98
C THR E 446 9.93 35.94 -19.59
N PHE E 447 10.87 35.10 -19.14
CA PHE E 447 10.99 33.76 -19.71
C PHE E 447 9.80 32.89 -19.33
N SER E 448 9.38 32.92 -18.07
CA SER E 448 8.26 32.09 -17.62
C SER E 448 6.97 32.48 -18.33
N THR E 449 6.71 33.79 -18.46
CA THR E 449 5.54 34.25 -19.19
C THR E 449 5.61 33.84 -20.65
N MET E 450 6.80 33.99 -21.25
CA MET E 450 6.96 33.67 -22.67
C MET E 450 6.78 32.17 -22.91
N LYS E 451 7.34 31.34 -22.04
CA LYS E 451 7.22 29.89 -22.21
C LYS E 451 5.77 29.44 -22.10
N ALA E 452 5.02 30.00 -21.15
CA ALA E 452 3.63 29.59 -20.97
C ALA E 452 2.77 29.98 -22.16
N PHE E 453 3.10 31.08 -22.85
CA PHE E 453 2.35 31.47 -24.04
C PHE E 453 2.52 30.45 -25.14
N ARG E 454 3.73 29.90 -25.31
CA ARG E 454 3.95 28.90 -26.34
C ARG E 454 3.15 27.64 -26.07
N ASP E 455 3.10 27.20 -24.81
CA ASP E 455 2.33 26.00 -24.46
C ASP E 455 0.84 26.21 -24.73
N LEU E 456 0.32 27.38 -24.38
CA LEU E 456 -1.08 27.69 -24.69
C LEU E 456 -1.31 27.73 -26.20
N PHE E 457 -0.35 28.29 -26.94
CA PHE E 457 -0.49 28.36 -28.39
C PHE E 457 -0.51 26.97 -29.01
N LEU E 458 0.35 26.07 -28.53
CA LEU E 458 0.40 24.72 -29.09
C LEU E 458 -0.91 23.97 -28.86
N ARG E 459 -1.49 24.11 -27.67
CA ARG E 459 -2.77 23.45 -27.39
C ARG E 459 -3.89 24.02 -28.26
N ALA E 460 -3.89 25.33 -28.47
CA ALA E 460 -4.92 25.94 -29.32
C ALA E 460 -4.81 25.46 -30.76
N LEU E 461 -3.57 25.34 -31.27
CA LEU E 461 -3.38 24.87 -32.64
C LEU E 461 -3.89 23.44 -32.81
N LYS E 462 -3.62 22.58 -31.83
CA LYS E 462 -4.10 21.20 -31.91
C LYS E 462 -5.63 21.15 -31.89
N GLU E 463 -6.26 21.95 -31.02
CA GLU E 463 -7.71 21.98 -30.97
C GLU E 463 -8.31 22.58 -32.24
N ASN E 464 -7.64 23.57 -32.82
CA ASN E 464 -8.12 24.17 -34.05
C ASN E 464 -8.14 23.15 -35.18
N LYS E 465 -7.10 22.32 -35.28
CA LYS E 465 -7.08 21.27 -36.30
C LYS E 465 -8.13 20.21 -36.01
N ASP E 466 -8.37 19.92 -34.73
CA ASP E 466 -9.39 18.94 -34.38
C ASP E 466 -10.78 19.41 -34.80
N ARG E 467 -11.06 20.70 -34.63
CA ARG E 467 -12.37 21.23 -35.03
C ARG E 467 -12.58 21.11 -36.53
N LYS E 468 -11.55 21.38 -37.32
CA LYS E 468 -11.69 21.33 -38.79
C LYS E 468 -12.01 19.92 -39.26
N GLU E 469 -11.33 18.91 -38.71
CA GLU E 469 -11.58 17.53 -39.09
C GLU E 469 -12.85 16.97 -38.47
N GLN E 470 -13.33 17.56 -37.38
CA GLN E 470 -14.55 17.08 -36.72
C GLN E 470 -15.16 18.19 -35.86
N PRO F 96 -17.41 49.26 -34.95
CA PRO F 96 -18.11 49.52 -33.69
C PRO F 96 -18.95 48.32 -33.23
N PRO F 97 -18.98 48.08 -31.92
CA PRO F 97 -19.78 46.96 -31.41
C PRO F 97 -21.27 47.14 -31.69
N THR F 98 -21.95 46.03 -31.90
CA THR F 98 -23.38 46.07 -32.21
C THR F 98 -24.20 46.37 -30.95
N LEU F 99 -24.11 45.49 -29.96
CA LEU F 99 -24.82 45.68 -28.69
C LEU F 99 -23.94 45.47 -27.47
N ARG F 100 -23.06 44.47 -27.51
CA ARG F 100 -22.17 44.18 -26.39
C ARG F 100 -21.11 43.18 -26.83
N MET F 101 -19.88 43.36 -26.36
CA MET F 101 -18.79 42.47 -26.70
C MET F 101 -18.10 42.03 -25.42
N LYS F 102 -17.58 40.80 -25.43
CA LYS F 102 -16.80 40.32 -24.29
C LYS F 102 -15.57 41.18 -24.09
N LYS F 103 -15.34 41.59 -22.85
CA LYS F 103 -14.24 42.49 -22.52
C LYS F 103 -13.05 41.69 -22.05
N LEU F 104 -11.91 41.86 -22.73
CA LEU F 104 -10.65 41.26 -22.32
C LEU F 104 -9.81 42.32 -21.62
N ASN F 105 -9.24 41.96 -20.48
CA ASN F 105 -8.49 42.89 -19.66
C ASN F 105 -7.01 42.82 -20.01
N TRP F 106 -6.42 43.99 -20.29
CA TRP F 106 -5.00 44.09 -20.54
C TRP F 106 -4.41 45.22 -19.69
N GLN F 107 -3.11 45.14 -19.46
CA GLN F 107 -2.39 46.19 -18.74
C GLN F 107 -2.12 47.32 -19.71
N LYS F 108 -3.00 48.32 -19.73
CA LYS F 108 -2.88 49.42 -20.69
C LYS F 108 -1.61 50.20 -20.43
N LEU F 109 -0.87 50.48 -21.51
CA LEU F 109 0.30 51.33 -21.36
C LEU F 109 -0.08 52.79 -21.61
N PRO F 110 0.61 53.72 -20.95
CA PRO F 110 0.31 55.14 -21.17
C PRO F 110 0.49 55.54 -22.62
N SER F 111 -0.39 56.42 -23.09
CA SER F 111 -0.36 56.86 -24.48
C SER F 111 0.87 57.72 -24.81
N ASN F 112 1.60 58.19 -23.80
CA ASN F 112 2.81 58.97 -24.03
C ASN F 112 4.09 58.14 -23.91
N VAL F 113 4.00 56.93 -23.35
CA VAL F 113 5.16 56.07 -23.18
C VAL F 113 5.22 54.99 -24.26
N ALA F 114 4.06 54.46 -24.67
CA ALA F 114 4.03 53.40 -25.66
C ALA F 114 4.44 53.86 -27.05
N ARG F 115 4.52 55.17 -27.29
CA ARG F 115 4.92 55.70 -28.59
C ARG F 115 6.38 56.13 -28.64
N GLU F 116 7.15 55.81 -27.61
CA GLU F 116 8.56 56.20 -27.61
C GLU F 116 9.35 55.39 -28.62
N HIS F 117 10.54 55.88 -28.95
CA HIS F 117 11.37 55.25 -29.97
C HIS F 117 11.77 53.84 -29.57
N ASN F 118 12.14 53.64 -28.30
CA ASN F 118 12.52 52.31 -27.84
C ASN F 118 11.34 51.36 -27.85
N SER F 119 10.13 51.87 -27.66
CA SER F 119 8.95 51.01 -27.67
C SER F 119 8.70 50.46 -29.07
N MET F 120 8.32 49.18 -29.13
CA MET F 120 8.00 48.55 -30.40
C MET F 120 6.68 49.02 -30.98
N TRP F 121 5.78 49.51 -30.14
CA TRP F 121 4.48 49.99 -30.61
C TRP F 121 4.60 51.22 -31.50
N ALA F 122 5.72 51.93 -31.45
CA ALA F 122 5.91 53.10 -32.30
C ALA F 122 5.90 52.72 -33.77
N SER F 123 6.55 51.60 -34.11
CA SER F 123 6.58 51.16 -35.51
C SER F 123 5.20 50.79 -36.01
N LEU F 124 4.36 50.20 -35.16
CA LEU F 124 3.02 49.80 -35.58
C LEU F 124 2.13 51.00 -35.87
N SER F 125 2.39 52.14 -35.21
CA SER F 125 1.58 53.33 -35.42
C SER F 125 1.79 53.94 -36.80
N SER F 126 2.79 53.50 -37.55
CA SER F 126 3.09 53.99 -38.88
C SER F 126 3.13 52.82 -39.87
N PRO F 127 2.88 53.08 -41.16
CA PRO F 127 2.90 51.98 -42.13
C PRO F 127 4.30 51.46 -42.41
N ASP F 128 4.95 50.94 -41.36
CA ASP F 128 6.29 50.38 -41.48
C ASP F 128 6.31 48.85 -41.43
N ALA F 129 5.17 48.21 -41.16
CA ALA F 129 5.09 46.77 -41.07
C ALA F 129 3.91 46.26 -41.87
N GLU F 130 3.90 44.96 -42.14
CA GLU F 130 2.83 44.34 -42.91
C GLU F 130 1.55 44.36 -42.11
N ALA F 131 0.62 45.24 -42.47
CA ALA F 131 -0.64 45.34 -41.75
C ALA F 131 -1.55 44.17 -42.10
N VAL F 132 -2.25 43.65 -41.08
CA VAL F 132 -3.21 42.57 -41.25
C VAL F 132 -4.54 43.02 -40.66
N GLU F 133 -5.64 42.59 -41.28
CA GLU F 133 -6.97 43.00 -40.86
C GLU F 133 -7.78 41.78 -40.45
N PRO F 134 -8.35 41.76 -39.25
CA PRO F 134 -9.15 40.63 -38.82
C PRO F 134 -10.54 40.65 -39.45
N ASP F 135 -11.23 39.51 -39.31
CA ASP F 135 -12.59 39.36 -39.83
C ASP F 135 -13.55 40.09 -38.89
N PHE F 136 -13.87 41.33 -39.24
CA PHE F 136 -14.77 42.12 -38.40
C PHE F 136 -16.21 41.61 -38.47
N SER F 137 -16.59 41.02 -39.60
CA SER F 137 -17.96 40.51 -39.72
C SER F 137 -18.22 39.36 -38.76
N SER F 138 -17.25 38.46 -38.60
CA SER F 138 -17.43 37.28 -37.75
C SER F 138 -17.11 37.55 -36.28
N ILE F 139 -16.30 38.57 -35.98
CA ILE F 139 -15.91 38.80 -34.59
C ILE F 139 -17.09 39.28 -33.76
N GLU F 140 -18.03 40.01 -34.38
CA GLU F 140 -19.18 40.53 -33.63
C GLU F 140 -20.27 39.48 -33.47
N ARG F 141 -20.36 38.53 -34.39
CA ARG F 141 -21.39 37.50 -34.35
C ARG F 141 -20.98 36.26 -33.57
N LEU F 142 -19.74 36.21 -33.09
CA LEU F 142 -19.25 35.04 -32.37
C LEU F 142 -18.95 35.30 -30.90
N PHE F 143 -18.72 36.56 -30.51
CA PHE F 143 -18.39 36.89 -29.14
C PHE F 143 -19.42 37.80 -28.50
N SER F 144 -20.61 37.92 -29.10
CA SER F 144 -21.64 38.79 -28.57
C SER F 144 -22.34 38.17 -27.37
N THR F 168 -27.97 57.59 3.79
CA THR F 168 -27.62 57.64 5.19
C THR F 168 -26.73 58.85 5.50
N PHE F 169 -26.65 59.21 6.78
CA PHE F 169 -25.82 60.32 7.22
C PHE F 169 -24.56 59.87 7.95
N LEU F 170 -24.60 58.70 8.60
CA LEU F 170 -23.44 58.18 9.28
C LEU F 170 -22.43 57.63 8.27
N ASP F 171 -21.17 57.58 8.70
CA ASP F 171 -20.14 56.96 7.88
C ASP F 171 -20.33 55.44 7.84
N ALA F 172 -19.69 54.81 6.85
CA ALA F 172 -19.80 53.37 6.70
C ALA F 172 -19.25 52.64 7.92
N LYS F 173 -18.29 53.24 8.62
CA LYS F 173 -17.75 52.63 9.83
C LYS F 173 -18.81 52.51 10.91
N LYS F 174 -19.59 53.56 11.12
CA LYS F 174 -20.52 53.57 12.24
C LYS F 174 -21.88 53.02 11.84
N SER F 175 -22.34 53.32 10.62
CA SER F 175 -23.66 52.88 10.19
C SER F 175 -23.73 51.37 10.05
N LEU F 176 -22.74 50.77 9.38
CA LEU F 176 -22.74 49.32 9.18
C LEU F 176 -22.58 48.59 10.51
N ASN F 177 -21.72 49.11 11.40
CA ASN F 177 -21.52 48.47 12.70
C ASN F 177 -22.79 48.50 13.53
N LEU F 178 -23.66 49.50 13.31
CA LEU F 178 -24.90 49.58 14.07
C LEU F 178 -25.89 48.51 13.61
N ASN F 179 -26.00 48.32 12.29
CA ASN F 179 -26.90 47.28 11.77
C ASN F 179 -26.45 45.90 12.21
N ILE F 180 -25.14 45.64 12.22
CA ILE F 180 -24.63 44.36 12.71
C ILE F 180 -24.95 44.19 14.18
N PHE F 181 -24.88 45.28 14.95
CA PHE F 181 -25.25 45.20 16.36
C PHE F 181 -26.74 44.94 16.54
N LEU F 182 -27.57 45.39 15.61
CA LEU F 182 -29.02 45.21 15.70
C LEU F 182 -29.49 43.91 15.06
N LYS F 183 -28.60 43.13 14.46
CA LYS F 183 -28.97 41.89 13.79
C LYS F 183 -28.74 40.66 14.65
N GLN F 184 -28.40 40.83 15.92
CA GLN F 184 -28.29 39.72 16.86
C GLN F 184 -29.52 39.61 17.75
N PHE F 185 -30.55 40.40 17.50
CA PHE F 185 -31.78 40.37 18.28
C PHE F 185 -32.98 39.80 17.53
N LYS F 186 -32.98 39.87 16.20
CA LYS F 186 -34.06 39.32 15.37
C LYS F 186 -35.41 39.97 15.70
N CYS F 187 -35.39 41.28 15.94
CA CYS F 187 -36.61 42.03 16.20
C CYS F 187 -36.55 43.35 15.43
N SER F 188 -37.70 44.02 15.37
CA SER F 188 -37.79 45.30 14.68
C SER F 188 -37.04 46.38 15.46
N ASN F 189 -36.70 47.46 14.76
CA ASN F 189 -36.02 48.58 15.40
C ASN F 189 -36.91 49.27 16.42
N GLU F 190 -38.23 49.28 16.19
CA GLU F 190 -39.14 49.88 17.16
C GLU F 190 -39.16 49.09 18.45
N GLU F 191 -39.15 47.76 18.37
CA GLU F 191 -39.21 46.93 19.57
C GLU F 191 -37.96 47.10 20.43
N VAL F 192 -36.78 47.13 19.81
CA VAL F 192 -35.54 47.22 20.56
C VAL F 192 -35.42 48.57 21.26
N ALA F 193 -36.09 49.60 20.78
CA ALA F 193 -36.09 50.89 21.46
C ALA F 193 -36.88 50.86 22.75
N ALA F 194 -37.99 50.10 22.78
CA ALA F 194 -38.78 50.00 24.00
C ALA F 194 -38.01 49.31 25.11
N MET F 195 -37.24 48.26 24.77
CA MET F 195 -36.46 47.55 25.77
C MET F 195 -35.41 48.45 26.41
N ILE F 196 -34.73 49.28 25.62
CA ILE F 196 -33.78 50.23 26.18
C ILE F 196 -34.49 51.25 27.08
N ARG F 197 -35.63 51.76 26.61
CA ARG F 197 -36.38 52.72 27.42
C ARG F 197 -36.89 52.10 28.72
N ALA F 198 -37.37 50.86 28.65
CA ALA F 198 -37.87 50.18 29.83
C ALA F 198 -36.78 49.57 30.70
N GLY F 199 -35.54 49.53 30.20
CA GLY F 199 -34.45 48.97 30.98
C GLY F 199 -34.46 47.47 31.10
N ASP F 200 -35.18 46.77 30.23
CA ASP F 200 -35.23 45.32 30.27
C ASP F 200 -33.88 44.73 29.87
N THR F 201 -33.47 43.66 30.55
CA THR F 201 -32.20 43.00 30.30
C THR F 201 -32.37 41.53 29.90
N THR F 202 -33.51 41.18 29.31
CA THR F 202 -33.73 39.79 28.91
C THR F 202 -32.77 39.35 27.82
N LYS F 203 -32.53 40.21 26.83
CA LYS F 203 -31.67 39.88 25.70
C LYS F 203 -30.37 40.67 25.69
N PHE F 204 -30.11 41.48 26.73
CA PHE F 204 -28.90 42.27 26.82
C PHE F 204 -27.99 41.67 27.88
N ASP F 205 -26.73 41.42 27.49
CA ASP F 205 -25.73 40.84 28.37
C ASP F 205 -24.62 41.85 28.65
N VAL F 206 -23.60 41.40 29.39
CA VAL F 206 -22.51 42.29 29.76
C VAL F 206 -21.72 42.71 28.53
N GLU F 207 -21.41 41.76 27.65
CA GLU F 207 -20.61 42.08 26.47
C GLU F 207 -21.43 42.89 25.46
N VAL F 208 -22.72 42.60 25.34
CA VAL F 208 -23.57 43.31 24.39
C VAL F 208 -23.64 44.79 24.75
N LEU F 209 -23.70 45.09 26.05
CA LEU F 209 -23.78 46.48 26.50
C LEU F 209 -22.51 47.25 26.13
N LYS F 210 -21.36 46.60 26.21
CA LYS F 210 -20.10 47.28 25.89
C LYS F 210 -20.08 47.75 24.44
N GLN F 211 -20.56 46.92 23.51
CA GLN F 211 -20.62 47.33 22.11
C GLN F 211 -21.58 48.49 21.92
N LEU F 212 -22.71 48.47 22.63
CA LEU F 212 -23.66 49.58 22.55
C LEU F 212 -23.05 50.86 23.10
N LEU F 213 -22.25 50.76 24.16
CA LEU F 213 -21.63 51.94 24.73
C LEU F 213 -20.70 52.63 23.74
N LYS F 214 -19.91 51.85 23.01
CA LYS F 214 -19.06 52.42 21.96
C LYS F 214 -19.92 52.99 20.82
N LEU F 215 -20.98 52.28 20.43
CA LEU F 215 -21.83 52.72 19.34
C LEU F 215 -22.90 53.66 19.88
N LEU F 216 -22.50 54.92 20.06
CA LEU F 216 -23.35 55.98 20.56
C LEU F 216 -23.29 57.15 19.60
N PRO F 217 -24.33 57.99 19.58
CA PRO F 217 -24.32 59.13 18.66
C PRO F 217 -23.13 60.06 18.91
N GLU F 218 -22.56 60.57 17.82
CA GLU F 218 -21.40 61.45 17.88
C GLU F 218 -21.85 62.91 17.79
N LYS F 219 -20.88 63.82 17.86
CA LYS F 219 -21.19 65.24 17.77
C LYS F 219 -21.75 65.60 16.39
N HIS F 220 -21.18 65.05 15.32
CA HIS F 220 -21.68 65.33 13.98
C HIS F 220 -22.96 64.57 13.68
N GLU F 221 -23.12 63.38 14.26
CA GLU F 221 -24.32 62.58 14.00
C GLU F 221 -25.57 63.25 14.55
N ILE F 222 -25.49 63.82 15.76
CA ILE F 222 -26.65 64.45 16.35
C ILE F 222 -27.01 65.73 15.60
N GLU F 223 -26.01 66.48 15.15
CA GLU F 223 -26.27 67.71 14.41
C GLU F 223 -26.98 67.42 13.09
N ASN F 224 -26.52 66.39 12.38
CA ASN F 224 -27.17 66.03 11.12
C ASN F 224 -28.60 65.55 11.34
N LEU F 225 -28.82 64.73 12.37
CA LEU F 225 -30.16 64.25 12.66
C LEU F 225 -31.08 65.39 13.09
N ARG F 226 -30.58 66.31 13.92
CA ARG F 226 -31.40 67.45 14.34
C ARG F 226 -31.72 68.36 13.16
N ALA F 227 -30.77 68.52 12.24
CA ALA F 227 -31.02 69.36 11.07
C ALA F 227 -32.12 68.78 10.18
N PHE F 228 -32.31 67.47 10.22
CA PHE F 228 -33.34 66.82 9.43
C PHE F 228 -34.73 67.19 9.94
N ALA F 233 -38.24 55.54 7.13
CA ALA F 233 -38.67 56.49 6.10
C ALA F 233 -37.56 56.70 5.08
N LYS F 234 -37.38 57.96 4.66
CA LYS F 234 -36.30 58.28 3.72
C LYS F 234 -34.94 57.97 4.34
N LEU F 235 -34.75 58.30 5.61
CA LEU F 235 -33.53 57.95 6.31
C LEU F 235 -33.46 56.45 6.56
N ALA F 236 -32.25 55.92 6.51
CA ALA F 236 -32.04 54.48 6.56
C ALA F 236 -32.38 53.92 7.95
N SER F 237 -32.51 52.59 8.01
CA SER F 237 -32.87 51.94 9.27
C SER F 237 -31.79 52.12 10.33
N ALA F 238 -30.54 52.33 9.93
CA ALA F 238 -29.47 52.55 10.90
C ALA F 238 -29.72 53.81 11.73
N ASP F 239 -30.02 54.92 11.06
CA ASP F 239 -30.34 56.15 11.77
C ASP F 239 -31.72 56.12 12.39
N HIS F 240 -32.58 55.19 11.96
CA HIS F 240 -33.93 55.10 12.52
C HIS F 240 -33.89 54.71 13.99
N PHE F 241 -33.01 53.78 14.36
CA PHE F 241 -32.85 53.42 15.77
C PHE F 241 -32.32 54.60 16.57
N TYR F 242 -31.45 55.41 15.98
CA TYR F 242 -30.92 56.57 16.67
C TYR F 242 -32.02 57.57 16.99
N LEU F 243 -32.94 57.80 16.05
CA LEU F 243 -34.05 58.71 16.30
C LEU F 243 -34.93 58.20 17.44
N LEU F 244 -35.22 56.90 17.46
CA LEU F 244 -35.95 56.32 18.57
C LEU F 244 -35.14 56.37 19.86
N LEU F 245 -33.83 56.14 19.77
CA LEU F 245 -32.98 56.23 20.95
C LEU F 245 -32.87 57.66 21.47
N LEU F 246 -32.92 58.64 20.57
CA LEU F 246 -32.85 60.03 21.00
C LEU F 246 -34.05 60.41 21.85
N ALA F 247 -35.24 59.90 21.49
CA ALA F 247 -36.44 60.21 22.26
C ALA F 247 -36.37 59.65 23.68
N ILE F 248 -35.53 58.65 23.92
CA ILE F 248 -35.37 58.07 25.26
C ILE F 248 -34.60 59.07 26.12
N PRO F 249 -35.16 59.49 27.26
CA PRO F 249 -34.45 60.47 28.10
C PRO F 249 -33.21 59.86 28.73
N CYS F 250 -32.16 60.68 28.82
CA CYS F 250 -30.87 60.32 29.41
C CYS F 250 -30.44 58.89 29.05
N TYR F 251 -30.38 58.65 27.74
CA TYR F 251 -30.01 57.33 27.25
C TYR F 251 -28.60 56.94 27.66
N GLN F 252 -27.70 57.92 27.78
CA GLN F 252 -26.34 57.64 28.20
C GLN F 252 -26.30 57.07 29.61
N LEU F 253 -27.09 57.65 30.52
CA LEU F 253 -27.13 57.16 31.90
C LEU F 253 -27.79 55.79 31.97
N ARG F 254 -28.83 55.56 31.16
CA ARG F 254 -29.61 54.33 31.26
C ARG F 254 -28.75 53.10 31.01
N ILE F 255 -27.89 53.16 29.98
CA ILE F 255 -27.06 52.01 29.66
C ILE F 255 -26.05 51.72 30.77
N GLU F 256 -25.53 52.77 31.42
CA GLU F 256 -24.52 52.56 32.45
C GLU F 256 -25.12 51.98 33.73
N CYS F 257 -26.42 52.19 33.96
CA CYS F 257 -27.03 51.74 35.21
C CYS F 257 -27.00 50.23 35.34
N MET F 258 -27.49 49.51 34.33
CA MET F 258 -27.55 48.06 34.42
C MET F 258 -26.24 47.39 34.04
N LEU F 259 -25.33 48.11 33.38
CA LEU F 259 -24.01 47.55 33.10
C LEU F 259 -23.23 47.29 34.39
N LEU F 260 -23.29 48.24 35.33
CA LEU F 260 -22.55 48.09 36.58
C LEU F 260 -23.21 47.07 37.50
N CYS F 261 -24.54 47.07 37.57
CA CYS F 261 -25.24 46.16 38.48
C CYS F 261 -25.01 44.71 38.09
N GLU F 262 -25.19 44.38 36.80
CA GLU F 262 -24.94 43.02 36.34
C GLU F 262 -23.47 42.65 36.47
N GLY F 263 -22.57 43.60 36.17
CA GLY F 263 -21.16 43.33 36.34
C GLY F 263 -20.76 43.12 37.78
N ALA F 264 -21.35 43.89 38.69
CA ALA F 264 -21.04 43.74 40.11
C ALA F 264 -21.53 42.41 40.65
N ALA F 265 -22.63 41.89 40.12
CA ALA F 265 -23.15 40.60 40.57
C ALA F 265 -22.17 39.47 40.27
N ALA F 266 -21.51 39.53 39.12
CA ALA F 266 -20.55 38.51 38.73
C ALA F 266 -19.16 38.72 39.32
N VAL F 267 -18.96 39.80 40.07
CA VAL F 267 -17.66 40.11 40.65
C VAL F 267 -17.59 39.66 42.11
N LEU F 268 -18.62 39.98 42.90
CA LEU F 268 -18.58 39.67 44.33
C LEU F 268 -18.54 38.16 44.57
N ASP F 269 -19.32 37.40 43.80
CA ASP F 269 -19.38 35.95 44.01
C ASP F 269 -18.09 35.23 43.64
N MET F 270 -17.16 35.90 42.97
CA MET F 270 -15.88 35.30 42.60
C MET F 270 -14.72 35.81 43.44
N VAL F 271 -14.75 37.07 43.86
CA VAL F 271 -13.70 37.57 44.77
C VAL F 271 -13.84 36.94 46.15
N ARG F 272 -15.06 36.71 46.60
CA ARG F 272 -15.29 36.20 47.96
C ARG F 272 -14.62 34.86 48.20
N PRO F 273 -14.75 33.84 47.34
CA PRO F 273 -14.02 32.59 47.58
C PRO F 273 -12.50 32.78 47.61
N LYS F 274 -11.98 33.71 46.80
CA LYS F 274 -10.55 34.02 46.86
C LYS F 274 -10.17 34.63 48.19
N ALA F 275 -11.01 35.53 48.71
CA ALA F 275 -10.73 36.17 49.99
C ALA F 275 -10.73 35.16 51.13
N GLN F 276 -11.70 34.23 51.12
CA GLN F 276 -11.76 33.21 52.16
C GLN F 276 -10.60 32.23 52.04
N LEU F 277 -10.21 31.90 50.81
CA LEU F 277 -9.14 30.93 50.61
C LEU F 277 -7.80 31.44 51.14
N VAL F 278 -7.46 32.69 50.86
CA VAL F 278 -6.19 33.24 51.33
C VAL F 278 -6.21 33.41 52.84
N LEU F 279 -7.35 33.81 53.40
CA LEU F 279 -7.45 33.94 54.86
C LEU F 279 -7.33 32.59 55.54
N ALA F 280 -7.97 31.55 54.98
CA ALA F 280 -7.85 30.22 55.56
C ALA F 280 -6.43 29.68 55.45
N ALA F 281 -5.76 29.96 54.33
CA ALA F 281 -4.39 29.48 54.15
C ALA F 281 -3.45 30.07 55.18
N CYS F 282 -3.60 31.36 55.48
CA CYS F 282 -2.72 32.00 56.46
C CYS F 282 -2.95 31.42 57.85
N GLU F 283 -4.21 31.17 58.22
CA GLU F 283 -4.49 30.62 59.54
C GLU F 283 -3.91 29.22 59.70
N SER F 284 -4.06 28.38 58.67
CA SER F 284 -3.48 27.05 58.71
C SER F 284 -1.97 27.10 58.78
N LEU F 285 -1.36 28.02 58.01
CA LEU F 285 0.08 28.18 58.04
C LEU F 285 0.56 28.69 59.40
N LEU F 286 -0.19 29.60 60.02
CA LEU F 286 0.16 30.07 61.36
C LEU F 286 0.05 28.94 62.39
N THR F 287 -0.97 28.09 62.25
CA THR F 287 -1.24 27.03 63.20
C THR F 287 -0.55 25.72 62.84
N SER F 288 0.30 25.71 61.82
CA SER F 288 0.97 24.47 61.42
C SER F 288 1.93 24.00 62.50
N ARG F 289 1.97 22.69 62.73
CA ARG F 289 2.85 22.09 63.72
C ARG F 289 4.11 21.49 63.12
N GLN F 290 4.05 21.00 61.88
CA GLN F 290 5.19 20.30 61.30
C GLN F 290 6.30 21.25 60.85
N LEU F 291 5.95 22.45 60.38
CA LEU F 291 6.98 23.41 59.98
C LEU F 291 7.94 23.76 61.10
N PRO F 292 7.50 24.07 62.33
CA PRO F 292 8.49 24.27 63.40
C PRO F 292 9.37 23.07 63.64
N ILE F 293 8.83 21.85 63.51
CA ILE F 293 9.65 20.66 63.62
C ILE F 293 10.55 20.51 62.39
N PHE F 294 10.00 20.73 61.19
CA PHE F 294 10.76 20.52 59.97
C PHE F 294 11.86 21.57 59.81
N CYS F 295 11.53 22.85 60.07
CA CYS F 295 12.52 23.91 59.92
C CYS F 295 13.63 23.78 60.95
N GLN F 296 13.35 23.16 62.10
CA GLN F 296 14.39 22.94 63.09
C GLN F 296 15.35 21.83 62.67
N LEU F 297 14.82 20.77 62.05
CA LEU F 297 15.66 19.64 61.67
C LEU F 297 16.68 20.04 60.61
N ILE F 298 16.25 20.81 59.61
CA ILE F 298 17.17 21.25 58.56
C ILE F 298 18.18 22.24 59.14
N LEU F 299 17.74 23.10 60.05
CA LEU F 299 18.65 24.05 60.69
C LEU F 299 19.72 23.31 61.50
N ARG F 300 19.32 22.29 62.26
CA ARG F 300 20.28 21.47 62.98
C ARG F 300 21.20 20.74 62.02
N ILE F 301 20.64 20.17 60.95
CA ILE F 301 21.46 19.51 59.94
C ILE F 301 22.35 20.52 59.22
N GLY F 302 21.79 21.67 58.86
CA GLY F 302 22.55 22.64 58.09
C GLY F 302 23.78 23.16 58.82
N ASN F 303 23.67 23.31 60.14
CA ASN F 303 24.83 23.72 60.93
C ASN F 303 25.94 22.68 60.85
N PHE F 304 25.57 21.39 60.91
CA PHE F 304 26.57 20.33 60.80
C PHE F 304 27.21 20.32 59.42
N LEU F 305 26.41 20.53 58.37
CA LEU F 305 26.95 20.46 57.01
C LEU F 305 27.92 21.60 56.73
N ASN F 306 27.60 22.80 57.19
CA ASN F 306 28.39 24.00 56.89
C ASN F 306 29.20 24.47 58.09
N TYR F 307 29.67 23.53 58.91
CA TYR F 307 30.49 23.89 60.06
C TYR F 307 31.87 24.34 59.60
N GLY F 308 32.35 25.44 60.19
CA GLY F 308 33.68 25.94 59.87
C GLY F 308 33.76 26.83 58.65
N SER F 309 32.64 27.41 58.21
CA SER F 309 32.62 28.28 57.05
C SER F 309 31.79 29.52 57.38
N HIS F 310 31.65 30.40 56.39
CA HIS F 310 30.84 31.60 56.58
C HIS F 310 29.37 31.23 56.85
N THR F 311 28.84 30.27 56.10
CA THR F 311 27.50 29.78 56.34
C THR F 311 27.49 28.85 57.56
N GLY F 312 26.29 28.59 58.06
CA GLY F 312 26.11 27.75 59.22
C GLY F 312 26.07 28.57 60.52
N ASP F 313 25.66 27.89 61.59
CA ASP F 313 25.53 28.48 62.92
C ASP F 313 24.55 29.65 62.94
N ALA F 314 23.67 29.74 61.94
CA ALA F 314 22.69 30.79 61.89
C ALA F 314 21.45 30.41 62.70
N ASP F 315 20.82 31.40 63.32
CA ASP F 315 19.63 31.13 64.12
C ASP F 315 18.45 30.72 63.24
N GLY F 316 18.32 31.32 62.07
CA GLY F 316 17.20 31.03 61.19
C GLY F 316 17.54 31.32 59.75
N PHE F 317 16.56 31.06 58.88
CA PHE F 317 16.72 31.27 57.44
C PHE F 317 15.36 31.64 56.85
N LYS F 318 15.41 32.15 55.62
CA LYS F 318 14.19 32.56 54.93
C LYS F 318 13.41 31.32 54.48
N ILE F 319 12.14 31.56 54.12
CA ILE F 319 11.27 30.47 53.68
C ILE F 319 11.71 29.91 52.33
N SER F 320 12.48 30.67 51.55
CA SER F 320 12.95 30.20 50.25
C SER F 320 14.02 29.12 50.37
N THR F 321 14.52 28.86 51.58
CA THR F 321 15.56 27.84 51.75
C THR F 321 15.04 26.45 51.39
N LEU F 322 13.79 26.14 51.77
CA LEU F 322 13.24 24.82 51.51
C LEU F 322 13.10 24.53 50.02
N LEU F 323 13.06 25.57 49.17
CA LEU F 323 12.98 25.38 47.73
C LEU F 323 14.27 24.93 47.11
N LYS F 324 15.41 25.06 47.82
CA LYS F 324 16.71 24.65 47.32
C LYS F 324 17.23 23.41 48.04
N LEU F 325 16.35 22.66 48.71
CA LEU F 325 16.79 21.48 49.45
C LEU F 325 17.24 20.37 48.51
N THR F 326 16.61 20.25 47.34
CA THR F 326 16.94 19.18 46.40
C THR F 326 18.27 19.40 45.68
N GLU F 327 18.87 20.59 45.81
CA GLU F 327 20.12 20.87 45.12
C GLU F 327 21.33 20.19 45.75
N THR F 328 21.18 19.64 46.97
CA THR F 328 22.29 18.97 47.66
C THR F 328 22.25 17.49 47.30
N LYS F 329 23.08 17.10 46.32
CA LYS F 329 23.13 15.73 45.85
C LYS F 329 24.07 14.90 46.72
N SER F 330 23.81 13.60 46.75
CA SER F 330 24.60 12.64 47.51
C SER F 330 25.55 11.90 46.58
N GLN F 331 26.20 10.86 47.10
CA GLN F 331 27.12 10.06 46.28
C GLN F 331 26.38 9.37 45.15
N GLN F 332 25.17 8.87 45.42
CA GLN F 332 24.39 8.19 44.39
C GLN F 332 23.92 9.15 43.30
N ASN F 333 23.95 10.46 43.56
CA ASN F 333 23.57 11.53 42.65
C ASN F 333 22.06 11.56 42.37
N ARG F 334 21.30 10.62 42.91
CA ARG F 334 19.84 10.61 42.76
C ARG F 334 19.10 10.87 44.06
N VAL F 335 19.74 10.70 45.21
CA VAL F 335 19.14 10.99 46.50
C VAL F 335 19.61 12.37 46.94
N THR F 336 18.66 13.28 47.14
CA THR F 336 18.95 14.64 47.55
C THR F 336 18.87 14.76 49.07
N LEU F 337 19.16 15.97 49.57
CA LEU F 337 19.04 16.21 51.00
C LEU F 337 17.60 16.06 51.47
N LEU F 338 16.64 16.51 50.65
CA LEU F 338 15.23 16.31 50.98
C LEU F 338 14.89 14.82 51.04
N HIS F 339 15.47 14.02 50.14
CA HIS F 339 15.22 12.58 50.15
C HIS F 339 15.75 11.94 51.43
N HIS F 340 16.94 12.36 51.88
CA HIS F 340 17.53 11.75 53.06
C HIS F 340 16.75 12.11 54.32
N VAL F 341 16.38 13.38 54.47
CA VAL F 341 15.61 13.78 55.65
C VAL F 341 14.22 13.15 55.63
N LEU F 342 13.72 12.82 54.44
CA LEU F 342 12.46 12.10 54.35
C LEU F 342 12.63 10.63 54.69
N GLU F 343 13.80 10.05 54.40
CA GLU F 343 14.05 8.66 54.75
C GLU F 343 14.02 8.46 56.27
N GLU F 344 14.65 9.38 57.02
CA GLU F 344 14.60 9.29 58.47
C GLU F 344 13.23 9.70 59.00
N ALA F 345 12.51 10.55 58.28
CA ALA F 345 11.15 10.91 58.66
C ALA F 345 10.15 9.80 58.34
N GLU F 346 10.51 8.87 57.45
CA GLU F 346 9.62 7.75 57.14
C GLU F 346 9.44 6.85 58.35
N LYS F 347 10.43 6.77 59.23
CA LYS F 347 10.30 5.96 60.44
C LYS F 347 9.19 6.49 61.34
N SER F 348 9.12 7.81 61.50
CA SER F 348 8.09 8.46 62.31
C SER F 348 7.07 9.07 61.35
N HIS F 349 6.06 8.28 60.99
CA HIS F 349 5.04 8.77 60.06
C HIS F 349 4.31 10.03 60.53
N PRO F 350 3.90 10.16 61.80
CA PRO F 350 3.28 11.43 62.21
C PRO F 350 4.22 12.62 62.13
N ASP F 351 5.52 12.41 62.09
CA ASP F 351 6.51 13.48 62.06
C ASP F 351 6.96 13.73 60.63
N LEU F 352 6.83 14.98 60.18
CA LEU F 352 7.30 15.49 58.88
C LEU F 352 6.52 14.94 57.70
N LEU F 353 5.57 14.02 57.91
CA LEU F 353 4.75 13.51 56.82
C LEU F 353 3.31 14.00 56.87
N GLN F 354 2.86 14.52 58.01
CA GLN F 354 1.57 15.18 58.09
C GLN F 354 1.61 16.60 57.53
N LEU F 355 2.80 17.10 57.18
CA LEU F 355 2.92 18.45 56.65
C LEU F 355 2.15 18.67 55.35
N PRO F 356 2.26 17.81 54.33
CA PRO F 356 1.50 18.08 53.08
C PRO F 356 0.00 18.18 53.28
N ARG F 357 -0.53 17.51 54.31
CA ARG F 357 -1.96 17.64 54.61
C ARG F 357 -2.31 19.06 55.02
N ASP F 358 -1.38 19.77 55.66
CA ASP F 358 -1.61 21.14 56.09
C ASP F 358 -1.26 22.18 55.02
N LEU F 359 -0.61 21.77 53.93
CA LEU F 359 -0.19 22.70 52.89
C LEU F 359 -1.14 22.73 51.70
N GLU F 360 -2.28 22.04 51.77
CA GLU F 360 -3.20 22.01 50.65
C GLU F 360 -3.83 23.38 50.41
N GLN F 361 -4.30 24.03 51.47
CA GLN F 361 -4.92 25.34 51.31
C GLN F 361 -3.96 26.41 50.79
N PRO F 362 -2.75 26.58 51.33
CA PRO F 362 -1.83 27.55 50.73
C PRO F 362 -1.44 27.22 49.30
N SER F 363 -1.40 25.92 48.95
CA SER F 363 -1.03 25.54 47.58
C SER F 363 -2.08 26.03 46.58
N GLN F 364 -3.36 25.93 46.93
CA GLN F 364 -4.40 26.39 46.02
C GLN F 364 -4.41 27.91 45.88
N ALA F 365 -3.99 28.62 46.93
CA ALA F 365 -3.96 30.07 46.90
C ALA F 365 -2.89 30.63 45.96
N ALA F 366 -1.98 29.79 45.47
CA ALA F 366 -0.94 30.26 44.57
C ALA F 366 -1.54 30.70 43.24
N GLY F 367 -0.97 31.78 42.68
CA GLY F 367 -1.43 32.32 41.43
C GLY F 367 -2.61 33.26 41.53
N ILE F 368 -3.12 33.51 42.73
CA ILE F 368 -4.26 34.41 42.94
C ILE F 368 -3.74 35.59 43.74
N ASN F 369 -3.33 36.65 43.05
CA ASN F 369 -2.84 37.85 43.70
C ASN F 369 -4.00 38.67 44.26
N LEU F 370 -3.78 39.29 45.41
CA LEU F 370 -4.80 40.08 46.07
C LEU F 370 -4.83 41.54 45.61
N GLU F 371 -3.85 41.98 44.82
CA GLU F 371 -3.84 43.36 44.36
C GLU F 371 -4.88 43.59 43.28
N ILE F 372 -5.06 42.64 42.38
CA ILE F 372 -6.03 42.79 41.29
C ILE F 372 -7.44 42.73 41.84
N ILE F 373 -7.72 41.79 42.75
CA ILE F 373 -9.06 41.65 43.29
C ILE F 373 -9.43 42.85 44.16
N ARG F 374 -8.45 43.44 44.84
CA ARG F 374 -8.73 44.63 45.66
C ARG F 374 -9.00 45.84 44.79
N SER F 375 -8.21 46.01 43.72
CA SER F 375 -8.43 47.14 42.81
C SER F 375 -9.76 47.01 42.08
N GLU F 376 -10.13 45.79 41.70
CA GLU F 376 -11.39 45.59 40.98
C GLU F 376 -12.59 45.98 41.83
N ALA F 377 -12.59 45.60 43.10
CA ALA F 377 -13.69 45.96 43.99
C ALA F 377 -13.78 47.48 44.18
N SER F 378 -12.63 48.14 44.37
CA SER F 378 -12.62 49.58 44.56
C SER F 378 -13.02 50.31 43.27
N SER F 379 -12.52 49.84 42.12
CA SER F 379 -12.82 50.49 40.85
C SER F 379 -14.31 50.43 40.53
N ASN F 380 -14.93 49.26 40.74
CA ASN F 380 -16.36 49.13 40.48
C ASN F 380 -17.18 49.99 41.45
N LEU F 381 -16.76 50.04 42.72
CA LEU F 381 -17.47 50.88 43.69
C LEU F 381 -17.35 52.35 43.33
N LYS F 382 -16.17 52.79 42.89
CA LYS F 382 -16.00 54.18 42.50
C LYS F 382 -16.90 54.55 41.33
N LYS F 383 -16.98 53.69 40.33
CA LYS F 383 -17.89 53.94 39.21
C LYS F 383 -19.34 53.86 39.65
N LEU F 384 -19.67 52.89 40.51
CA LEU F 384 -21.04 52.76 40.98
C LEU F 384 -21.46 53.97 41.81
N LEU F 385 -20.57 54.47 42.68
CA LEU F 385 -20.89 55.65 43.46
C LEU F 385 -21.03 56.88 42.58
N GLU F 386 -20.20 57.00 41.55
CA GLU F 386 -20.29 58.15 40.65
C GLU F 386 -21.63 58.17 39.91
N THR F 387 -22.07 57.00 39.43
CA THR F 387 -23.36 56.93 38.74
C THR F 387 -24.54 57.06 39.69
N GLU F 388 -24.32 56.85 40.99
CA GLU F 388 -25.42 56.98 41.94
C GLU F 388 -25.94 58.41 41.99
N ARG F 389 -25.04 59.40 41.93
CA ARG F 389 -25.47 60.79 41.90
C ARG F 389 -26.24 61.09 40.62
N LYS F 390 -25.78 60.57 39.48
CA LYS F 390 -26.48 60.79 38.22
C LYS F 390 -27.88 60.18 38.25
N VAL F 391 -28.01 58.98 38.81
CA VAL F 391 -29.32 58.35 38.91
C VAL F 391 -30.23 59.16 39.83
N SER F 392 -29.69 59.63 40.96
CA SER F 392 -30.49 60.42 41.89
C SER F 392 -30.98 61.71 41.26
N ALA F 393 -30.21 62.27 40.32
CA ALA F 393 -30.61 63.48 39.63
C ALA F 393 -31.67 63.23 38.56
N SER F 394 -31.94 61.97 38.23
CA SER F 394 -32.92 61.64 37.20
C SER F 394 -34.33 61.72 37.76
N VAL F 395 -35.31 61.32 36.94
CA VAL F 395 -36.71 61.37 37.32
C VAL F 395 -36.99 60.28 38.36
N ALA F 396 -38.16 60.38 39.01
CA ALA F 396 -38.51 59.43 40.07
C ALA F 396 -38.74 58.02 39.53
N GLU F 397 -39.03 57.89 38.23
CA GLU F 397 -39.24 56.56 37.66
C GLU F 397 -37.98 55.70 37.74
N VAL F 398 -36.81 56.32 37.51
CA VAL F 398 -35.56 55.58 37.60
C VAL F 398 -35.28 55.18 39.05
N GLN F 399 -35.61 56.06 40.00
CA GLN F 399 -35.27 55.80 41.40
C GLN F 399 -36.04 54.61 41.96
N GLU F 400 -37.33 54.49 41.63
CA GLU F 400 -38.16 53.50 42.28
C GLU F 400 -37.85 52.06 41.86
N GLN F 401 -37.07 51.85 40.80
CA GLN F 401 -36.79 50.49 40.35
C GLN F 401 -35.36 50.22 39.92
N TYR F 402 -34.44 51.19 40.00
CA TYR F 402 -33.01 50.94 39.83
C TYR F 402 -32.15 51.50 40.96
N THR F 403 -32.61 52.54 41.64
CA THR F 403 -31.79 53.14 42.70
C THR F 403 -31.55 52.14 43.83
N GLU F 404 -32.60 51.42 44.25
CA GLU F 404 -32.43 50.41 45.30
C GLU F 404 -31.54 49.26 44.85
N ARG F 405 -31.42 49.02 43.55
CA ARG F 405 -30.52 47.99 43.07
C ARG F 405 -29.06 48.41 43.23
N LEU F 406 -28.76 49.68 42.95
CA LEU F 406 -27.39 50.16 43.06
C LEU F 406 -26.90 50.14 44.51
N GLN F 407 -27.74 50.63 45.43
CA GLN F 407 -27.33 50.67 46.83
C GLN F 407 -27.23 49.28 47.43
N ALA F 408 -28.00 48.31 46.90
CA ALA F 408 -27.87 46.94 47.36
C ALA F 408 -26.48 46.38 47.06
N SER F 409 -25.95 46.68 45.87
CA SER F 409 -24.59 46.25 45.55
C SER F 409 -23.56 47.02 46.37
N ILE F 410 -23.86 48.27 46.72
CA ILE F 410 -22.93 49.06 47.52
C ILE F 410 -22.75 48.43 48.89
N SER F 411 -23.86 48.05 49.53
CA SER F 411 -23.78 47.44 50.85
C SER F 411 -23.16 46.05 50.80
N ALA F 412 -23.40 45.30 49.71
CA ALA F 412 -22.82 43.97 49.60
C ALA F 412 -21.31 44.02 49.55
N PHE F 413 -20.74 45.00 48.84
CA PHE F 413 -19.28 45.10 48.73
C PHE F 413 -18.63 45.50 50.05
N ARG F 414 -19.39 46.06 50.99
CA ARG F 414 -18.81 46.46 52.27
C ARG F 414 -18.25 45.26 53.03
N ALA F 415 -18.97 44.14 53.02
CA ALA F 415 -18.46 42.93 53.65
C ALA F 415 -17.25 42.39 52.92
N LEU F 416 -17.15 42.63 51.61
CA LEU F 416 -16.01 42.15 50.84
C LEU F 416 -14.72 42.87 51.24
N ASP F 417 -14.78 44.21 51.32
CA ASP F 417 -13.59 44.96 51.70
C ASP F 417 -13.28 44.83 53.18
N GLU F 418 -14.30 44.61 54.00
CA GLU F 418 -14.07 44.38 55.42
C GLU F 418 -13.28 43.11 55.66
N LEU F 419 -13.59 42.05 54.91
CA LEU F 419 -12.81 40.82 55.01
C LEU F 419 -11.38 41.02 54.53
N PHE F 420 -11.17 41.94 53.59
CA PHE F 420 -9.81 42.22 53.11
C PHE F 420 -8.95 42.79 54.23
N GLU F 421 -9.52 43.66 55.07
CA GLU F 421 -8.78 44.17 56.22
C GLU F 421 -8.40 43.05 57.18
N ALA F 422 -9.30 42.08 57.37
CA ALA F 422 -8.96 40.91 58.19
C ALA F 422 -7.82 40.12 57.56
N ILE F 423 -7.84 39.97 56.23
CA ILE F 423 -6.73 39.30 55.55
C ILE F 423 -5.44 40.09 55.73
N GLU F 424 -5.52 41.41 55.60
CA GLU F 424 -4.34 42.24 55.80
C GLU F 424 -3.82 42.13 57.23
N GLN F 425 -4.72 42.12 58.20
CA GLN F 425 -4.30 41.89 59.59
C GLN F 425 -3.73 40.49 59.78
N LYS F 426 -4.36 39.49 59.16
CA LYS F 426 -3.87 38.12 59.27
C LYS F 426 -2.50 37.97 58.65
N GLN F 427 -2.29 38.55 57.46
CA GLN F 427 -0.99 38.44 56.80
C GLN F 427 0.06 39.30 57.48
N ARG F 428 -0.33 40.36 58.18
CA ARG F 428 0.63 41.15 58.93
C ARG F 428 1.29 40.32 60.02
N GLU F 429 0.49 39.53 60.74
CA GLU F 429 1.07 38.56 61.68
C GLU F 429 1.90 37.52 60.94
N LEU F 430 1.41 37.06 59.79
CA LEU F 430 2.16 36.09 59.00
C LEU F 430 3.47 36.66 58.49
N ALA F 431 3.47 37.94 58.08
CA ALA F 431 4.70 38.57 57.65
C ALA F 431 5.73 38.60 58.77
N ASP F 432 5.29 38.93 59.98
CA ASP F 432 6.17 38.86 61.14
C ASP F 432 6.36 37.45 61.65
N TYR F 433 5.48 36.51 61.26
CA TYR F 433 5.63 35.12 61.68
C TYR F 433 6.92 34.52 61.13
N LEU F 434 7.22 34.79 59.85
CA LEU F 434 8.40 34.26 59.20
C LEU F 434 9.66 35.08 59.46
N CYS F 435 9.54 36.17 60.22
CA CYS F 435 10.66 37.05 60.55
C CYS F 435 11.34 37.59 59.29
N GLU F 436 10.52 38.03 58.33
CA GLU F 436 11.01 38.60 57.09
C GLU F 436 10.57 40.05 56.98
N ASP F 437 11.37 40.85 56.26
CA ASP F 437 11.10 42.27 56.14
C ASP F 437 9.80 42.53 55.39
N ALA F 438 9.12 43.59 55.79
CA ALA F 438 7.89 43.99 55.12
C ALA F 438 8.16 44.44 53.68
N GLN F 439 7.15 44.31 52.83
CA GLN F 439 7.19 44.68 51.42
C GLN F 439 8.03 43.67 50.63
N GLN F 440 8.70 42.76 51.35
CA GLN F 440 9.43 41.67 50.73
C GLN F 440 8.63 40.37 50.72
N LEU F 441 7.80 40.14 51.73
CA LEU F 441 6.90 38.99 51.78
C LEU F 441 5.53 39.46 51.30
N SER F 442 5.43 39.63 49.99
CA SER F 442 4.24 40.23 49.37
C SER F 442 3.16 39.19 49.06
N LEU F 443 2.80 38.40 50.06
CA LEU F 443 1.66 37.47 49.99
C LEU F 443 1.84 36.43 48.89
N GLU F 444 1.83 36.87 47.62
CA GLU F 444 1.92 35.94 46.51
C GLU F 444 3.25 35.20 46.49
N ASP F 445 4.30 35.80 47.05
CA ASP F 445 5.59 35.12 47.11
C ASP F 445 5.51 33.88 47.99
N THR F 446 4.81 33.97 49.12
CA THR F 446 4.64 32.80 49.99
C THR F 446 3.82 31.72 49.29
N PHE F 447 2.74 32.11 48.61
CA PHE F 447 1.87 31.12 47.99
C PHE F 447 2.58 30.35 46.88
N SER F 448 3.36 31.05 46.05
CA SER F 448 4.07 30.39 44.97
C SER F 448 5.19 29.49 45.51
N THR F 449 5.97 30.00 46.46
CA THR F 449 7.06 29.21 47.02
C THR F 449 6.54 27.99 47.78
N MET F 450 5.48 28.18 48.58
CA MET F 450 4.95 27.08 49.37
C MET F 450 4.38 25.98 48.48
N LYS F 451 3.67 26.35 47.41
CA LYS F 451 3.12 25.36 46.50
C LYS F 451 4.23 24.56 45.83
N ALA F 452 5.29 25.25 45.39
CA ALA F 452 6.43 24.55 44.79
C ALA F 452 7.13 23.66 45.80
N PHE F 453 7.25 24.12 47.05
CA PHE F 453 7.85 23.29 48.09
C PHE F 453 7.02 22.04 48.34
N ARG F 454 5.69 22.19 48.40
CA ARG F 454 4.83 21.03 48.58
C ARG F 454 4.89 20.11 47.37
N ASP F 455 4.95 20.69 46.16
CA ASP F 455 5.04 19.88 44.95
C ASP F 455 6.31 19.04 44.94
N LEU F 456 7.44 19.64 45.34
CA LEU F 456 8.68 18.88 45.43
C LEU F 456 8.61 17.84 46.53
N PHE F 457 7.87 18.12 47.62
CA PHE F 457 7.75 17.16 48.71
C PHE F 457 7.04 15.89 48.25
N LEU F 458 5.97 16.02 47.46
CA LEU F 458 5.25 14.85 46.98
C LEU F 458 6.11 14.01 46.05
N ARG F 459 6.87 14.66 45.17
CA ARG F 459 7.71 13.93 44.24
C ARG F 459 8.78 13.13 44.96
N ALA F 460 9.38 13.71 46.01
CA ALA F 460 10.38 12.99 46.77
C ALA F 460 9.80 11.78 47.50
N LEU F 461 8.55 11.88 47.95
CA LEU F 461 7.92 10.76 48.64
C LEU F 461 7.78 9.55 47.73
N LYS F 462 7.37 9.76 46.47
CA LYS F 462 7.25 8.66 45.52
C LYS F 462 8.61 8.03 45.24
N GLU F 463 9.64 8.86 45.07
CA GLU F 463 10.99 8.33 44.84
C GLU F 463 11.49 7.56 46.05
N ASN F 464 11.24 8.07 47.25
CA ASN F 464 11.65 7.35 48.46
C ASN F 464 10.92 6.02 48.58
N LYS F 465 9.61 6.01 48.30
CA LYS F 465 8.86 4.76 48.32
C LYS F 465 9.34 3.81 47.23
N ASP F 466 9.63 4.33 46.04
CA ASP F 466 10.16 3.49 44.97
C ASP F 466 11.52 2.93 45.35
N ARG F 467 12.36 3.72 46.02
CA ARG F 467 13.66 3.23 46.46
C ARG F 467 13.52 2.12 47.48
N LYS F 468 12.54 2.23 48.38
CA LYS F 468 12.35 1.20 49.40
C LYS F 468 11.92 -0.12 48.78
N GLU F 469 10.98 -0.07 47.84
CA GLU F 469 10.48 -1.30 47.21
C GLU F 469 11.44 -1.87 46.17
N GLN F 470 12.23 -1.02 45.50
CA GLN F 470 13.26 -1.49 44.59
C GLN F 470 14.56 -0.72 44.79
PB ADP G . 3.06 -61.10 -13.23
O1B ADP G . 3.96 -59.94 -12.89
O2B ADP G . 2.15 -60.83 -14.40
O3B ADP G . 2.36 -61.70 -12.03
PA ADP G . 5.45 -62.14 -14.46
O1A ADP G . 5.92 -60.71 -14.41
O2A ADP G . 6.35 -63.21 -13.89
O3A ADP G . 4.01 -62.30 -13.74
O5' ADP G . 5.14 -62.52 -15.99
C5' ADP G . 4.13 -61.83 -16.72
C4' ADP G . 4.14 -62.28 -18.18
O4' ADP G . 5.42 -62.02 -18.77
C3' ADP G . 3.89 -63.77 -18.33
O3' ADP G . 2.56 -63.99 -18.81
C2' ADP G . 4.89 -64.25 -19.37
O2' ADP G . 4.20 -64.73 -20.53
C1' ADP G . 5.72 -63.03 -19.73
N9 ADP G . 7.17 -63.37 -19.69
C8 ADP G . 7.83 -63.85 -18.62
N7 ADP G . 9.13 -64.07 -18.91
C5 ADP G . 9.32 -63.75 -20.20
C6 ADP G . 10.45 -63.74 -21.16
N6 ADP G . 11.68 -64.15 -20.78
N1 ADP G . 10.21 -63.33 -22.42
C2 ADP G . 8.99 -62.93 -22.82
N3 ADP G . 7.92 -62.90 -22.01
C4 ADP G . 8.01 -63.29 -20.71
MG MG H . 3.57 -58.30 -11.46
PB ADP I . -18.89 -23.98 -22.27
O1B ADP I . -19.44 -22.67 -22.74
O2B ADP I . -17.42 -23.97 -21.95
O3B ADP I . -19.34 -25.17 -23.08
PA ADP I . -21.18 -24.34 -20.67
O1A ADP I . -21.57 -23.45 -19.51
O2A ADP I . -21.82 -24.16 -22.02
O3A ADP I . -19.58 -24.20 -20.83
O5' ADP I . -21.34 -25.87 -20.21
C5' ADP I . -20.23 -26.75 -20.30
C4' ADP I . -20.11 -27.62 -19.05
O4' ADP I . -21.21 -27.42 -18.17
C3' ADP I . -20.09 -29.11 -19.38
O3' ADP I . -18.76 -29.60 -19.31
C2' ADP I . -20.92 -29.77 -18.31
O2' ADP I . -20.11 -30.66 -17.54
C1' ADP I . -21.42 -28.63 -17.42
N9 ADP I . -22.85 -28.82 -17.09
C8 ADP I . -23.89 -28.59 -17.90
N7 ADP I . -25.07 -28.85 -17.28
C5 ADP I . -24.78 -29.26 -16.03
C6 ADP I . -25.54 -29.70 -14.85
N6 ADP I . -26.89 -29.76 -14.87
N1 ADP I . -24.85 -30.04 -13.74
C2 ADP I . -23.50 -29.99 -13.70
N3 ADP I . -22.74 -29.61 -14.74
C4 ADP I . -23.31 -29.23 -15.91
MG MG J . -18.82 -19.89 -21.69
P PO4 K . -15.19 -21.44 -21.50
O1 PO4 K . -14.49 -20.04 -21.47
O2 PO4 K . -14.95 -22.10 -22.90
O3 PO4 K . -16.74 -21.26 -21.27
O4 PO4 K . -14.60 -22.35 -20.37
PB ADP L . 15.66 -8.25 1.17
O1B ADP L . 16.36 -6.92 1.20
O2B ADP L . 14.17 -8.16 1.41
O3B ADP L . 16.35 -9.34 1.96
PA ADP L . 17.04 -8.33 -1.28
O1A ADP L . 17.05 -6.84 -1.41
O2A ADP L . 18.25 -9.05 -0.74
O3A ADP L . 15.78 -8.74 -0.35
O5' ADP L . 16.66 -8.97 -2.71
C5' ADP L . 15.42 -9.66 -2.89
C4' ADP L . 14.81 -9.27 -4.22
O4' ADP L . 15.77 -8.66 -5.09
C3' ADP L . 14.27 -10.47 -4.98
O3' ADP L . 12.84 -10.54 -4.82
C2' ADP L . 14.62 -10.22 -6.43
O2' ADP L . 13.42 -10.07 -7.19
C1' ADP L . 15.40 -8.92 -6.45
N9 ADP L . 16.61 -9.04 -7.30
C8 ADP L . 17.78 -9.60 -6.96
N7 ADP L . 18.67 -9.54 -7.98
C5 ADP L . 18.07 -8.93 -9.01
C6 ADP L . 18.44 -8.55 -10.39
N6 ADP L . 19.67 -8.81 -10.89
N1 ADP L . 17.51 -7.93 -11.14
C2 ADP L . 16.27 -7.66 -10.67
N3 ADP L . 15.87 -7.98 -9.43
C4 ADP L . 16.71 -8.61 -8.56
MG MG M . 16.77 -5.77 3.45
PG ATP N . -11.11 27.07 4.29
O1G ATP N . -11.96 28.30 4.39
O2G ATP N . -10.77 26.67 2.87
O3G ATP N . -9.84 27.14 5.13
PB ATP N . -13.14 24.87 4.52
O1B ATP N . -14.37 25.65 4.35
O2B ATP N . -12.72 24.01 3.33
O3B ATP N . -11.90 25.80 4.88
PA ATP N . -14.16 23.77 7.07
O1A ATP N . -15.58 23.95 6.69
O2A ATP N . -13.65 24.76 8.12
O3A ATP N . -13.22 23.92 5.80
O5' ATP N . -13.88 22.30 7.59
C5' ATP N . -13.05 21.39 6.84
C4' ATP N . -12.29 20.53 7.83
O4' ATP N . -12.92 20.58 9.12
C3' ATP N . -12.23 19.05 7.51
O3' ATP N . -11.16 18.76 6.62
C2' ATP N . -12.02 18.39 8.88
O2' ATP N . -10.66 18.02 9.09
C1' ATP N . -12.44 19.50 9.87
N9 ATP N . -13.46 19.09 10.83
C8 ATP N . -14.82 19.18 10.66
N7 ATP N . -15.51 18.74 11.69
C5 ATP N . -14.54 18.33 12.60
C6 ATP N . -14.60 17.77 13.88
N6 ATP N . -15.75 17.51 14.52
N1 ATP N . -13.44 17.49 14.50
C2 ATP N . -12.29 17.76 13.88
N3 ATP N . -12.10 18.28 12.67
C4 ATP N . -13.27 18.55 12.08
MG MG O . -13.58 29.09 5.30
#